data_4JFA
#
_entry.id   4JFA
#
_cell.length_a   51.176
_cell.length_b   213.252
_cell.length_c   101.952
_cell.angle_alpha   90.00
_cell.angle_beta   97.15
_cell.angle_gamma   90.00
#
_symmetry.space_group_name_H-M   'P 1 21 1'
#
loop_
_entity.id
_entity.type
_entity.pdbx_description
1 polymer 'Tryptophan--tRNA ligase'
2 non-polymer TRYPTOPHAN
3 non-polymer BETA-MERCAPTOETHANOL
4 non-polymer 'POTASSIUM ION'
5 water water
#
_entity_poly.entity_id   1
_entity_poly.type   'polypeptide(L)'
_entity_poly.pdbx_seq_one_letter_code
;MARSKDVTPWDVNINNEEGINYNKLIKEFGCSKITENHIKRIEKLTNSKAHHFIRRGIFFSHRDLDFLLNYYEQHKCFYI
YTGRGPSSLSMHLGHLIPFYFCKYLQEAFNVPLVIQLSDDEKYLFNQNYSLEYINTLTNENVKDIISVGLNPELTFIFKN
TEYAGYLYPTVLSIHKKTTLNQSMNVFGFNHSDNIGKISYPSFQIAPCFSQCFPNFLGKNIPCLVPQGIDQDPYFRLSRD
IAVKMALHKPVVVHSVFMPGLQGVNSKMSSTKKKKDDNGKSNSTFDHNNSVIFLTDTPEQIKNKINKYAFSGGGTTIQEH
REKGGNLDKDISYQYLRYLLEDDNKLNEIGEKYKKGEMLSGEIKKILIDVLTELVLKHQEKKKSLTDEEISYFFDPNKPS
LQKFKNMENLYFQGHHHHHH
;
_entity_poly.pdbx_strand_id   A,B,C,D
#
loop_
_chem_comp.id
_chem_comp.type
_chem_comp.name
_chem_comp.formula
BME non-polymer BETA-MERCAPTOETHANOL 'C2 H6 O S'
K non-polymer 'POTASSIUM ION' 'K 1'
#
# COMPACT_ATOMS: atom_id res chain seq x y z
N ILE A 20 31.93 1.83 9.46
CA ILE A 20 30.93 1.48 8.45
C ILE A 20 30.94 2.46 7.28
N ASN A 21 30.52 1.98 6.11
CA ASN A 21 30.33 2.85 4.95
C ASN A 21 28.94 3.46 5.00
N TYR A 22 28.87 4.74 5.38
CA TYR A 22 27.59 5.43 5.52
C TYR A 22 26.97 5.73 4.16
N ASN A 23 27.80 5.91 3.15
CA ASN A 23 27.31 6.20 1.81
C ASN A 23 26.70 4.99 1.17
N LYS A 24 27.11 3.84 1.63
CA LYS A 24 26.49 2.60 1.20
C LYS A 24 25.13 2.44 1.88
N LEU A 25 25.08 2.80 3.16
CA LEU A 25 23.84 2.74 3.93
C LEU A 25 22.76 3.65 3.34
N ILE A 26 23.17 4.88 2.99
CA ILE A 26 22.27 5.88 2.41
C ILE A 26 21.55 5.33 1.18
N LYS A 27 22.28 4.66 0.30
CA LYS A 27 21.71 4.08 -0.90
C LYS A 27 20.90 2.82 -0.59
N GLU A 28 21.42 2.01 0.34
CA GLU A 28 20.79 0.74 0.71
C GLU A 28 19.41 0.93 1.33
N PHE A 29 19.25 1.95 2.16
CA PHE A 29 18.01 2.16 2.88
C PHE A 29 17.22 3.38 2.40
N GLY A 30 17.61 3.92 1.26
CA GLY A 30 16.87 4.99 0.62
C GLY A 30 16.84 6.31 1.37
N CYS A 31 18.01 6.77 1.80
CA CYS A 31 18.11 8.07 2.44
C CYS A 31 18.85 9.02 1.52
N SER A 32 19.12 10.24 2.00
CA SER A 32 19.85 11.23 1.21
C SER A 32 20.83 12.01 2.08
N LYS A 33 21.95 12.39 1.50
CA LYS A 33 22.92 13.23 2.19
C LYS A 33 22.38 14.62 2.40
N ILE A 34 22.78 15.24 3.51
CA ILE A 34 22.49 16.64 3.73
C ILE A 34 23.50 17.47 2.93
N THR A 35 22.98 18.47 2.21
CA THR A 35 23.80 19.26 1.29
C THR A 35 24.14 20.62 1.85
N GLU A 36 25.00 21.35 1.14
CA GLU A 36 25.31 22.73 1.46
C GLU A 36 24.06 23.60 1.29
N ASN A 37 23.25 23.25 0.30
CA ASN A 37 21.99 23.96 0.06
C ASN A 37 21.10 23.91 1.30
N HIS A 38 21.04 22.74 1.92
CA HIS A 38 20.29 22.54 3.15
C HIS A 38 20.81 23.42 4.28
N ILE A 39 22.14 23.49 4.41
CA ILE A 39 22.78 24.29 5.46
C ILE A 39 22.50 25.77 5.28
N LYS A 40 22.72 26.26 4.07
CA LYS A 40 22.44 27.66 3.73
C LYS A 40 20.97 27.99 3.97
N ARG A 41 20.10 27.04 3.66
CA ARG A 41 18.67 27.25 3.83
C ARG A 41 18.26 27.29 5.31
N ILE A 42 18.87 26.41 6.10
CA ILE A 42 18.66 26.37 7.54
C ILE A 42 19.13 27.70 8.15
N GLU A 43 20.30 28.16 7.73
CA GLU A 43 20.84 29.43 8.21
C GLU A 43 19.93 30.59 7.82
N LYS A 44 19.35 30.50 6.62
CA LYS A 44 18.42 31.53 6.14
C LYS A 44 17.14 31.57 6.95
N LEU A 45 16.60 30.40 7.28
CA LEU A 45 15.33 30.29 7.99
C LEU A 45 15.43 30.53 9.50
N THR A 46 16.59 30.19 10.06
CA THR A 46 16.82 30.27 11.50
C THR A 46 17.56 31.54 11.88
N ASN A 47 18.05 32.25 10.86
CA ASN A 47 18.79 33.49 11.05
C ASN A 47 19.99 33.31 12.00
N SER A 48 20.58 32.12 11.96
CA SER A 48 21.75 31.82 12.77
C SER A 48 22.58 30.75 12.08
N LYS A 49 23.82 30.58 12.55
CA LYS A 49 24.72 29.62 11.94
C LYS A 49 24.26 28.18 12.18
N ALA A 50 24.36 27.35 11.15
CA ALA A 50 23.99 25.94 11.28
C ALA A 50 24.91 25.25 12.28
N HIS A 51 24.33 24.40 13.12
CA HIS A 51 25.09 23.68 14.14
C HIS A 51 26.22 22.87 13.51
N HIS A 52 27.32 22.72 14.25
CA HIS A 52 28.51 22.07 13.69
C HIS A 52 28.35 20.56 13.47
N PHE A 53 27.31 19.98 14.06
CA PHE A 53 26.97 18.58 13.80
C PHE A 53 26.59 18.40 12.33
N ILE A 54 25.96 19.43 11.78
CA ILE A 54 25.52 19.42 10.39
C ILE A 54 26.66 19.76 9.44
N ARG A 55 27.41 20.81 9.79
CA ARG A 55 28.50 21.29 8.96
C ARG A 55 29.61 20.24 8.78
N ARG A 56 29.81 19.41 9.80
CA ARG A 56 30.90 18.44 9.78
C ARG A 56 30.41 17.03 9.49
N GLY A 57 29.16 16.92 9.01
CA GLY A 57 28.62 15.64 8.60
C GLY A 57 28.48 14.62 9.72
N ILE A 58 28.20 15.10 10.93
CA ILE A 58 27.91 14.21 12.05
C ILE A 58 26.46 13.74 11.94
N PHE A 59 25.55 14.70 11.78
CA PHE A 59 24.21 14.40 11.28
C PHE A 59 24.25 14.64 9.78
N PHE A 60 24.14 13.56 9.02
CA PHE A 60 24.53 13.57 7.61
C PHE A 60 23.42 13.14 6.65
N SER A 61 22.56 12.23 7.08
CA SER A 61 21.53 11.69 6.20
C SER A 61 20.13 12.09 6.64
N HIS A 62 19.18 12.07 5.71
CA HIS A 62 17.83 12.52 5.98
C HIS A 62 16.78 11.93 5.05
N ARG A 63 15.53 12.05 5.47
CA ARG A 63 14.39 11.83 4.59
C ARG A 63 13.40 12.97 4.77
N ASP A 64 13.05 13.61 3.66
CA ASP A 64 12.06 14.70 3.61
C ASP A 64 12.46 15.96 4.38
N LEU A 65 13.73 16.34 4.31
CA LEU A 65 14.19 17.57 4.95
C LEU A 65 13.75 18.79 4.15
N ASP A 66 13.72 18.66 2.82
CA ASP A 66 13.29 19.75 1.95
C ASP A 66 11.83 20.12 2.23
N PHE A 67 10.99 19.11 2.38
CA PHE A 67 9.59 19.31 2.74
C PHE A 67 9.47 20.02 4.07
N LEU A 68 10.30 19.63 5.03
CA LEU A 68 10.26 20.23 6.36
C LEU A 68 10.65 21.70 6.31
N LEU A 69 11.70 22.01 5.55
CA LEU A 69 12.17 23.38 5.42
C LEU A 69 11.15 24.25 4.69
N ASN A 70 10.52 23.69 3.66
CA ASN A 70 9.43 24.38 2.97
C ASN A 70 8.28 24.69 3.93
N TYR A 71 7.90 23.67 4.70
CA TYR A 71 6.79 23.78 5.64
C TYR A 71 7.08 24.83 6.71
N TYR A 72 8.32 24.87 7.18
CA TYR A 72 8.71 25.85 8.19
C TYR A 72 8.73 27.25 7.58
N GLU A 73 9.16 27.32 6.33
CA GLU A 73 9.17 28.59 5.60
C GLU A 73 7.76 29.12 5.45
N GLN A 74 6.80 28.19 5.34
CA GLN A 74 5.41 28.56 5.10
C GLN A 74 4.59 28.83 6.37
N HIS A 75 4.92 28.13 7.46
CA HIS A 75 4.11 28.17 8.67
C HIS A 75 4.89 28.52 9.93
N LYS A 76 6.22 28.49 9.84
CA LYS A 76 7.10 28.77 10.97
C LYS A 76 6.88 27.84 12.16
N CYS A 77 6.47 26.61 11.88
CA CYS A 77 6.25 25.63 12.94
C CYS A 77 6.35 24.19 12.48
N PHE A 78 6.81 23.34 13.39
CA PHE A 78 6.72 21.89 13.29
C PHE A 78 7.05 21.40 14.69
N TYR A 79 7.34 20.10 14.85
CA TYR A 79 7.82 19.66 16.14
C TYR A 79 8.90 18.58 16.02
N ILE A 80 9.75 18.51 17.03
CA ILE A 80 10.84 17.56 17.06
C ILE A 80 10.43 16.39 17.94
N TYR A 81 10.89 15.19 17.61
CA TYR A 81 10.64 14.02 18.44
C TYR A 81 11.88 13.15 18.50
N THR A 82 12.35 12.89 19.72
CA THR A 82 13.41 11.91 19.89
C THR A 82 13.17 11.14 21.19
N GLY A 83 13.96 10.11 21.42
CA GLY A 83 13.73 9.26 22.58
C GLY A 83 14.99 8.70 23.20
N ARG A 84 14.82 8.13 24.39
CA ARG A 84 15.92 7.55 25.14
C ARG A 84 15.44 6.27 25.81
N GLY A 85 16.22 5.20 25.66
CA GLY A 85 15.92 3.95 26.33
C GLY A 85 16.74 3.82 27.60
N PRO A 86 16.09 3.97 28.77
CA PRO A 86 16.77 3.95 30.06
C PRO A 86 17.26 2.56 30.44
N SER A 87 18.35 2.13 29.81
CA SER A 87 18.88 0.78 30.02
C SER A 87 20.03 0.80 31.03
N SER A 88 20.46 2.00 31.41
CA SER A 88 21.59 2.14 32.33
C SER A 88 21.51 3.44 33.13
N LEU A 89 22.17 3.45 34.29
CA LEU A 89 22.18 4.61 35.18
C LEU A 89 23.22 5.61 34.71
N SER A 90 24.15 5.12 33.91
CA SER A 90 25.33 5.90 33.52
C SER A 90 25.32 6.25 32.03
N MET A 91 24.87 7.46 31.72
CA MET A 91 24.88 7.93 30.33
C MET A 91 26.26 8.48 29.97
N HIS A 92 26.57 8.46 28.67
CA HIS A 92 27.82 9.01 28.17
C HIS A 92 27.57 9.94 26.99
N LEU A 93 28.64 10.52 26.45
CA LEU A 93 28.54 11.53 25.38
C LEU A 93 27.69 11.10 24.18
N GLY A 94 27.95 9.89 23.69
CA GLY A 94 27.22 9.36 22.54
C GLY A 94 25.72 9.33 22.76
N HIS A 95 25.31 9.08 24.00
CA HIS A 95 23.90 9.10 24.37
C HIS A 95 23.33 10.52 24.25
N LEU A 96 24.11 11.51 24.67
CA LEU A 96 23.64 12.89 24.72
C LEU A 96 23.78 13.65 23.40
N ILE A 97 24.50 13.07 22.45
CA ILE A 97 24.68 13.70 21.14
C ILE A 97 23.38 14.19 20.47
N PRO A 98 22.36 13.32 20.34
CA PRO A 98 21.16 13.84 19.68
C PRO A 98 20.37 14.83 20.56
N PHE A 99 20.66 14.86 21.85
CA PHE A 99 19.98 15.80 22.75
C PHE A 99 20.62 17.19 22.73
N TYR A 100 21.91 17.25 22.41
CA TYR A 100 22.55 18.52 22.10
C TYR A 100 21.99 19.04 20.79
N PHE A 101 21.74 18.11 19.87
CA PHE A 101 21.25 18.46 18.55
C PHE A 101 19.79 18.91 18.61
N CYS A 102 19.01 18.30 19.49
CA CYS A 102 17.61 18.69 19.68
C CYS A 102 17.50 20.03 20.38
N LYS A 103 18.45 20.32 21.27
CA LYS A 103 18.49 21.61 21.95
C LYS A 103 18.73 22.72 20.93
N TYR A 104 19.60 22.44 19.95
CA TYR A 104 19.89 23.39 18.89
C TYR A 104 18.67 23.66 18.02
N LEU A 105 18.06 22.60 17.50
CA LEU A 105 16.89 22.69 16.63
C LEU A 105 15.74 23.41 17.34
N GLN A 106 15.56 23.09 18.61
CA GLN A 106 14.51 23.67 19.43
C GLN A 106 14.68 25.18 19.54
N GLU A 107 15.93 25.61 19.73
CA GLU A 107 16.25 27.02 19.91
C GLU A 107 16.26 27.76 18.57
N ALA A 108 16.87 27.15 17.56
CA ALA A 108 16.99 27.76 16.24
C ALA A 108 15.64 27.99 15.56
N PHE A 109 14.82 26.95 15.53
CA PHE A 109 13.54 27.00 14.85
C PHE A 109 12.40 27.50 15.74
N ASN A 110 12.65 27.52 17.06
CA ASN A 110 11.64 27.89 18.05
C ASN A 110 10.39 27.03 17.91
N VAL A 111 10.52 25.75 18.25
CA VAL A 111 9.47 24.76 18.06
C VAL A 111 9.40 23.80 19.25
N PRO A 112 8.25 23.12 19.43
CA PRO A 112 8.14 22.14 20.51
C PRO A 112 9.06 20.94 20.32
N LEU A 113 9.66 20.48 21.42
CA LEU A 113 10.45 19.26 21.42
C LEU A 113 9.78 18.20 22.28
N VAL A 114 9.60 17.03 21.70
CA VAL A 114 8.96 15.89 22.36
C VAL A 114 9.98 14.78 22.58
N ILE A 115 10.04 14.30 23.82
CA ILE A 115 11.03 13.30 24.19
C ILE A 115 10.39 12.09 24.87
N GLN A 116 10.49 10.94 24.21
CA GLN A 116 9.94 9.71 24.76
C GLN A 116 10.98 8.97 25.60
N LEU A 117 10.60 8.59 26.81
CA LEU A 117 11.42 7.66 27.56
C LEU A 117 10.76 6.28 27.56
N SER A 118 11.39 5.36 26.82
CA SER A 118 10.83 4.04 26.61
C SER A 118 11.20 3.09 27.74
N ASP A 119 10.64 3.34 28.91
CA ASP A 119 10.86 2.46 30.07
C ASP A 119 10.18 1.12 29.86
N ASP A 120 9.08 1.13 29.11
CA ASP A 120 8.38 -0.09 28.75
C ASP A 120 9.27 -1.00 27.91
N GLU A 121 9.95 -0.41 26.92
CA GLU A 121 10.88 -1.15 26.07
C GLU A 121 11.94 -1.84 26.92
N LYS A 122 12.67 -1.05 27.70
CA LYS A 122 13.76 -1.60 28.52
C LYS A 122 13.27 -2.59 29.57
N TYR A 123 12.03 -2.45 30.03
CA TYR A 123 11.45 -3.44 30.92
C TYR A 123 11.22 -4.74 30.19
N LEU A 124 10.72 -4.64 28.96
CA LEU A 124 10.36 -5.82 28.16
C LEU A 124 11.55 -6.53 27.54
N PHE A 125 12.68 -5.84 27.41
CA PHE A 125 13.85 -6.41 26.73
C PHE A 125 14.93 -6.90 27.69
N ASN A 126 14.84 -6.48 28.95
CA ASN A 126 15.78 -6.96 29.96
C ASN A 126 15.11 -7.85 31.00
N GLN A 127 15.41 -9.15 30.92
CA GLN A 127 14.71 -10.18 31.69
C GLN A 127 14.71 -9.96 33.20
N ASN A 128 15.78 -9.37 33.73
CA ASN A 128 15.94 -9.27 35.18
C ASN A 128 15.78 -7.86 35.73
N TYR A 129 15.18 -6.97 34.95
CA TYR A 129 14.90 -5.61 35.42
C TYR A 129 13.43 -5.47 35.82
N SER A 130 13.19 -4.94 37.01
CA SER A 130 11.83 -4.61 37.43
C SER A 130 11.44 -3.25 36.88
N LEU A 131 10.15 -2.94 36.88
CA LEU A 131 9.66 -1.62 36.48
C LEU A 131 10.22 -0.55 37.41
N GLU A 132 10.38 -0.92 38.69
CA GLU A 132 10.88 -0.01 39.71
C GLU A 132 12.33 0.38 39.43
N TYR A 133 13.15 -0.62 39.12
CA TYR A 133 14.56 -0.42 38.80
C TYR A 133 14.71 0.45 37.53
N ILE A 134 13.98 0.07 36.50
CA ILE A 134 13.93 0.84 35.27
C ILE A 134 13.61 2.29 35.60
N ASN A 135 12.54 2.51 36.36
CA ASN A 135 12.12 3.85 36.77
C ASN A 135 13.25 4.63 37.45
N THR A 136 13.94 3.95 38.36
CA THR A 136 15.13 4.51 39.00
C THR A 136 16.13 4.97 37.94
N LEU A 137 16.28 4.18 36.88
CA LEU A 137 17.16 4.57 35.78
C LEU A 137 16.69 5.79 34.98
N THR A 138 15.42 5.77 34.53
CA THR A 138 14.90 6.87 33.72
C THR A 138 14.83 8.18 34.48
N ASN A 139 14.64 8.12 35.79
CA ASN A 139 14.64 9.36 36.59
C ASN A 139 16.00 10.05 36.58
N GLU A 140 17.06 9.28 36.38
CA GLU A 140 18.42 9.82 36.32
C GLU A 140 18.74 10.25 34.90
N ASN A 141 18.38 9.38 33.95
CA ASN A 141 18.54 9.67 32.54
C ASN A 141 17.86 11.00 32.17
N VAL A 142 16.70 11.25 32.78
CA VAL A 142 15.94 12.48 32.56
C VAL A 142 16.73 13.70 33.03
N LYS A 143 17.36 13.59 34.18
CA LYS A 143 18.17 14.69 34.70
C LYS A 143 19.38 14.93 33.81
N ASP A 144 20.02 13.86 33.34
CA ASP A 144 21.11 13.99 32.38
C ASP A 144 20.66 14.70 31.10
N ILE A 145 19.48 14.33 30.60
CA ILE A 145 18.92 14.87 29.38
C ILE A 145 18.60 16.37 29.52
N ILE A 146 17.93 16.72 30.61
CA ILE A 146 17.58 18.11 30.91
C ILE A 146 18.82 18.97 31.09
N SER A 147 19.81 18.44 31.80
CA SER A 147 21.03 19.18 32.12
C SER A 147 21.84 19.54 30.87
N VAL A 148 21.41 19.05 29.72
CA VAL A 148 22.03 19.39 28.44
C VAL A 148 21.80 20.87 28.11
N GLY A 149 20.73 21.43 28.66
CA GLY A 149 20.42 22.84 28.44
C GLY A 149 19.13 23.03 27.65
N LEU A 150 18.24 22.06 27.75
CA LEU A 150 16.96 22.13 27.04
C LEU A 150 16.11 23.26 27.58
N ASN A 151 15.33 23.88 26.70
CA ASN A 151 14.37 24.91 27.09
C ASN A 151 13.11 24.25 27.64
N PRO A 152 12.85 24.45 28.95
CA PRO A 152 11.70 23.81 29.61
C PRO A 152 10.38 24.23 28.98
N GLU A 153 10.29 25.50 28.58
CA GLU A 153 9.06 26.04 28.02
C GLU A 153 8.69 25.42 26.68
N LEU A 154 9.68 24.88 25.96
CA LEU A 154 9.43 24.29 24.65
C LEU A 154 9.68 22.80 24.62
N THR A 155 9.66 22.17 25.79
CA THR A 155 9.98 20.75 25.88
C THR A 155 8.94 19.97 26.67
N PHE A 156 8.50 18.85 26.08
CA PHE A 156 7.63 17.93 26.79
C PHE A 156 8.26 16.53 26.85
N ILE A 157 8.46 16.05 28.07
CA ILE A 157 9.03 14.73 28.30
C ILE A 157 7.96 13.82 28.88
N PHE A 158 7.97 12.55 28.47
CA PHE A 158 6.97 11.60 28.97
C PHE A 158 7.54 10.18 29.08
N LYS A 159 7.03 9.44 30.07
CA LYS A 159 7.32 8.02 30.17
C LYS A 159 6.16 7.26 29.53
N ASN A 160 6.48 6.26 28.71
CA ASN A 160 5.44 5.43 28.11
C ASN A 160 4.53 4.81 29.16
N THR A 161 5.13 4.42 30.29
CA THR A 161 4.37 3.87 31.41
C THR A 161 3.33 4.85 31.98
N GLU A 162 3.47 6.13 31.65
CA GLU A 162 2.55 7.16 32.13
C GLU A 162 1.69 7.76 31.02
N TYR A 163 2.16 7.66 29.79
CA TYR A 163 1.56 8.37 28.65
C TYR A 163 0.92 7.43 27.63
N ALA A 164 0.98 6.13 27.95
CA ALA A 164 0.43 5.08 27.10
C ALA A 164 -1.04 5.31 26.78
N GLY A 165 -1.78 5.88 27.73
CA GLY A 165 -3.19 6.16 27.53
C GLY A 165 -3.41 7.20 26.45
N TYR A 166 -2.46 8.11 26.34
CA TYR A 166 -2.50 9.13 25.29
C TYR A 166 -1.99 8.55 23.98
N LEU A 167 -1.15 7.54 24.07
CA LEU A 167 -0.60 6.92 22.86
C LEU A 167 -1.51 5.86 22.21
N TYR A 168 -2.41 5.29 22.99
CA TYR A 168 -3.06 4.01 22.63
C TYR A 168 -3.90 3.97 21.35
N PRO A 169 -4.81 4.95 21.14
CA PRO A 169 -5.60 4.90 19.90
C PRO A 169 -4.73 4.94 18.64
N THR A 170 -3.64 5.72 18.68
CA THR A 170 -2.73 5.79 17.54
C THR A 170 -1.92 4.50 17.41
N VAL A 171 -1.51 3.93 18.54
CA VAL A 171 -0.77 2.68 18.57
C VAL A 171 -1.63 1.54 17.98
N LEU A 172 -2.92 1.58 18.29
CA LEU A 172 -3.86 0.59 17.77
C LEU A 172 -3.93 0.59 16.25
N SER A 173 -3.95 1.79 15.66
CA SER A 173 -3.98 1.93 14.21
C SER A 173 -2.67 1.41 13.60
N ILE A 174 -1.56 1.71 14.26
CA ILE A 174 -0.25 1.25 13.83
C ILE A 174 -0.13 -0.27 13.98
N HIS A 175 -0.65 -0.78 15.09
CA HIS A 175 -0.72 -2.22 15.32
C HIS A 175 -1.43 -2.92 14.18
N LYS A 176 -2.63 -2.44 13.88
CA LYS A 176 -3.52 -3.05 12.90
C LYS A 176 -2.91 -3.05 11.50
N LYS A 177 -1.97 -2.15 11.26
CA LYS A 177 -1.33 -2.02 9.96
C LYS A 177 0.03 -2.70 9.90
N THR A 178 0.37 -3.43 10.97
CA THR A 178 1.62 -4.18 11.02
C THR A 178 1.34 -5.65 11.23
N THR A 179 1.69 -6.48 10.25
CA THR A 179 1.55 -7.92 10.40
C THR A 179 2.69 -8.47 11.25
N LEU A 180 2.40 -9.54 11.99
CA LEU A 180 3.40 -10.19 12.84
C LEU A 180 4.65 -10.54 12.03
N ASN A 181 4.43 -11.07 10.83
CA ASN A 181 5.52 -11.41 9.92
C ASN A 181 6.42 -10.22 9.67
N GLN A 182 5.80 -9.07 9.40
CA GLN A 182 6.53 -7.83 9.14
C GLN A 182 7.31 -7.38 10.36
N SER A 183 6.69 -7.44 11.53
CA SER A 183 7.35 -7.06 12.77
C SER A 183 8.60 -7.91 13.02
N MET A 184 8.43 -9.22 12.89
CA MET A 184 9.53 -10.16 13.11
C MET A 184 10.65 -9.99 12.08
N ASN A 185 10.29 -9.77 10.82
CA ASN A 185 11.28 -9.61 9.76
C ASN A 185 12.03 -8.28 9.83
N VAL A 186 11.35 -7.24 10.28
CA VAL A 186 11.96 -5.92 10.40
C VAL A 186 12.83 -5.80 11.64
N PHE A 187 12.36 -6.36 12.76
CA PHE A 187 13.06 -6.18 14.03
C PHE A 187 13.82 -7.42 14.52
N GLY A 188 13.81 -8.48 13.71
CA GLY A 188 14.57 -9.68 14.02
C GLY A 188 14.10 -10.40 15.27
N PHE A 189 12.79 -10.52 15.43
CA PHE A 189 12.22 -11.23 16.57
C PHE A 189 12.14 -12.72 16.28
N ASN A 190 12.19 -13.53 17.33
CA ASN A 190 11.91 -14.96 17.19
C ASN A 190 10.70 -15.34 18.05
N HIS A 191 10.28 -16.59 17.95
CA HIS A 191 9.05 -17.03 18.62
C HIS A 191 9.20 -17.24 20.11
N SER A 192 10.41 -17.01 20.63
CA SER A 192 10.66 -17.10 22.06
C SER A 192 10.55 -15.73 22.74
N ASP A 193 10.64 -14.67 21.95
CA ASP A 193 10.49 -13.31 22.47
C ASP A 193 9.08 -13.09 22.99
N ASN A 194 8.96 -12.35 24.08
CA ASN A 194 7.64 -12.03 24.62
C ASN A 194 6.88 -11.10 23.70
N ILE A 195 5.56 -11.07 23.85
CA ILE A 195 4.70 -10.30 22.95
C ILE A 195 4.83 -8.79 23.19
N GLY A 196 5.42 -8.41 24.31
CA GLY A 196 5.64 -7.01 24.62
C GLY A 196 6.71 -6.41 23.72
N LYS A 197 7.72 -7.21 23.40
CA LYS A 197 8.80 -6.78 22.50
C LYS A 197 8.27 -6.60 21.08
N ILE A 198 7.33 -7.47 20.70
CA ILE A 198 6.71 -7.42 19.38
C ILE A 198 5.73 -6.24 19.30
N SER A 199 5.11 -5.92 20.44
CA SER A 199 4.19 -4.81 20.53
C SER A 199 4.91 -3.46 20.49
N TYR A 200 6.02 -3.35 21.21
CA TYR A 200 6.69 -2.06 21.46
C TYR A 200 6.88 -1.09 20.29
N PRO A 201 7.41 -1.55 19.13
CA PRO A 201 7.75 -0.61 18.05
C PRO A 201 6.64 0.39 17.70
N SER A 202 5.38 -0.01 17.82
CA SER A 202 4.27 0.89 17.55
C SER A 202 4.23 2.05 18.54
N PHE A 203 4.78 1.84 19.73
CA PHE A 203 4.82 2.88 20.76
C PHE A 203 5.92 3.90 20.49
N GLN A 204 7.01 3.47 19.84
CA GLN A 204 8.08 4.38 19.46
C GLN A 204 7.70 5.13 18.19
N ILE A 205 6.86 4.50 17.38
CA ILE A 205 6.39 5.10 16.13
C ILE A 205 5.30 6.15 16.39
N ALA A 206 4.44 5.88 17.37
CA ALA A 206 3.28 6.74 17.66
C ALA A 206 3.54 8.25 17.81
N PRO A 207 4.60 8.66 18.53
CA PRO A 207 4.80 10.10 18.69
C PRO A 207 5.19 10.82 17.40
N CYS A 208 5.40 10.09 16.30
CA CYS A 208 5.66 10.72 15.01
C CYS A 208 4.40 11.40 14.47
N PHE A 209 3.30 11.28 15.21
CA PHE A 209 2.03 11.83 14.78
C PHE A 209 1.44 12.75 15.85
N SER A 210 1.17 13.99 15.45
CA SER A 210 0.80 15.06 16.38
C SER A 210 -0.47 14.80 17.18
N GLN A 211 -1.27 13.84 16.71
CA GLN A 211 -2.51 13.49 17.40
C GLN A 211 -2.23 12.84 18.76
N CYS A 212 -0.95 12.48 18.99
CA CYS A 212 -0.53 11.91 20.27
C CYS A 212 -0.29 12.99 21.32
N PHE A 213 -0.32 14.25 20.90
CA PHE A 213 -0.14 15.36 21.82
C PHE A 213 -1.23 16.42 21.66
N PRO A 214 -2.45 16.06 22.00
CA PRO A 214 -3.63 16.88 21.85
C PRO A 214 -3.62 18.16 22.68
N ASN A 215 -3.00 18.12 23.85
CA ASN A 215 -2.92 19.25 24.72
C ASN A 215 -2.22 20.43 24.16
N PHE A 216 -1.17 20.23 23.40
CA PHE A 216 -0.46 21.33 22.80
C PHE A 216 -0.13 21.32 21.31
N LEU A 217 -0.45 20.26 20.60
CA LEU A 217 -0.08 20.15 19.19
C LEU A 217 -1.27 20.17 18.30
N GLY A 218 -1.04 20.55 17.06
CA GLY A 218 -2.16 20.70 16.14
C GLY A 218 -2.43 19.46 15.30
N LYS A 219 -3.11 19.67 14.17
CA LYS A 219 -3.56 18.57 13.33
C LYS A 219 -2.55 18.19 12.25
N ASN A 220 -2.06 16.95 12.33
CA ASN A 220 -1.10 16.41 11.37
C ASN A 220 0.10 17.34 11.15
N ILE A 221 0.80 17.64 12.25
CA ILE A 221 1.97 18.52 12.20
C ILE A 221 3.22 17.70 11.87
N PRO A 222 3.99 18.16 10.85
CA PRO A 222 5.22 17.49 10.44
C PRO A 222 6.16 17.27 11.63
N CYS A 223 6.75 16.09 11.70
CA CYS A 223 7.57 15.72 12.84
C CYS A 223 9.01 15.45 12.43
N LEU A 224 9.95 16.17 13.05
CA LEU A 224 11.36 15.93 12.81
C LEU A 224 11.92 14.95 13.84
N VAL A 225 12.46 13.84 13.37
CA VAL A 225 13.01 12.81 14.24
C VAL A 225 14.52 12.65 14.01
N PRO A 226 15.33 13.32 14.86
CA PRO A 226 16.78 13.12 14.91
C PRO A 226 17.07 11.83 15.65
N GLN A 227 17.95 11.01 15.13
CA GLN A 227 18.17 9.69 15.71
C GLN A 227 19.53 9.10 15.34
N GLY A 228 19.96 8.12 16.13
CA GLY A 228 21.09 7.29 15.75
C GLY A 228 20.68 6.47 14.56
N ILE A 229 21.66 6.05 13.76
CA ILE A 229 21.39 5.34 12.51
C ILE A 229 20.73 3.98 12.73
N ASP A 230 20.81 3.48 13.95
CA ASP A 230 20.31 2.14 14.28
C ASP A 230 18.83 2.15 14.68
N GLN A 231 18.22 3.33 14.68
CA GLN A 231 16.80 3.46 15.02
C GLN A 231 15.96 3.48 13.75
N ASP A 232 16.63 3.51 12.60
CA ASP A 232 15.96 3.62 11.29
C ASP A 232 14.85 2.61 10.97
N PRO A 233 15.00 1.32 11.37
CA PRO A 233 13.90 0.39 11.09
C PRO A 233 12.56 0.84 11.68
N TYR A 234 12.58 1.46 12.86
CA TYR A 234 11.36 1.98 13.47
C TYR A 234 10.67 2.98 12.57
N PHE A 235 11.47 3.87 11.99
CA PHE A 235 10.95 5.04 11.29
C PHE A 235 10.90 4.85 9.78
N ARG A 236 11.57 3.81 9.30
CA ARG A 236 11.38 3.35 7.94
C ARG A 236 9.99 2.73 7.89
N LEU A 237 9.59 2.12 9.00
CA LEU A 237 8.28 1.50 9.14
C LEU A 237 7.21 2.55 9.43
N SER A 238 7.59 3.61 10.13
CA SER A 238 6.65 4.68 10.47
C SER A 238 6.20 5.44 9.23
N ARG A 239 7.08 5.50 8.24
CA ARG A 239 6.78 6.23 7.00
C ARG A 239 5.83 5.46 6.09
N ASP A 240 5.97 4.14 6.06
CA ASP A 240 5.06 3.31 5.27
C ASP A 240 3.67 3.27 5.90
N ILE A 241 3.63 3.39 7.23
CA ILE A 241 2.38 3.34 7.97
C ILE A 241 1.63 4.67 7.93
N ALA A 242 2.38 5.77 7.92
CA ALA A 242 1.79 7.11 7.79
C ALA A 242 0.97 7.21 6.50
N VAL A 243 1.53 6.69 5.42
CA VAL A 243 0.85 6.63 4.12
C VAL A 243 -0.50 5.93 4.24
N LYS A 244 -0.56 4.90 5.08
CA LYS A 244 -1.79 4.15 5.30
C LYS A 244 -2.76 4.89 6.21
N MET A 245 -2.23 5.75 7.08
CA MET A 245 -3.05 6.53 7.99
C MET A 245 -3.35 7.90 7.41
N ALA A 246 -2.83 8.15 6.21
CA ALA A 246 -2.97 9.43 5.52
C ALA A 246 -2.38 10.59 6.31
N LEU A 247 -1.31 10.30 7.06
CA LEU A 247 -0.62 11.34 7.83
C LEU A 247 0.76 11.58 7.25
N HIS A 248 1.41 12.67 7.72
CA HIS A 248 2.73 13.03 7.23
C HIS A 248 3.79 12.00 7.57
N LYS A 249 4.65 11.70 6.59
CA LYS A 249 5.79 10.84 6.85
C LYS A 249 6.80 11.59 7.70
N PRO A 250 7.29 10.94 8.75
CA PRO A 250 8.29 11.53 9.65
C PRO A 250 9.51 12.02 8.89
N VAL A 251 9.83 13.30 9.02
CA VAL A 251 11.08 13.83 8.48
C VAL A 251 12.19 13.27 9.34
N VAL A 252 13.10 12.51 8.77
CA VAL A 252 14.09 11.81 9.59
C VAL A 252 15.50 12.34 9.39
N VAL A 253 16.27 12.45 10.47
CA VAL A 253 17.67 12.88 10.36
C VAL A 253 18.59 11.98 11.18
N HIS A 254 19.61 11.41 10.52
CA HIS A 254 20.46 10.41 11.17
C HIS A 254 21.84 10.94 11.57
N SER A 255 22.36 10.41 12.67
CA SER A 255 23.73 10.70 13.08
C SER A 255 24.60 9.46 12.92
N VAL A 256 25.89 9.66 12.66
CA VAL A 256 26.83 8.55 12.64
C VAL A 256 27.07 8.08 14.08
N PHE A 257 27.57 6.87 14.23
CA PHE A 257 27.94 6.38 15.55
C PHE A 257 29.09 7.23 16.09
N MET A 258 29.00 7.61 17.36
CA MET A 258 30.13 8.27 18.00
C MET A 258 31.14 7.20 18.36
N PRO A 259 32.33 7.27 17.74
CA PRO A 259 33.37 6.27 17.98
C PRO A 259 33.76 6.25 19.45
N GLY A 260 33.64 5.08 20.09
CA GLY A 260 34.08 4.95 21.46
C GLY A 260 35.59 5.07 21.52
N LEU A 261 36.13 5.15 22.74
CA LEU A 261 37.58 5.13 22.89
C LEU A 261 38.09 3.77 22.43
N GLN A 262 39.39 3.66 22.19
CA GLN A 262 40.02 2.41 21.77
C GLN A 262 39.43 1.89 20.45
N GLY A 263 39.56 2.68 19.39
CA GLY A 263 39.07 2.28 18.08
C GLY A 263 37.68 2.80 17.75
N VAL A 264 37.30 2.66 16.48
CA VAL A 264 35.98 3.10 16.02
C VAL A 264 34.90 2.07 16.34
N ASN A 288 32.47 1.47 31.58
CA ASN A 288 33.92 1.66 31.51
C ASN A 288 34.56 0.68 30.53
N ASN A 289 35.61 1.12 29.82
CA ASN A 289 36.06 2.51 29.84
C ASN A 289 36.45 2.97 28.44
N SER A 290 35.77 2.42 27.45
CA SER A 290 35.93 2.83 26.06
C SER A 290 34.99 4.00 25.76
N VAL A 291 34.44 4.57 26.82
CA VAL A 291 33.54 5.70 26.71
C VAL A 291 33.70 6.57 27.96
N ILE A 292 33.35 7.85 27.84
CA ILE A 292 33.45 8.73 29.01
C ILE A 292 32.07 9.10 29.55
N PHE A 293 31.86 8.82 30.84
CA PHE A 293 30.58 9.07 31.46
C PHE A 293 30.47 10.51 31.96
N LEU A 294 29.26 10.94 32.26
CA LEU A 294 29.03 12.29 32.75
C LEU A 294 29.03 12.27 34.28
N THR A 295 29.36 11.10 34.83
CA THR A 295 29.59 10.95 36.27
C THR A 295 31.09 10.99 36.54
N ASP A 296 31.89 10.89 35.49
CA ASP A 296 33.34 10.86 35.61
C ASP A 296 33.91 12.12 36.24
N THR A 297 35.04 11.96 36.92
CA THR A 297 35.81 13.08 37.45
C THR A 297 36.87 13.47 36.42
N PRO A 298 37.34 14.73 36.46
CA PRO A 298 38.43 15.21 35.60
C PRO A 298 39.62 14.25 35.58
N GLU A 299 39.92 13.70 36.75
CA GLU A 299 41.01 12.73 36.91
C GLU A 299 40.76 11.51 36.03
N GLN A 300 39.56 10.94 36.15
CA GLN A 300 39.16 9.77 35.38
C GLN A 300 39.21 10.03 33.88
N ILE A 301 38.89 11.25 33.47
CA ILE A 301 38.98 11.63 32.08
C ILE A 301 40.45 11.64 31.64
N LYS A 302 41.29 12.30 32.45
CA LYS A 302 42.74 12.31 32.22
C LYS A 302 43.28 10.90 31.97
N ASN A 303 43.01 10.02 32.93
CA ASN A 303 43.34 8.61 32.82
C ASN A 303 42.84 7.99 31.50
N LYS A 304 41.53 8.06 31.28
CA LYS A 304 40.89 7.46 30.12
C LYS A 304 41.51 7.88 28.79
N ILE A 305 41.81 9.15 28.68
CA ILE A 305 42.40 9.69 27.49
C ILE A 305 43.83 9.22 27.33
N ASN A 306 44.66 9.54 28.32
CA ASN A 306 46.09 9.25 28.27
C ASN A 306 46.48 7.78 28.14
N LYS A 307 45.58 6.87 28.53
CA LYS A 307 45.87 5.45 28.52
C LYS A 307 45.04 4.65 27.52
N TYR A 308 43.97 5.24 26.99
CA TYR A 308 43.05 4.48 26.15
C TYR A 308 42.60 5.16 24.85
N ALA A 309 42.97 6.42 24.66
CA ALA A 309 42.63 7.11 23.42
C ALA A 309 43.55 6.66 22.28
N PHE A 310 42.96 6.13 21.22
CA PHE A 310 43.72 5.76 20.03
C PHE A 310 44.40 7.01 19.50
N SER A 311 45.68 6.89 19.15
CA SER A 311 46.51 8.07 18.92
C SER A 311 46.65 8.50 17.46
N GLY A 312 46.36 7.60 16.53
CA GLY A 312 46.44 7.92 15.10
C GLY A 312 47.82 8.34 14.64
N GLY A 313 48.30 9.48 15.13
CA GLY A 313 49.62 9.98 14.80
C GLY A 313 50.72 9.08 15.31
N GLY A 314 50.79 8.95 16.64
CA GLY A 314 51.69 8.04 17.34
C GLY A 314 52.96 7.57 16.66
N THR A 315 52.99 6.27 16.32
CA THR A 315 54.15 5.64 15.69
C THR A 315 55.42 5.81 16.53
N THR A 316 56.52 6.17 15.88
CA THR A 316 57.77 6.40 16.60
C THR A 316 57.88 7.87 17.01
N ILE A 317 58.63 8.12 18.08
CA ILE A 317 58.76 9.46 18.67
C ILE A 317 59.08 10.54 17.63
N GLN A 318 59.93 10.22 16.66
CA GLN A 318 60.27 11.15 15.60
C GLN A 318 59.50 10.91 14.30
N GLU A 319 59.19 9.64 14.00
CA GLU A 319 58.49 9.29 12.77
C GLU A 319 57.26 10.16 12.53
N HIS A 320 56.54 10.40 13.61
CA HIS A 320 55.36 11.28 13.62
C HIS A 320 55.68 12.74 13.26
N ARG A 321 56.93 13.17 13.46
CA ARG A 321 57.30 14.56 13.18
C ARG A 321 57.24 14.88 11.69
N GLU A 322 57.32 13.86 10.84
CA GLU A 322 57.35 14.07 9.40
C GLU A 322 56.28 13.30 8.63
N LYS A 323 55.72 12.28 9.26
CA LYS A 323 54.75 11.41 8.59
C LYS A 323 53.42 12.08 8.13
N GLY A 324 52.59 12.60 9.05
CA GLY A 324 52.83 12.63 10.48
C GLY A 324 51.66 12.07 11.28
N GLY A 325 50.63 12.89 11.45
CA GLY A 325 49.45 12.49 12.20
C GLY A 325 48.24 12.24 11.33
N ASN A 326 47.57 11.13 11.57
CA ASN A 326 46.36 10.77 10.83
C ASN A 326 45.09 11.12 11.60
N LEU A 327 44.41 12.17 11.16
CA LEU A 327 43.20 12.66 11.81
C LEU A 327 42.08 11.62 11.83
N ASP A 328 41.91 10.91 10.72
CA ASP A 328 40.86 9.91 10.57
C ASP A 328 40.90 8.81 11.63
N LYS A 329 42.10 8.50 12.13
CA LYS A 329 42.27 7.45 13.12
C LYS A 329 42.48 8.01 14.54
N ASP A 330 42.78 9.30 14.64
CA ASP A 330 42.96 9.94 15.94
C ASP A 330 41.62 10.18 16.61
N ILE A 331 41.32 9.38 17.64
CA ILE A 331 40.05 9.46 18.35
C ILE A 331 39.85 10.85 19.00
N SER A 332 40.96 11.46 19.42
CA SER A 332 40.91 12.75 20.08
C SER A 332 40.37 13.85 19.16
N TYR A 333 40.97 13.99 17.99
CA TYR A 333 40.52 14.95 16.98
C TYR A 333 39.06 14.69 16.62
N GLN A 334 38.69 13.41 16.54
CA GLN A 334 37.32 13.01 16.26
C GLN A 334 36.35 13.52 17.31
N TYR A 335 36.74 13.41 18.58
CA TYR A 335 35.92 13.95 19.67
C TYR A 335 35.83 15.48 19.60
N LEU A 336 36.97 16.11 19.31
CA LEU A 336 37.03 17.56 19.16
C LEU A 336 36.13 18.03 18.01
N ARG A 337 35.90 17.16 17.04
CA ARG A 337 34.94 17.44 15.97
C ARG A 337 33.52 17.55 16.55
N TYR A 338 33.26 16.80 17.61
CA TYR A 338 31.97 16.83 18.27
C TYR A 338 31.85 18.02 19.22
N LEU A 339 32.95 18.39 19.86
CA LEU A 339 32.89 19.32 20.99
C LEU A 339 33.28 20.77 20.71
N LEU A 340 34.06 21.01 19.66
CA LEU A 340 34.50 22.35 19.35
C LEU A 340 33.57 23.05 18.36
N GLU A 341 32.90 24.11 18.82
CA GLU A 341 32.04 24.90 17.95
C GLU A 341 32.85 25.66 16.92
N ASP A 342 33.96 26.24 17.37
CA ASP A 342 34.83 27.04 16.52
C ASP A 342 35.55 26.16 15.48
N ASP A 343 35.18 26.33 14.21
CA ASP A 343 35.79 25.57 13.13
C ASP A 343 37.28 25.90 12.95
N ASN A 344 37.67 27.12 13.31
CA ASN A 344 39.06 27.57 13.15
C ASN A 344 40.03 26.89 14.11
N LYS A 345 39.63 26.73 15.37
CA LYS A 345 40.45 26.02 16.34
C LYS A 345 40.65 24.59 15.89
N LEU A 346 39.55 23.96 15.49
CA LEU A 346 39.54 22.59 15.01
C LEU A 346 40.48 22.44 13.81
N ASN A 347 40.40 23.38 12.87
CA ASN A 347 41.25 23.40 11.69
C ASN A 347 42.73 23.58 12.02
N GLU A 348 43.02 24.44 12.99
CA GLU A 348 44.39 24.72 13.42
C GLU A 348 45.02 23.48 14.06
N ILE A 349 44.33 22.98 15.09
CA ILE A 349 44.74 21.77 15.79
C ILE A 349 44.94 20.60 14.82
N GLY A 350 43.97 20.41 13.94
CA GLY A 350 44.03 19.33 12.96
C GLY A 350 45.18 19.47 11.98
N GLU A 351 45.38 20.67 11.45
CA GLU A 351 46.47 20.93 10.53
C GLU A 351 47.83 20.70 11.18
N LYS A 352 48.01 21.27 12.36
CA LYS A 352 49.26 21.12 13.11
C LYS A 352 49.52 19.66 13.46
N TYR A 353 48.48 18.93 13.80
CA TYR A 353 48.62 17.53 14.22
C TYR A 353 48.85 16.59 13.04
N LYS A 354 48.37 16.99 11.87
CA LYS A 354 48.57 16.19 10.66
C LYS A 354 49.95 16.45 10.07
N LYS A 355 50.40 17.70 10.18
CA LYS A 355 51.73 18.07 9.67
C LYS A 355 52.84 17.60 10.61
N GLY A 356 52.50 17.40 11.88
CA GLY A 356 53.45 16.82 12.81
C GLY A 356 53.92 17.71 13.96
N GLU A 357 53.72 19.02 13.81
CA GLU A 357 54.13 19.97 14.86
C GLU A 357 53.45 19.66 16.19
N MET A 358 52.19 19.23 16.11
CA MET A 358 51.44 18.92 17.31
C MET A 358 51.70 17.50 17.79
N LEU A 359 51.88 17.36 19.10
CA LEU A 359 52.13 16.06 19.71
C LEU A 359 50.80 15.43 20.11
N SER A 360 50.74 14.09 20.07
CA SER A 360 49.57 13.35 20.51
C SER A 360 49.15 13.77 21.92
N GLY A 361 50.15 13.99 22.78
CA GLY A 361 49.91 14.46 24.13
C GLY A 361 49.27 15.83 24.19
N GLU A 362 49.63 16.70 23.26
CA GLU A 362 49.09 18.05 23.22
C GLU A 362 47.59 18.02 22.89
N ILE A 363 47.25 17.35 21.80
CA ILE A 363 45.86 17.12 21.41
C ILE A 363 45.09 16.50 22.57
N LYS A 364 45.69 15.46 23.14
CA LYS A 364 45.18 14.78 24.33
C LYS A 364 44.79 15.78 25.42
N LYS A 365 45.69 16.71 25.71
CA LYS A 365 45.46 17.74 26.72
C LYS A 365 44.32 18.70 26.35
N ILE A 366 44.31 19.17 25.11
CA ILE A 366 43.21 20.01 24.64
C ILE A 366 41.88 19.31 24.93
N LEU A 367 41.81 18.04 24.54
CA LEU A 367 40.65 17.22 24.83
C LEU A 367 40.35 17.12 26.32
N ILE A 368 41.39 16.96 27.16
CA ILE A 368 41.17 16.84 28.60
C ILE A 368 40.46 18.07 29.11
N ASP A 369 40.90 19.24 28.68
CA ASP A 369 40.30 20.47 29.18
C ASP A 369 38.89 20.74 28.65
N VAL A 370 38.68 20.50 27.35
CA VAL A 370 37.32 20.61 26.79
C VAL A 370 36.34 19.68 27.53
N LEU A 371 36.68 18.40 27.55
CA LEU A 371 35.89 17.37 28.23
C LEU A 371 35.61 17.74 29.67
N THR A 372 36.65 18.17 30.38
CA THR A 372 36.53 18.50 31.80
C THR A 372 35.54 19.64 32.00
N GLU A 373 35.69 20.71 31.22
CA GLU A 373 34.76 21.83 31.31
C GLU A 373 33.32 21.37 31.08
N LEU A 374 33.09 20.68 29.95
CA LEU A 374 31.76 20.19 29.61
C LEU A 374 31.14 19.35 30.73
N VAL A 375 31.87 18.34 31.17
CA VAL A 375 31.40 17.41 32.20
C VAL A 375 31.10 18.12 33.52
N LEU A 376 32.03 18.96 33.99
CA LEU A 376 31.81 19.70 35.23
C LEU A 376 30.56 20.58 35.16
N LYS A 377 30.43 21.30 34.05
CA LYS A 377 29.26 22.13 33.80
C LYS A 377 27.98 21.29 33.90
N HIS A 378 27.99 20.16 33.19
CA HIS A 378 26.85 19.24 33.19
C HIS A 378 26.50 18.75 34.60
N GLN A 379 27.52 18.48 35.40
CA GLN A 379 27.34 17.98 36.75
C GLN A 379 26.72 19.04 37.66
N GLU A 380 27.23 20.27 37.56
CA GLU A 380 26.67 21.38 38.33
C GLU A 380 25.20 21.58 37.96
N LYS A 381 24.92 21.61 36.66
CA LYS A 381 23.55 21.76 36.18
C LYS A 381 22.64 20.63 36.70
N LYS A 382 23.16 19.41 36.70
CA LYS A 382 22.40 18.25 37.15
C LYS A 382 22.09 18.31 38.63
N LYS A 383 23.08 18.77 39.42
CA LYS A 383 22.90 18.90 40.85
C LYS A 383 21.94 20.03 41.19
N SER A 384 21.92 21.07 40.37
CA SER A 384 21.07 22.23 40.61
C SER A 384 19.58 21.95 40.36
N LEU A 385 19.29 20.86 39.66
CA LEU A 385 17.92 20.53 39.28
C LEU A 385 17.00 20.22 40.47
N THR A 386 15.95 21.02 40.61
CA THR A 386 14.93 20.79 41.63
C THR A 386 13.87 19.82 41.11
N ASP A 387 13.13 19.19 42.01
CA ASP A 387 12.06 18.27 41.59
C ASP A 387 10.97 18.98 40.80
N GLU A 388 10.71 20.24 41.15
CA GLU A 388 9.69 21.04 40.48
C GLU A 388 10.10 21.41 39.05
N GLU A 389 11.37 21.78 38.88
CA GLU A 389 11.93 22.06 37.55
C GLU A 389 11.77 20.85 36.64
N ILE A 390 12.04 19.67 37.19
CA ILE A 390 11.90 18.42 36.47
C ILE A 390 10.45 18.15 36.11
N SER A 391 9.56 18.33 37.10
CA SER A 391 8.13 18.12 36.90
C SER A 391 7.57 19.05 35.82
N TYR A 392 8.18 20.23 35.67
CA TYR A 392 7.76 21.19 34.67
C TYR A 392 7.96 20.67 33.25
N PHE A 393 8.94 19.79 33.08
CA PHE A 393 9.22 19.19 31.77
C PHE A 393 8.17 18.16 31.37
N PHE A 394 7.44 17.65 32.36
CA PHE A 394 6.45 16.60 32.12
C PHE A 394 5.03 17.13 32.01
N ASP A 395 4.89 18.46 32.12
CA ASP A 395 3.60 19.11 32.02
C ASP A 395 3.23 19.38 30.57
N PRO A 396 2.17 18.69 30.07
CA PRO A 396 1.72 18.86 28.68
C PRO A 396 0.80 20.06 28.52
N ASN A 397 0.47 20.73 29.62
CA ASN A 397 -0.44 21.86 29.58
C ASN A 397 0.26 23.21 29.75
N LYS A 398 1.56 23.25 29.42
CA LYS A 398 2.31 24.49 29.44
C LYS A 398 1.81 25.43 28.35
N PRO A 399 1.39 26.65 28.76
CA PRO A 399 0.95 27.68 27.82
C PRO A 399 2.02 27.98 26.77
N SER A 400 3.29 27.87 27.14
CA SER A 400 4.39 28.08 26.21
C SER A 400 4.41 27.01 25.12
N LEU A 401 3.94 25.82 25.46
CA LEU A 401 3.82 24.73 24.49
C LEU A 401 2.57 24.94 23.64
N GLN A 402 1.56 25.56 24.23
CA GLN A 402 0.26 25.69 23.56
C GLN A 402 0.31 26.60 22.34
N LYS A 403 0.62 25.98 21.21
CA LYS A 403 0.51 26.59 19.91
C LYS A 403 -0.39 25.67 19.10
N PHE A 404 -1.70 25.78 19.33
CA PHE A 404 -2.71 24.92 18.71
C PHE A 404 -2.58 23.47 19.17
N ILE B 20 -31.06 -11.50 -7.35
CA ILE B 20 -29.67 -11.44 -6.91
C ILE B 20 -29.55 -10.79 -5.53
N ASN B 21 -28.94 -11.51 -4.59
CA ASN B 21 -28.72 -10.98 -3.25
C ASN B 21 -27.43 -10.16 -3.19
N TYR B 22 -27.58 -8.83 -3.24
CA TYR B 22 -26.45 -7.93 -3.18
C TYR B 22 -25.64 -8.13 -1.89
N ASN B 23 -26.34 -8.47 -0.81
CA ASN B 23 -25.68 -8.76 0.45
C ASN B 23 -24.79 -10.01 0.35
N LYS B 24 -25.16 -10.93 -0.55
CA LYS B 24 -24.36 -12.13 -0.79
C LYS B 24 -23.14 -11.84 -1.65
N LEU B 25 -23.33 -11.00 -2.68
CA LEU B 25 -22.23 -10.53 -3.51
C LEU B 25 -21.20 -9.82 -2.62
N ILE B 26 -21.73 -9.03 -1.70
CA ILE B 26 -20.95 -8.25 -0.74
C ILE B 26 -19.91 -9.09 0.01
N LYS B 27 -20.31 -10.26 0.48
CA LYS B 27 -19.38 -11.14 1.18
C LYS B 27 -18.65 -12.13 0.29
N GLU B 28 -19.19 -12.39 -0.91
CA GLU B 28 -18.50 -13.27 -1.86
C GLU B 28 -17.24 -12.63 -2.43
N PHE B 29 -17.31 -11.33 -2.71
CA PHE B 29 -16.19 -10.66 -3.36
C PHE B 29 -15.43 -9.68 -2.45
N GLY B 30 -15.83 -9.63 -1.18
CA GLY B 30 -15.12 -8.81 -0.21
C GLY B 30 -15.33 -7.33 -0.40
N CYS B 31 -16.59 -6.91 -0.40
CA CYS B 31 -16.93 -5.50 -0.49
C CYS B 31 -17.76 -5.16 0.73
N SER B 32 -17.61 -3.94 1.25
CA SER B 32 -18.30 -3.55 2.48
C SER B 32 -19.48 -2.64 2.19
N LYS B 33 -20.58 -2.84 2.93
CA LYS B 33 -21.76 -2.01 2.79
C LYS B 33 -21.48 -0.60 3.30
N ILE B 34 -22.05 0.39 2.62
CA ILE B 34 -21.89 1.78 3.05
C ILE B 34 -22.81 2.07 4.23
N THR B 35 -22.22 2.49 5.34
CA THR B 35 -22.94 2.65 6.59
C THR B 35 -23.41 4.08 6.81
N GLU B 36 -24.26 4.28 7.82
CA GLU B 36 -24.72 5.62 8.19
C GLU B 36 -23.55 6.47 8.69
N ASN B 37 -22.58 5.80 9.30
CA ASN B 37 -21.33 6.45 9.72
C ASN B 37 -20.68 7.18 8.55
N HIS B 38 -20.53 6.45 7.45
CA HIS B 38 -19.94 6.99 6.23
C HIS B 38 -20.74 8.17 5.69
N ILE B 39 -22.06 8.07 5.71
CA ILE B 39 -22.94 9.14 5.22
C ILE B 39 -22.77 10.40 6.04
N LYS B 40 -22.81 10.25 7.37
CA LYS B 40 -22.63 11.37 8.28
C LYS B 40 -21.25 12.01 8.10
N ARG B 41 -20.24 11.18 7.87
CA ARG B 41 -18.89 11.69 7.67
C ARG B 41 -18.77 12.45 6.34
N ILE B 42 -19.44 11.95 5.31
CA ILE B 42 -19.48 12.59 4.00
C ILE B 42 -20.15 13.95 4.10
N GLU B 43 -21.29 14.01 4.78
CA GLU B 43 -21.99 15.28 4.99
C GLU B 43 -21.12 16.25 5.79
N LYS B 44 -20.49 15.75 6.84
CA LYS B 44 -19.59 16.56 7.65
C LYS B 44 -18.46 17.17 6.84
N LEU B 45 -17.85 16.36 5.98
CA LEU B 45 -16.68 16.77 5.19
C LEU B 45 -17.02 17.65 3.99
N THR B 46 -18.20 17.42 3.41
CA THR B 46 -18.62 18.14 2.21
C THR B 46 -19.50 19.34 2.54
N ASN B 47 -19.93 19.42 3.80
CA ASN B 47 -20.80 20.50 4.27
C ASN B 47 -22.12 20.60 3.51
N SER B 48 -22.60 19.47 3.01
CA SER B 48 -23.87 19.42 2.30
C SER B 48 -24.53 18.05 2.48
N LYS B 49 -25.76 17.91 2.01
CA LYS B 49 -26.47 16.65 2.11
C LYS B 49 -25.80 15.60 1.23
N ALA B 50 -25.78 14.36 1.71
CA ALA B 50 -25.28 13.25 0.90
C ALA B 50 -26.27 13.00 -0.24
N HIS B 51 -25.76 12.59 -1.40
CA HIS B 51 -26.61 12.31 -2.56
C HIS B 51 -27.59 11.19 -2.23
N HIS B 52 -28.74 11.20 -2.89
CA HIS B 52 -29.78 10.21 -2.60
C HIS B 52 -29.41 8.80 -3.07
N PHE B 53 -28.48 8.70 -4.02
CA PHE B 53 -27.97 7.41 -4.46
C PHE B 53 -27.33 6.66 -3.30
N ILE B 54 -26.72 7.42 -2.39
CA ILE B 54 -26.08 6.86 -1.20
C ILE B 54 -27.10 6.67 -0.08
N ARG B 55 -27.94 7.68 0.13
CA ARG B 55 -28.97 7.61 1.18
C ARG B 55 -29.95 6.46 0.94
N ARG B 56 -30.25 6.21 -0.33
CA ARG B 56 -31.26 5.20 -0.68
C ARG B 56 -30.63 3.91 -1.18
N GLY B 57 -29.33 3.74 -0.93
CA GLY B 57 -28.64 2.51 -1.23
C GLY B 57 -28.58 2.10 -2.69
N ILE B 58 -28.61 3.08 -3.60
CA ILE B 58 -28.41 2.80 -5.02
C ILE B 58 -26.93 2.49 -5.24
N PHE B 59 -26.06 3.36 -4.71
CA PHE B 59 -24.66 3.02 -4.53
C PHE B 59 -24.52 2.52 -3.09
N PHE B 60 -24.25 1.22 -2.96
CA PHE B 60 -24.44 0.52 -1.69
C PHE B 60 -23.16 -0.07 -1.08
N SER B 61 -22.28 -0.57 -1.92
CA SER B 61 -21.07 -1.24 -1.44
C SER B 61 -19.80 -0.49 -1.81
N HIS B 62 -18.71 -0.80 -1.12
CA HIS B 62 -17.46 -0.08 -1.31
C HIS B 62 -16.25 -0.86 -0.84
N ARG B 63 -15.07 -0.42 -1.29
CA ARG B 63 -13.82 -0.85 -0.68
C ARG B 63 -12.95 0.38 -0.38
N ASP B 64 -12.50 0.45 0.87
CA ASP B 64 -11.57 1.47 1.36
C ASP B 64 -12.12 2.89 1.39
N LEU B 65 -13.40 3.03 1.70
CA LEU B 65 -14.03 4.35 1.81
C LEU B 65 -13.49 5.13 3.03
N ASP B 66 -13.23 4.41 4.11
CA ASP B 66 -12.71 5.03 5.34
C ASP B 66 -11.35 5.69 5.10
N PHE B 67 -10.48 5.00 4.38
CA PHE B 67 -9.18 5.57 4.03
C PHE B 67 -9.35 6.81 3.17
N LEU B 68 -10.29 6.75 2.24
CA LEU B 68 -10.58 7.88 1.37
C LEU B 68 -11.01 9.09 2.19
N LEU B 69 -11.87 8.84 3.17
CA LEU B 69 -12.40 9.92 4.00
C LEU B 69 -11.38 10.48 4.99
N ASN B 70 -10.39 9.68 5.33
CA ASN B 70 -9.32 10.10 6.18
C ASN B 70 -8.33 10.91 5.44
N TYR B 71 -8.10 10.50 4.21
CA TYR B 71 -7.24 11.23 3.30
C TYR B 71 -7.85 12.57 2.92
N TYR B 72 -9.17 12.61 2.77
CA TYR B 72 -9.85 13.85 2.46
C TYR B 72 -9.90 14.77 3.67
N GLU B 73 -10.07 14.19 4.86
CA GLU B 73 -10.05 14.98 6.08
C GLU B 73 -8.70 15.66 6.24
N GLN B 74 -7.65 14.96 5.81
CA GLN B 74 -6.29 15.46 5.97
C GLN B 74 -5.87 16.43 4.87
N HIS B 75 -6.32 16.20 3.65
CA HIS B 75 -5.77 16.86 2.47
C HIS B 75 -6.81 17.51 1.61
N LYS B 76 -8.06 17.19 1.81
CA LYS B 76 -9.10 17.81 1.05
C LYS B 76 -9.04 17.57 -0.45
N CYS B 77 -8.36 16.53 -0.87
CA CYS B 77 -8.28 16.19 -2.26
C CYS B 77 -8.31 14.72 -2.41
N PHE B 78 -8.69 14.28 -3.60
CA PHE B 78 -8.52 12.97 -4.12
C PHE B 78 -8.96 13.05 -5.58
N TYR B 79 -9.12 11.94 -6.27
CA TYR B 79 -9.71 11.96 -7.60
C TYR B 79 -10.69 10.86 -7.90
N ILE B 80 -11.56 11.12 -8.83
CA ILE B 80 -12.60 10.26 -9.25
C ILE B 80 -12.31 9.72 -10.62
N TYR B 81 -12.49 8.43 -10.78
CA TYR B 81 -12.26 7.81 -12.09
C TYR B 81 -13.40 6.89 -12.45
N THR B 82 -13.98 7.13 -13.62
CA THR B 82 -14.98 6.22 -14.15
C THR B 82 -14.82 6.14 -15.67
N GLY B 83 -15.62 5.30 -16.31
CA GLY B 83 -15.45 5.11 -17.73
C GLY B 83 -16.72 4.82 -18.51
N ARG B 84 -16.57 4.82 -19.83
CA ARG B 84 -17.67 4.59 -20.75
C ARG B 84 -17.13 3.84 -21.97
N GLY B 85 -17.75 2.70 -22.28
CA GLY B 85 -17.40 1.96 -23.47
C GLY B 85 -18.33 2.34 -24.60
N PRO B 86 -17.81 2.99 -25.65
CA PRO B 86 -18.64 3.45 -26.77
C PRO B 86 -19.05 2.28 -27.66
N SER B 87 -20.04 1.53 -27.21
CA SER B 87 -20.49 0.34 -27.94
C SER B 87 -21.73 0.63 -28.77
N SER B 88 -22.30 1.82 -28.59
CA SER B 88 -23.51 2.20 -29.32
C SER B 88 -23.66 3.72 -29.40
N LEU B 89 -24.54 4.17 -30.29
CA LEU B 89 -24.82 5.59 -30.47
C LEU B 89 -25.89 6.02 -29.46
N SER B 90 -26.61 5.02 -28.96
CA SER B 90 -27.80 5.27 -28.14
C SER B 90 -27.57 4.96 -26.65
N MET B 91 -27.40 6.01 -25.86
CA MET B 91 -27.25 5.85 -24.41
C MET B 91 -28.59 6.04 -23.70
N HIS B 92 -28.75 5.37 -22.57
CA HIS B 92 -29.97 5.49 -21.76
C HIS B 92 -29.65 5.80 -20.31
N LEU B 93 -30.68 5.97 -19.49
CA LEU B 93 -30.52 6.39 -18.09
C LEU B 93 -29.49 5.58 -17.30
N GLY B 94 -29.56 4.25 -17.43
CA GLY B 94 -28.64 3.36 -16.75
C GLY B 94 -27.19 3.66 -17.08
N HIS B 95 -26.94 4.11 -18.30
CA HIS B 95 -25.60 4.49 -18.72
C HIS B 95 -25.16 5.78 -18.03
N LEU B 96 -26.12 6.65 -17.73
CA LEU B 96 -25.81 7.95 -17.15
C LEU B 96 -25.76 7.96 -15.62
N ILE B 97 -26.35 6.94 -14.99
CA ILE B 97 -26.38 6.85 -13.52
C ILE B 97 -25.04 7.10 -12.81
N PRO B 98 -23.96 6.42 -13.24
CA PRO B 98 -22.70 6.71 -12.54
C PRO B 98 -22.16 8.11 -12.83
N PHE B 99 -22.60 8.73 -13.93
CA PHE B 99 -22.13 10.06 -14.29
C PHE B 99 -22.86 11.16 -13.54
N TYR B 100 -24.15 10.97 -13.29
CA TYR B 100 -24.90 11.86 -12.40
C TYR B 100 -24.28 11.80 -11.02
N PHE B 101 -23.84 10.61 -10.63
CA PHE B 101 -23.23 10.40 -9.33
C PHE B 101 -21.83 11.00 -9.26
N CYS B 102 -21.08 10.90 -10.36
CA CYS B 102 -19.76 11.50 -10.43
C CYS B 102 -19.83 13.02 -10.45
N LYS B 103 -20.95 13.56 -10.95
CA LYS B 103 -21.17 15.00 -10.94
C LYS B 103 -21.33 15.49 -9.51
N TYR B 104 -22.05 14.72 -8.70
CA TYR B 104 -22.26 15.05 -7.30
C TYR B 104 -20.95 15.03 -6.53
N LEU B 105 -20.19 13.94 -6.68
CA LEU B 105 -18.92 13.75 -5.98
C LEU B 105 -17.93 14.87 -6.32
N GLN B 106 -17.89 15.24 -7.60
CA GLN B 106 -17.02 16.28 -8.10
C GLN B 106 -17.40 17.63 -7.50
N GLU B 107 -18.68 17.78 -7.20
CA GLU B 107 -19.23 19.02 -6.66
CA GLU B 107 -19.20 19.04 -6.66
C GLU B 107 -19.08 19.08 -5.15
N ALA B 108 -19.51 18.02 -4.48
CA ALA B 108 -19.49 17.94 -3.02
C ALA B 108 -18.08 17.99 -2.45
N PHE B 109 -17.17 17.25 -3.07
CA PHE B 109 -15.80 17.17 -2.59
C PHE B 109 -14.87 18.20 -3.22
N ASN B 110 -15.32 18.76 -4.35
CA ASN B 110 -14.53 19.72 -5.12
C ASN B 110 -13.19 19.10 -5.53
N VAL B 111 -13.27 18.06 -6.37
CA VAL B 111 -12.08 17.27 -6.77
C VAL B 111 -12.12 16.95 -8.26
N PRO B 112 -10.94 16.64 -8.84
CA PRO B 112 -10.94 16.32 -10.28
C PRO B 112 -11.66 15.01 -10.62
N LEU B 113 -12.30 15.01 -11.77
CA LEU B 113 -12.99 13.83 -12.28
C LEU B 113 -12.32 13.37 -13.58
N VAL B 114 -12.02 12.09 -13.65
CA VAL B 114 -11.34 11.49 -14.79
C VAL B 114 -12.23 10.45 -15.45
N ILE B 115 -12.37 10.57 -16.77
CA ILE B 115 -13.28 9.71 -17.51
C ILE B 115 -12.58 9.02 -18.67
N GLN B 116 -12.54 7.70 -18.63
CA GLN B 116 -11.92 6.92 -19.70
C GLN B 116 -12.95 6.53 -20.75
N LEU B 117 -12.64 6.76 -22.02
CA LEU B 117 -13.45 6.19 -23.09
C LEU B 117 -12.69 5.07 -23.79
N SER B 118 -13.17 3.86 -23.60
CA SER B 118 -12.50 2.68 -24.11
C SER B 118 -12.87 2.37 -25.56
N ASP B 119 -12.48 3.27 -26.45
CA ASP B 119 -12.68 3.05 -27.88
C ASP B 119 -11.83 1.87 -28.37
N ASP B 120 -10.69 1.65 -27.71
CA ASP B 120 -9.84 0.51 -28.04
C ASP B 120 -10.52 -0.80 -27.66
N GLU B 121 -11.14 -0.84 -26.49
CA GLU B 121 -11.88 -2.01 -26.05
C GLU B 121 -12.97 -2.38 -27.03
N LYS B 122 -13.81 -1.40 -27.37
CA LYS B 122 -14.94 -1.64 -28.27
C LYS B 122 -14.49 -1.92 -29.70
N TYR B 123 -13.33 -1.39 -30.09
CA TYR B 123 -12.75 -1.74 -31.38
C TYR B 123 -12.33 -3.20 -31.38
N LEU B 124 -11.72 -3.63 -30.28
CA LEU B 124 -11.17 -4.99 -30.18
C LEU B 124 -12.24 -6.07 -29.97
N PHE B 125 -13.35 -5.71 -29.34
CA PHE B 125 -14.39 -6.69 -29.00
C PHE B 125 -15.47 -6.80 -30.07
N ASN B 126 -15.55 -5.80 -30.95
CA ASN B 126 -16.50 -5.85 -32.06
C ASN B 126 -15.82 -6.06 -33.40
N GLN B 127 -15.92 -7.27 -33.94
CA GLN B 127 -15.19 -7.68 -35.13
C GLN B 127 -15.47 -6.83 -36.36
N ASN B 128 -16.71 -6.37 -36.51
CA ASN B 128 -17.11 -5.64 -37.71
C ASN B 128 -17.09 -4.12 -37.56
N TYR B 129 -16.62 -3.64 -36.42
CA TYR B 129 -16.51 -2.20 -36.19
C TYR B 129 -15.09 -1.72 -36.53
N SER B 130 -14.99 -0.57 -37.20
CA SER B 130 -13.69 0.04 -37.45
C SER B 130 -13.44 1.13 -36.41
N LEU B 131 -12.22 1.66 -36.38
CA LEU B 131 -11.86 2.71 -35.42
C LEU B 131 -12.62 4.01 -35.65
N GLU B 132 -13.01 4.27 -36.90
CA GLU B 132 -13.71 5.51 -37.25
C GLU B 132 -15.16 5.51 -36.78
N TYR B 133 -15.86 4.40 -37.03
CA TYR B 133 -17.24 4.23 -36.57
C TYR B 133 -17.28 4.34 -35.04
N ILE B 134 -16.41 3.57 -34.40
CA ILE B 134 -16.20 3.64 -32.96
C ILE B 134 -15.94 5.08 -32.54
N ASN B 135 -15.20 5.83 -33.35
CA ASN B 135 -14.92 7.23 -33.03
C ASN B 135 -16.18 8.10 -33.06
N THR B 136 -17.05 7.85 -34.04
CA THR B 136 -18.34 8.55 -34.10
C THR B 136 -19.13 8.28 -32.83
N LEU B 137 -19.27 6.99 -32.52
CA LEU B 137 -19.95 6.57 -31.29
C LEU B 137 -19.37 7.28 -30.07
N THR B 138 -18.04 7.37 -30.04
CA THR B 138 -17.28 7.95 -28.93
C THR B 138 -17.61 9.41 -28.76
N ASN B 139 -17.60 10.16 -29.86
CA ASN B 139 -17.92 11.58 -29.80
C ASN B 139 -19.37 11.84 -29.36
N GLU B 140 -20.30 11.07 -29.92
CA GLU B 140 -21.70 11.22 -29.49
C GLU B 140 -21.87 10.93 -27.99
N ASN B 141 -21.30 9.81 -27.55
CA ASN B 141 -21.32 9.44 -26.14
C ASN B 141 -20.70 10.51 -25.25
N VAL B 142 -19.61 11.12 -25.74
CA VAL B 142 -18.95 12.20 -25.03
C VAL B 142 -19.90 13.36 -24.86
N LYS B 143 -20.62 13.72 -25.92
CA LYS B 143 -21.65 14.74 -25.82
C LYS B 143 -22.68 14.40 -24.75
N ASP B 144 -23.19 13.17 -24.80
CA ASP B 144 -24.15 12.71 -23.79
C ASP B 144 -23.63 12.84 -22.36
N ILE B 145 -22.38 12.45 -22.14
CA ILE B 145 -21.76 12.47 -20.82
C ILE B 145 -21.56 13.90 -20.31
N ILE B 146 -21.07 14.78 -21.18
CA ILE B 146 -20.90 16.18 -20.85
C ILE B 146 -22.25 16.82 -20.51
N SER B 147 -23.28 16.47 -21.26
CA SER B 147 -24.61 17.05 -21.06
C SER B 147 -25.23 16.74 -19.69
N VAL B 148 -24.56 15.92 -18.90
CA VAL B 148 -25.03 15.58 -17.56
C VAL B 148 -24.89 16.77 -16.60
N GLY B 149 -23.96 17.67 -16.92
CA GLY B 149 -23.74 18.86 -16.11
C GLY B 149 -22.39 18.86 -15.41
N LEU B 150 -21.45 18.11 -15.96
CA LEU B 150 -20.11 18.01 -15.38
C LEU B 150 -19.40 19.36 -15.38
N ASN B 151 -18.66 19.63 -14.31
CA ASN B 151 -17.84 20.84 -14.24
C ASN B 151 -16.65 20.71 -15.17
N PRO B 152 -16.60 21.55 -16.22
CA PRO B 152 -15.52 21.47 -17.20
C PRO B 152 -14.14 21.71 -16.58
N GLU B 153 -14.07 22.58 -15.58
CA GLU B 153 -12.80 22.93 -14.96
C GLU B 153 -12.22 21.80 -14.10
N LEU B 154 -13.08 20.89 -13.67
CA LEU B 154 -12.66 19.80 -12.81
C LEU B 154 -12.85 18.43 -13.47
N THR B 155 -12.90 18.43 -14.80
CA THR B 155 -13.13 17.19 -15.53
C THR B 155 -12.09 16.97 -16.62
N PHE B 156 -11.51 15.77 -16.65
CA PHE B 156 -10.65 15.38 -17.75
C PHE B 156 -11.16 14.13 -18.43
N ILE B 157 -11.53 14.28 -19.70
CA ILE B 157 -12.01 13.16 -20.50
C ILE B 157 -10.92 12.77 -21.48
N PHE B 158 -10.72 11.46 -21.68
CA PHE B 158 -9.68 10.99 -22.59
C PHE B 158 -10.11 9.75 -23.37
N LYS B 159 -9.60 9.63 -24.58
CA LYS B 159 -9.76 8.42 -25.38
C LYS B 159 -8.47 7.62 -25.24
N ASN B 160 -8.60 6.32 -25.03
CA ASN B 160 -7.42 5.46 -24.91
C ASN B 160 -6.56 5.52 -26.18
N THR B 161 -7.22 5.63 -27.32
CA THR B 161 -6.52 5.73 -28.61
C THR B 161 -5.63 6.97 -28.70
N GLU B 162 -5.88 7.95 -27.82
CA GLU B 162 -5.11 9.19 -27.81
C GLU B 162 -4.21 9.33 -26.57
N TYR B 163 -4.56 8.61 -25.50
CA TYR B 163 -3.92 8.79 -24.19
C TYR B 163 -3.10 7.56 -23.75
N ALA B 164 -3.07 6.54 -24.60
CA ALA B 164 -2.35 5.32 -24.31
C ALA B 164 -0.87 5.56 -24.05
N GLY B 165 -0.30 6.58 -24.70
CA GLY B 165 1.08 6.94 -24.48
C GLY B 165 1.31 7.36 -23.03
N TYR B 166 0.30 7.99 -22.45
CA TYR B 166 0.34 8.38 -21.04
C TYR B 166 0.04 7.20 -20.14
N LEU B 167 -0.77 6.26 -20.64
CA LEU B 167 -1.15 5.11 -19.82
C LEU B 167 -0.12 3.96 -19.78
N TYR B 168 0.78 3.92 -20.76
CA TYR B 168 1.55 2.72 -21.08
C TYR B 168 2.52 2.18 -20.02
N PRO B 169 3.40 3.05 -19.45
CA PRO B 169 4.31 2.55 -18.42
C PRO B 169 3.58 1.89 -17.23
N THR B 170 2.45 2.47 -16.84
CA THR B 170 1.63 1.89 -15.77
C THR B 170 1.03 0.56 -16.22
N VAL B 171 0.57 0.53 -17.47
CA VAL B 171 -0.03 -0.67 -18.05
C VAL B 171 0.97 -1.81 -18.11
N LEU B 172 2.21 -1.49 -18.48
CA LEU B 172 3.29 -2.47 -18.54
C LEU B 172 3.52 -3.17 -17.20
N SER B 173 3.38 -2.41 -16.11
CA SER B 173 3.58 -2.93 -14.76
C SER B 173 2.40 -3.80 -14.34
N ILE B 174 1.21 -3.44 -14.81
CA ILE B 174 0.01 -4.22 -14.59
C ILE B 174 0.05 -5.48 -15.46
N HIS B 175 0.54 -5.32 -16.69
CA HIS B 175 0.76 -6.44 -17.60
C HIS B 175 1.67 -7.48 -16.96
N LYS B 176 2.78 -7.02 -16.41
CA LYS B 176 3.81 -7.89 -15.85
C LYS B 176 3.32 -8.67 -14.63
N LYS B 177 2.33 -8.12 -13.94
CA LYS B 177 1.79 -8.75 -12.74
C LYS B 177 0.49 -9.48 -13.01
N THR B 178 0.22 -9.76 -14.27
CA THR B 178 -0.97 -10.51 -14.66
C THR B 178 -0.59 -11.68 -15.58
N THR B 179 -0.77 -12.90 -15.08
CA THR B 179 -0.51 -14.08 -15.91
C THR B 179 -1.64 -14.27 -16.91
N LEU B 180 -1.33 -14.90 -18.04
CA LEU B 180 -2.34 -15.21 -19.04
C LEU B 180 -3.45 -16.03 -18.41
N ASN B 181 -3.07 -17.01 -17.59
CA ASN B 181 -4.01 -17.83 -16.83
C ASN B 181 -4.99 -16.98 -16.04
N GLN B 182 -4.46 -16.06 -15.25
CA GLN B 182 -5.27 -15.18 -14.41
C GLN B 182 -6.21 -14.33 -15.25
N SER B 183 -5.69 -13.79 -16.35
CA SER B 183 -6.50 -12.97 -17.24
C SER B 183 -7.69 -13.76 -17.81
N MET B 184 -7.39 -14.92 -18.38
CA MET B 184 -8.42 -15.76 -18.99
C MET B 184 -9.45 -16.25 -17.97
N ASN B 185 -9.00 -16.63 -16.79
CA ASN B 185 -9.92 -17.06 -15.73
C ASN B 185 -10.80 -15.92 -15.23
N VAL B 186 -10.22 -14.74 -15.04
CA VAL B 186 -10.96 -13.58 -14.53
C VAL B 186 -11.98 -13.04 -15.54
N PHE B 187 -11.57 -12.94 -16.80
CA PHE B 187 -12.40 -12.26 -17.81
C PHE B 187 -13.09 -13.21 -18.80
N GLY B 188 -12.89 -14.52 -18.62
CA GLY B 188 -13.55 -15.52 -19.45
C GLY B 188 -13.14 -15.49 -20.90
N PHE B 189 -11.86 -15.23 -21.15
CA PHE B 189 -11.34 -15.23 -22.51
C PHE B 189 -11.07 -16.65 -22.99
N ASN B 190 -11.21 -16.87 -24.29
CA ASN B 190 -10.79 -18.14 -24.89
C ASN B 190 -9.65 -17.93 -25.88
N HIS B 191 -9.14 -19.01 -26.44
CA HIS B 191 -7.95 -18.96 -27.28
C HIS B 191 -8.20 -18.41 -28.68
N SER B 192 -9.47 -18.24 -29.04
CA SER B 192 -9.82 -17.63 -30.33
C SER B 192 -9.95 -16.12 -30.22
N ASP B 193 -9.98 -15.61 -28.99
CA ASP B 193 -10.03 -14.16 -28.79
C ASP B 193 -8.72 -13.52 -29.18
N ASN B 194 -8.79 -12.30 -29.72
CA ASN B 194 -7.57 -11.60 -30.10
C ASN B 194 -6.81 -11.11 -28.87
N ILE B 195 -5.49 -10.98 -29.02
CA ILE B 195 -4.62 -10.60 -27.91
C ILE B 195 -4.90 -9.19 -27.39
N GLY B 196 -5.60 -8.39 -28.17
CA GLY B 196 -5.98 -7.05 -27.75
C GLY B 196 -7.02 -7.09 -26.65
N LYS B 197 -7.89 -8.10 -26.69
CA LYS B 197 -8.92 -8.27 -25.66
C LYS B 197 -8.26 -8.70 -24.35
N ILE B 198 -7.31 -9.62 -24.45
CA ILE B 198 -6.54 -10.07 -23.29
C ILE B 198 -5.73 -8.91 -22.70
N SER B 199 -5.18 -8.08 -23.58
CA SER B 199 -4.35 -6.94 -23.18
C SER B 199 -5.15 -5.79 -22.56
N TYR B 200 -6.39 -5.62 -22.99
CA TYR B 200 -7.19 -4.47 -22.59
C TYR B 200 -7.33 -4.16 -21.09
N PRO B 201 -7.69 -5.17 -20.25
CA PRO B 201 -8.00 -4.88 -18.85
C PRO B 201 -6.96 -4.06 -18.10
N SER B 202 -5.69 -4.15 -18.51
CA SER B 202 -4.65 -3.34 -17.89
C SER B 202 -4.88 -1.85 -18.16
N PHE B 203 -5.45 -1.54 -19.33
CA PHE B 203 -5.73 -0.16 -19.69
C PHE B 203 -6.90 0.42 -18.89
N GLN B 204 -7.87 -0.43 -18.56
CA GLN B 204 -8.99 0.00 -17.72
C GLN B 204 -8.55 0.18 -16.27
N ILE B 205 -7.52 -0.56 -15.88
CA ILE B 205 -7.00 -0.53 -14.53
C ILE B 205 -6.08 0.68 -14.28
N ALA B 206 -5.22 0.99 -15.27
CA ALA B 206 -4.21 2.03 -15.14
C ALA B 206 -4.64 3.39 -14.55
N PRO B 207 -5.80 3.93 -14.95
CA PRO B 207 -6.16 5.26 -14.42
C PRO B 207 -6.49 5.27 -12.92
N CYS B 208 -6.47 4.11 -12.27
CA CYS B 208 -6.63 4.07 -10.82
C CYS B 208 -5.36 4.59 -10.15
N PHE B 209 -4.33 4.81 -10.96
CA PHE B 209 -3.05 5.28 -10.45
C PHE B 209 -2.71 6.63 -11.07
N SER B 210 -2.60 7.65 -10.22
CA SER B 210 -2.50 9.04 -10.66
C SER B 210 -1.26 9.37 -11.49
N GLN B 211 -0.32 8.44 -11.54
CA GLN B 211 0.88 8.62 -12.36
C GLN B 211 0.54 8.62 -13.85
N CYS B 212 -0.69 8.21 -14.16
CA CYS B 212 -1.20 8.26 -15.54
C CYS B 212 -1.64 9.66 -15.93
N PHE B 213 -1.64 10.58 -14.98
CA PHE B 213 -2.05 11.96 -15.25
C PHE B 213 -1.03 12.98 -14.71
N PRO B 214 0.19 12.98 -15.29
CA PRO B 214 1.26 13.83 -14.76
C PRO B 214 1.02 15.33 -14.98
N ASN B 215 0.24 15.70 -15.97
CA ASN B 215 -0.07 17.04 -16.29
C ASN B 215 -0.82 17.75 -15.19
N PHE B 216 -1.74 17.10 -14.50
CA PHE B 216 -2.43 17.70 -13.37
C PHE B 216 -2.45 17.02 -12.03
N LEU B 217 -1.94 15.80 -11.92
CA LEU B 217 -2.05 15.13 -10.66
C LEU B 217 -0.71 14.86 -10.04
N GLY B 218 -0.69 14.78 -8.73
CA GLY B 218 0.51 14.32 -8.04
C GLY B 218 0.58 12.80 -8.14
N LYS B 219 1.62 12.20 -7.58
CA LYS B 219 1.74 10.75 -7.65
C LYS B 219 1.10 10.06 -6.44
N ASN B 220 0.58 8.85 -6.66
CA ASN B 220 -0.07 8.07 -5.61
C ASN B 220 -1.22 8.80 -4.92
N ILE B 221 -2.08 9.43 -5.71
CA ILE B 221 -3.26 10.10 -5.16
C ILE B 221 -4.41 9.10 -5.12
N PRO B 222 -5.06 8.97 -3.96
CA PRO B 222 -6.21 8.06 -3.79
C PRO B 222 -7.27 8.25 -4.86
N CYS B 223 -7.75 7.16 -5.43
CA CYS B 223 -8.70 7.22 -6.53
C CYS B 223 -10.03 6.61 -6.15
N LEU B 224 -11.11 7.37 -6.37
CA LEU B 224 -12.46 6.87 -6.12
C LEU B 224 -13.09 6.41 -7.43
N VAL B 225 -13.44 5.14 -7.50
CA VAL B 225 -13.99 4.56 -8.72
C VAL B 225 -15.45 4.12 -8.52
N PRO B 226 -16.40 4.96 -8.96
CA PRO B 226 -17.81 4.60 -9.01
C PRO B 226 -18.04 3.68 -10.20
N GLN B 227 -18.85 2.65 -10.05
CA GLN B 227 -19.02 1.67 -11.12
C GLN B 227 -20.22 0.76 -10.90
N GLY B 228 -20.64 0.09 -11.97
CA GLY B 228 -21.58 -1.00 -11.84
C GLY B 228 -20.82 -2.22 -11.38
N ILE B 229 -21.50 -3.14 -10.71
CA ILE B 229 -20.86 -4.35 -10.18
C ILE B 229 -20.17 -5.19 -11.26
N ASP B 230 -20.69 -5.14 -12.48
CA ASP B 230 -20.13 -5.91 -13.59
C ASP B 230 -18.73 -5.44 -13.98
N GLN B 231 -18.29 -4.33 -13.38
CA GLN B 231 -16.95 -3.81 -13.61
C GLN B 231 -15.97 -4.28 -12.54
N ASP B 232 -16.51 -4.83 -11.45
CA ASP B 232 -15.68 -5.25 -10.30
C ASP B 232 -14.49 -6.19 -10.61
N PRO B 233 -14.66 -7.15 -11.53
CA PRO B 233 -13.50 -8.01 -11.87
C PRO B 233 -12.26 -7.23 -12.28
N TYR B 234 -12.43 -6.10 -12.96
CA TYR B 234 -11.31 -5.25 -13.34
C TYR B 234 -10.58 -4.71 -12.11
N PHE B 235 -11.36 -4.21 -11.16
CA PHE B 235 -10.81 -3.48 -10.02
C PHE B 235 -10.57 -4.35 -8.82
N ARG B 236 -11.06 -5.59 -8.87
CA ARG B 236 -10.68 -6.61 -7.89
C ARG B 236 -9.24 -6.97 -8.19
N LEU B 237 -8.92 -7.08 -9.48
CA LEU B 237 -7.56 -7.38 -9.92
C LEU B 237 -6.62 -6.20 -9.67
N SER B 238 -7.14 -4.99 -9.85
CA SER B 238 -6.33 -3.78 -9.68
C SER B 238 -5.83 -3.64 -8.25
N ARG B 239 -6.68 -3.98 -7.28
CA ARG B 239 -6.34 -3.84 -5.87
C ARG B 239 -5.27 -4.84 -5.44
N ASP B 240 -5.21 -5.98 -6.12
CA ASP B 240 -4.17 -6.97 -5.85
C ASP B 240 -2.85 -6.50 -6.46
N ILE B 241 -2.93 -5.91 -7.65
CA ILE B 241 -1.77 -5.42 -8.37
C ILE B 241 -1.21 -4.14 -7.75
N ALA B 242 -2.10 -3.32 -7.19
CA ALA B 242 -1.69 -2.08 -6.53
C ALA B 242 -0.71 -2.33 -5.38
N VAL B 243 -1.00 -3.34 -4.57
CA VAL B 243 -0.13 -3.73 -3.45
C VAL B 243 1.28 -4.07 -3.94
N LYS B 244 1.35 -4.77 -5.07
CA LYS B 244 2.62 -5.17 -5.64
CA LYS B 244 2.63 -5.17 -5.63
C LYS B 244 3.37 -3.98 -6.22
N MET B 245 2.61 -2.98 -6.67
CA MET B 245 3.20 -1.77 -7.24
C MET B 245 3.50 -0.76 -6.14
N ALA B 246 3.11 -1.10 -4.91
CA ALA B 246 3.25 -0.21 -3.75
C ALA B 246 2.52 1.12 -3.95
N LEU B 247 1.31 1.03 -4.51
CA LEU B 247 0.46 2.20 -4.70
C LEU B 247 -0.87 1.96 -3.98
N HIS B 248 -1.64 3.02 -3.78
CA HIS B 248 -2.92 2.92 -3.11
C HIS B 248 -3.90 2.04 -3.88
N LYS B 249 -4.66 1.22 -3.15
CA LYS B 249 -5.71 0.45 -3.77
C LYS B 249 -6.85 1.40 -4.12
N PRO B 250 -7.42 1.27 -5.32
CA PRO B 250 -8.54 2.11 -5.74
C PRO B 250 -9.73 1.98 -4.80
N VAL B 251 -10.13 3.10 -4.20
CA VAL B 251 -11.30 3.14 -3.33
C VAL B 251 -12.52 2.98 -4.21
N VAL B 252 -13.19 1.83 -4.15
CA VAL B 252 -14.26 1.58 -5.13
C VAL B 252 -15.65 1.71 -4.53
N VAL B 253 -16.61 2.12 -5.36
CA VAL B 253 -18.02 2.22 -4.95
C VAL B 253 -18.93 1.64 -6.02
N HIS B 254 -19.77 0.67 -5.62
CA HIS B 254 -20.61 -0.06 -6.57
C HIS B 254 -22.06 0.38 -6.55
N SER B 255 -22.71 0.34 -7.70
CA SER B 255 -24.12 0.65 -7.82
C SER B 255 -24.89 -0.61 -8.11
N VAL B 256 -26.16 -0.65 -7.70
CA VAL B 256 -27.05 -1.73 -8.10
C VAL B 256 -27.38 -1.56 -9.57
N PHE B 257 -27.83 -2.64 -10.21
CA PHE B 257 -28.30 -2.54 -11.59
C PHE B 257 -29.56 -1.69 -11.63
N MET B 258 -29.66 -0.82 -12.63
CA MET B 258 -30.91 -0.10 -12.86
C MET B 258 -31.85 -1.05 -13.59
N PRO B 259 -33.02 -1.33 -12.99
CA PRO B 259 -33.95 -2.32 -13.54
C PRO B 259 -34.61 -1.84 -14.83
N GLY B 260 -34.99 -2.78 -15.68
CA GLY B 260 -35.76 -2.45 -16.87
C GLY B 260 -37.17 -2.05 -16.49
N LEU B 261 -38.03 -1.88 -17.48
CA LEU B 261 -39.42 -1.47 -17.23
C LEU B 261 -40.30 -2.68 -16.92
N ASN B 288 -36.14 -5.19 -25.65
CA ASN B 288 -36.35 -4.18 -26.67
C ASN B 288 -36.42 -2.78 -26.09
N ASN B 289 -37.63 -2.23 -26.05
CA ASN B 289 -37.86 -0.91 -25.47
C ASN B 289 -38.16 -0.98 -23.98
N SER B 290 -37.36 -1.78 -23.27
CA SER B 290 -37.46 -1.86 -21.83
C SER B 290 -36.54 -0.83 -21.20
N VAL B 291 -36.37 0.29 -21.90
CA VAL B 291 -35.40 1.31 -21.51
C VAL B 291 -35.78 2.68 -22.04
N ILE B 292 -35.25 3.73 -21.39
CA ILE B 292 -35.51 5.11 -21.79
C ILE B 292 -34.29 5.74 -22.43
N PHE B 293 -34.29 5.85 -23.75
CA PHE B 293 -33.19 6.51 -24.45
C PHE B 293 -33.25 8.02 -24.23
N LEU B 294 -32.13 8.68 -24.44
CA LEU B 294 -32.04 10.13 -24.25
C LEU B 294 -32.37 10.85 -25.55
N THR B 295 -32.59 10.07 -26.59
CA THR B 295 -33.07 10.58 -27.88
C THR B 295 -34.59 10.48 -27.93
N ASP B 296 -35.16 9.79 -26.95
CA ASP B 296 -36.61 9.59 -26.89
C ASP B 296 -37.37 10.89 -26.71
N THR B 297 -38.46 11.03 -27.48
CA THR B 297 -39.35 12.18 -27.38
C THR B 297 -40.31 11.95 -26.21
N PRO B 298 -40.88 13.04 -25.66
CA PRO B 298 -41.82 12.92 -24.54
C PRO B 298 -42.97 11.97 -24.84
N GLU B 299 -43.36 11.91 -26.11
CA GLU B 299 -44.42 11.01 -26.54
C GLU B 299 -43.97 9.56 -26.41
N GLN B 300 -42.75 9.28 -26.87
CA GLN B 300 -42.18 7.94 -26.77
C GLN B 300 -42.04 7.51 -25.31
N ILE B 301 -41.65 8.45 -24.46
CA ILE B 301 -41.56 8.21 -23.02
C ILE B 301 -42.94 7.84 -22.47
N LYS B 302 -43.94 8.66 -22.79
CA LYS B 302 -45.32 8.41 -22.37
C LYS B 302 -45.79 7.00 -22.76
N ASN B 303 -45.63 6.67 -24.04
CA ASN B 303 -46.03 5.37 -24.54
C ASN B 303 -45.29 4.21 -23.88
N LYS B 304 -43.97 4.35 -23.74
CA LYS B 304 -43.16 3.34 -23.07
C LYS B 304 -43.63 3.08 -21.64
N ILE B 305 -43.73 4.14 -20.85
CA ILE B 305 -44.12 4.03 -19.45
C ILE B 305 -45.54 3.48 -19.30
N ASN B 306 -46.49 4.01 -20.06
CA ASN B 306 -47.86 3.54 -19.97
C ASN B 306 -48.07 2.09 -20.45
N LYS B 307 -47.37 1.71 -21.51
CA LYS B 307 -47.62 0.40 -22.13
C LYS B 307 -46.75 -0.75 -21.63
N TYR B 308 -45.57 -0.44 -21.08
CA TYR B 308 -44.63 -1.50 -20.74
C TYR B 308 -44.04 -1.46 -19.32
N ALA B 309 -44.21 -0.35 -18.62
CA ALA B 309 -43.68 -0.26 -17.26
C ALA B 309 -44.47 -1.16 -16.31
N PHE B 310 -43.79 -2.14 -15.72
CA PHE B 310 -44.39 -3.09 -14.81
C PHE B 310 -45.07 -2.37 -13.65
N SER B 311 -46.35 -2.65 -13.44
CA SER B 311 -47.07 -2.13 -12.30
C SER B 311 -47.15 -3.21 -11.22
N GLY B 312 -46.34 -3.07 -10.19
CA GLY B 312 -46.36 -4.00 -9.06
C GLY B 312 -47.60 -3.76 -8.23
N GLY B 313 -47.78 -2.52 -7.78
CA GLY B 313 -48.99 -2.14 -7.09
C GLY B 313 -50.15 -2.12 -8.05
N GLY B 314 -51.30 -2.61 -7.58
CA GLY B 314 -52.49 -2.66 -8.42
C GLY B 314 -52.66 -3.97 -9.13
N THR B 315 -53.74 -4.67 -8.83
CA THR B 315 -54.08 -5.91 -9.51
C THR B 315 -55.49 -5.79 -10.09
N THR B 316 -56.46 -5.56 -9.21
CA THR B 316 -57.82 -5.27 -9.64
C THR B 316 -58.13 -3.80 -9.34
N ILE B 317 -58.91 -3.17 -10.21
CA ILE B 317 -59.18 -1.74 -10.14
C ILE B 317 -59.77 -1.29 -8.79
N GLN B 318 -60.26 -2.23 -8.01
CA GLN B 318 -60.88 -1.92 -6.72
C GLN B 318 -60.23 -2.66 -5.57
N GLU B 319 -59.57 -3.77 -5.87
CA GLU B 319 -58.82 -4.50 -4.85
C GLU B 319 -57.60 -3.68 -4.41
N HIS B 320 -56.96 -3.04 -5.38
CA HIS B 320 -55.80 -2.18 -5.13
C HIS B 320 -56.12 -1.08 -4.11
N ARG B 321 -57.40 -0.72 -4.02
CA ARG B 321 -57.84 0.28 -3.05
C ARG B 321 -57.63 -0.23 -1.61
N GLU B 322 -57.52 -1.54 -1.43
CA GLU B 322 -57.40 -2.10 -0.09
C GLU B 322 -56.07 -2.81 0.19
N LYS B 323 -55.39 -3.26 -0.86
CA LYS B 323 -54.23 -4.13 -0.66
C LYS B 323 -52.91 -3.49 -0.18
N GLY B 324 -52.31 -2.55 -0.92
CA GLY B 324 -52.77 -2.08 -2.22
C GLY B 324 -51.62 -2.04 -3.20
N GLY B 325 -50.66 -1.16 -2.94
CA GLY B 325 -49.51 -1.02 -3.82
C GLY B 325 -48.25 -1.65 -3.24
N ASN B 326 -47.59 -2.48 -4.05
CA ASN B 326 -46.31 -3.06 -3.67
C ASN B 326 -45.15 -2.27 -4.26
N LEU B 327 -44.49 -1.48 -3.41
CA LEU B 327 -43.44 -0.56 -3.84
C LEU B 327 -42.22 -1.25 -4.44
N ASP B 328 -41.96 -2.48 -4.00
CA ASP B 328 -40.74 -3.20 -4.38
C ASP B 328 -40.78 -3.76 -5.81
N LYS B 329 -41.98 -3.94 -6.34
CA LYS B 329 -42.13 -4.49 -7.70
C LYS B 329 -42.62 -3.46 -8.71
N ASP B 330 -43.02 -2.28 -8.22
CA ASP B 330 -43.46 -1.21 -9.10
C ASP B 330 -42.27 -0.45 -9.68
N ILE B 331 -42.07 -0.60 -10.98
CA ILE B 331 -40.93 0.00 -11.68
C ILE B 331 -40.93 1.53 -11.59
N SER B 332 -42.11 2.13 -11.71
CA SER B 332 -42.25 3.58 -11.68
C SER B 332 -41.72 4.19 -10.38
N TYR B 333 -42.09 3.59 -9.25
CA TYR B 333 -41.65 4.09 -7.96
C TYR B 333 -40.14 3.93 -7.76
N GLN B 334 -39.57 2.87 -8.34
CA GLN B 334 -38.13 2.66 -8.28
C GLN B 334 -37.40 3.74 -9.08
N TYR B 335 -37.90 3.97 -10.29
CA TYR B 335 -37.37 5.02 -11.14
C TYR B 335 -37.50 6.37 -10.42
N LEU B 336 -38.55 6.51 -9.63
CA LEU B 336 -38.72 7.70 -8.79
C LEU B 336 -37.69 7.76 -7.66
N ARG B 337 -37.30 6.59 -7.14
CA ARG B 337 -36.23 6.52 -6.15
C ARG B 337 -34.98 7.09 -6.80
N TYR B 338 -34.74 6.70 -8.05
CA TYR B 338 -33.59 7.21 -8.79
C TYR B 338 -33.65 8.73 -9.06
N LEU B 339 -34.80 9.21 -9.51
CA LEU B 339 -34.89 10.53 -10.11
C LEU B 339 -35.34 11.67 -9.19
N LEU B 340 -35.82 11.35 -7.99
CA LEU B 340 -36.32 12.38 -7.08
C LEU B 340 -35.34 12.73 -5.96
N GLU B 341 -34.91 13.98 -5.92
CA GLU B 341 -33.96 14.45 -4.91
C GLU B 341 -34.58 14.48 -3.51
N ASP B 342 -35.72 15.15 -3.40
CA ASP B 342 -36.39 15.32 -2.10
C ASP B 342 -36.99 14.01 -1.60
N ASP B 343 -36.59 13.61 -0.39
CA ASP B 343 -37.10 12.40 0.23
C ASP B 343 -38.58 12.52 0.59
N ASN B 344 -39.03 13.75 0.86
CA ASN B 344 -40.42 13.99 1.26
C ASN B 344 -41.44 13.64 0.18
N LYS B 345 -41.15 14.03 -1.06
CA LYS B 345 -42.00 13.70 -2.20
C LYS B 345 -42.09 12.20 -2.36
N LEU B 346 -40.92 11.57 -2.46
CA LEU B 346 -40.79 10.13 -2.65
C LEU B 346 -41.55 9.36 -1.57
N ASN B 347 -41.43 9.81 -0.33
CA ASN B 347 -42.10 9.20 0.81
C ASN B 347 -43.62 9.41 0.77
N GLU B 348 -44.03 10.57 0.27
CA GLU B 348 -45.45 10.88 0.15
C GLU B 348 -46.11 9.98 -0.88
N ILE B 349 -45.58 10.01 -2.10
CA ILE B 349 -46.06 9.16 -3.18
C ILE B 349 -46.02 7.68 -2.79
N GLY B 350 -44.94 7.29 -2.11
CA GLY B 350 -44.80 5.92 -1.65
C GLY B 350 -45.87 5.53 -0.65
N GLU B 351 -46.10 6.40 0.34
CA GLU B 351 -47.13 6.16 1.35
C GLU B 351 -48.52 6.07 0.75
N LYS B 352 -48.83 6.99 -0.17
CA LYS B 352 -50.13 6.98 -0.83
C LYS B 352 -50.33 5.75 -1.70
N TYR B 353 -49.28 5.37 -2.45
CA TYR B 353 -49.35 4.22 -3.34
C TYR B 353 -49.48 2.92 -2.56
N LYS B 354 -48.77 2.82 -1.44
CA LYS B 354 -48.78 1.61 -0.62
C LYS B 354 -50.11 1.47 0.14
N LYS B 355 -50.75 2.59 0.44
CA LYS B 355 -52.03 2.56 1.13
C LYS B 355 -53.20 2.53 0.15
N GLY B 356 -52.89 2.53 -1.14
CA GLY B 356 -53.90 2.33 -2.16
C GLY B 356 -54.58 3.57 -2.70
N GLU B 357 -54.31 4.73 -2.11
CA GLU B 357 -54.88 5.98 -2.58
C GLU B 357 -54.49 6.25 -4.03
N MET B 358 -53.20 6.16 -4.31
CA MET B 358 -52.67 6.46 -5.63
C MET B 358 -52.92 5.32 -6.62
N LEU B 359 -53.38 5.68 -7.81
CA LEU B 359 -53.57 4.71 -8.88
C LEU B 359 -52.24 4.51 -9.59
N SER B 360 -52.11 3.40 -10.32
CA SER B 360 -50.89 3.15 -11.08
C SER B 360 -50.68 4.25 -12.11
N GLY B 361 -51.74 4.61 -12.83
CA GLY B 361 -51.68 5.63 -13.85
C GLY B 361 -51.16 6.97 -13.38
N GLU B 362 -51.44 7.31 -12.13
CA GLU B 362 -50.97 8.57 -11.54
C GLU B 362 -49.45 8.56 -11.36
N ILE B 363 -48.94 7.51 -10.72
CA ILE B 363 -47.50 7.33 -10.54
C ILE B 363 -46.82 7.35 -11.90
N LYS B 364 -47.43 6.66 -12.86
CA LYS B 364 -46.99 6.66 -14.24
C LYS B 364 -46.87 8.09 -14.76
N LYS B 365 -47.91 8.89 -14.51
CA LYS B 365 -47.94 10.29 -14.95
C LYS B 365 -46.80 11.12 -14.36
N ILE B 366 -46.61 11.01 -13.05
CA ILE B 366 -45.52 11.71 -12.38
C ILE B 366 -44.16 11.33 -12.97
N LEU B 367 -43.94 10.02 -13.09
CA LEU B 367 -42.69 9.50 -13.67
C LEU B 367 -42.48 10.07 -15.07
N ILE B 368 -43.56 10.11 -15.86
CA ILE B 368 -43.51 10.66 -17.22
C ILE B 368 -43.11 12.12 -17.20
N ASP B 369 -43.67 12.89 -16.27
CA ASP B 369 -43.32 14.30 -16.14
C ASP B 369 -41.84 14.51 -15.79
N VAL B 370 -41.39 13.86 -14.72
CA VAL B 370 -39.98 13.93 -14.30
C VAL B 370 -39.04 13.55 -15.44
N LEU B 371 -39.28 12.37 -16.02
CA LEU B 371 -38.51 11.87 -17.15
C LEU B 371 -38.48 12.83 -18.33
N THR B 372 -39.63 13.41 -18.65
CA THR B 372 -39.74 14.34 -19.77
C THR B 372 -38.91 15.59 -19.52
N GLU B 373 -39.03 16.16 -18.33
CA GLU B 373 -38.23 17.32 -17.95
C GLU B 373 -36.74 17.02 -18.06
N LEU B 374 -36.33 15.91 -17.45
CA LEU B 374 -34.94 15.47 -17.46
C LEU B 374 -34.38 15.32 -18.88
N VAL B 375 -35.06 14.52 -19.69
CA VAL B 375 -34.62 14.22 -21.05
C VAL B 375 -34.61 15.49 -21.94
N LEU B 376 -35.64 16.33 -21.80
CA LEU B 376 -35.69 17.59 -22.54
C LEU B 376 -34.51 18.50 -22.20
N LYS B 377 -34.27 18.69 -20.90
CA LYS B 377 -33.14 19.46 -20.43
C LYS B 377 -31.84 18.91 -20.99
N HIS B 378 -31.67 17.60 -20.89
CA HIS B 378 -30.50 16.89 -21.40
C HIS B 378 -30.27 17.16 -22.88
N GLN B 379 -31.34 17.09 -23.66
CA GLN B 379 -31.26 17.31 -25.10
C GLN B 379 -30.92 18.75 -25.44
N GLU B 380 -31.50 19.70 -24.71
CA GLU B 380 -31.18 21.11 -24.88
C GLU B 380 -29.70 21.36 -24.64
N LYS B 381 -29.21 20.88 -23.49
CA LYS B 381 -27.80 21.01 -23.15
C LYS B 381 -26.91 20.36 -24.21
N LYS B 382 -27.35 19.22 -24.71
CA LYS B 382 -26.58 18.47 -25.71
C LYS B 382 -26.46 19.24 -27.02
N LYS B 383 -27.57 19.82 -27.46
CA LYS B 383 -27.57 20.62 -28.68
C LYS B 383 -26.78 21.90 -28.49
N SER B 384 -26.74 22.39 -27.25
CA SER B 384 -26.04 23.63 -26.94
C SER B 384 -24.52 23.51 -27.04
N LEU B 385 -24.01 22.29 -26.91
CA LEU B 385 -22.56 22.05 -26.84
C LEU B 385 -21.79 22.45 -28.10
N THR B 386 -20.80 23.34 -27.93
CA THR B 386 -19.93 23.75 -29.02
C THR B 386 -18.69 22.87 -29.07
N ASP B 387 -18.04 22.82 -30.23
CA ASP B 387 -16.82 22.03 -30.40
C ASP B 387 -15.72 22.48 -29.44
N GLU B 388 -15.64 23.78 -29.18
CA GLU B 388 -14.65 24.32 -28.26
C GLU B 388 -14.90 23.84 -26.83
N GLU B 389 -16.16 23.91 -26.40
CA GLU B 389 -16.57 23.45 -25.08
C GLU B 389 -16.22 21.98 -24.87
N ILE B 390 -16.51 21.15 -25.87
CA ILE B 390 -16.21 19.73 -25.82
C ILE B 390 -14.70 19.51 -25.76
N SER B 391 -13.97 20.18 -26.65
CA SER B 391 -12.52 20.08 -26.71
C SER B 391 -11.87 20.46 -25.40
N TYR B 392 -12.47 21.40 -24.68
CA TYR B 392 -11.94 21.85 -23.39
C TYR B 392 -11.87 20.69 -22.41
N PHE B 393 -12.86 19.81 -22.45
CA PHE B 393 -12.90 18.63 -21.58
C PHE B 393 -11.70 17.71 -21.77
N PHE B 394 -11.08 17.77 -22.95
CA PHE B 394 -9.96 16.90 -23.28
C PHE B 394 -8.61 17.57 -23.01
N ASP B 395 -8.65 18.74 -22.38
CA ASP B 395 -7.44 19.49 -22.07
C ASP B 395 -6.93 19.14 -20.66
N PRO B 396 -5.74 18.51 -20.59
CA PRO B 396 -5.16 18.10 -19.31
C PRO B 396 -4.45 19.24 -18.61
N ASN B 397 -4.32 20.38 -19.28
CA ASN B 397 -3.53 21.49 -18.76
C ASN B 397 -4.36 22.62 -18.14
N LYS B 398 -5.54 22.28 -17.64
CA LYS B 398 -6.35 23.25 -16.90
C LYS B 398 -5.71 23.51 -15.54
N PRO B 399 -5.47 24.78 -15.22
CA PRO B 399 -4.98 25.19 -13.90
C PRO B 399 -5.88 24.70 -12.77
N SER B 400 -7.18 24.72 -13.01
CA SER B 400 -8.16 24.24 -12.04
C SER B 400 -7.99 22.74 -11.73
N LEU B 401 -7.43 22.00 -12.67
CA LEU B 401 -7.08 20.60 -12.45
C LEU B 401 -5.73 20.52 -11.73
N GLN B 402 -4.86 21.44 -11.98
CA GLN B 402 -3.52 21.35 -11.48
C GLN B 402 -3.35 21.83 -10.06
N LYS B 403 -4.40 22.35 -9.48
CA LYS B 403 -4.36 23.02 -8.22
C LYS B 403 -3.83 22.06 -7.23
N PHE B 404 -4.28 20.84 -7.34
CA PHE B 404 -3.93 19.76 -6.45
C PHE B 404 -2.46 19.37 -6.43
N LYS B 405 -1.91 19.19 -7.60
CA LYS B 405 -0.52 18.85 -7.86
C LYS B 405 0.43 20.00 -7.49
N ASN B 406 -0.04 21.22 -7.76
CA ASN B 406 0.72 22.43 -7.50
C ASN B 406 1.02 22.67 -6.03
N MET B 407 0.05 22.41 -5.16
CA MET B 407 0.27 22.54 -3.72
C MET B 407 1.39 21.58 -3.28
N GLU B 408 1.27 20.34 -3.74
CA GLU B 408 2.25 19.30 -3.45
C GLU B 408 3.65 19.69 -3.89
N ASN B 409 3.77 20.11 -5.14
CA ASN B 409 5.04 20.61 -5.65
C ASN B 409 5.57 21.74 -4.76
N LEU B 410 4.67 22.68 -4.45
CA LEU B 410 4.98 23.81 -3.60
C LEU B 410 5.64 23.37 -2.29
N TYR B 411 5.13 22.29 -1.71
CA TYR B 411 5.71 21.81 -0.45
C TYR B 411 6.93 20.89 -0.57
N PHE B 412 7.05 20.14 -1.66
CA PHE B 412 8.04 19.07 -1.73
C PHE B 412 9.30 19.30 -2.58
N GLN B 413 9.44 20.49 -3.17
CA GLN B 413 10.72 20.88 -3.74
C GLN B 413 11.36 22.00 -2.93
N ILE C 20 -21.72 -30.89 22.44
CA ILE C 20 -20.57 -30.55 23.27
C ILE C 20 -20.63 -31.28 24.61
N ASN C 21 -19.56 -31.99 24.94
CA ASN C 21 -19.48 -32.73 26.20
C ASN C 21 -18.84 -31.88 27.30
N TYR C 22 -19.68 -31.30 28.15
CA TYR C 22 -19.20 -30.37 29.18
C TYR C 22 -18.37 -31.03 30.28
N ASN C 23 -18.82 -32.18 30.75
CA ASN C 23 -18.10 -32.94 31.74
C ASN C 23 -16.73 -33.35 31.27
N LYS C 24 -16.63 -33.54 29.98
CA LYS C 24 -15.38 -33.87 29.32
C LYS C 24 -14.48 -32.65 29.29
N LEU C 25 -15.08 -31.47 29.08
CA LEU C 25 -14.35 -30.22 29.01
C LEU C 25 -13.77 -29.82 30.37
N ILE C 26 -14.59 -29.97 31.42
CA ILE C 26 -14.18 -29.68 32.78
C ILE C 26 -12.88 -30.41 33.16
N LYS C 27 -12.83 -31.70 32.86
CA LYS C 27 -11.66 -32.51 33.18
C LYS C 27 -10.53 -32.29 32.18
N GLU C 28 -10.87 -31.95 30.94
CA GLU C 28 -9.85 -31.72 29.91
C GLU C 28 -9.05 -30.44 30.17
N PHE C 29 -9.72 -29.42 30.69
CA PHE C 29 -9.06 -28.13 30.93
C PHE C 29 -8.89 -27.80 32.41
N GLY C 30 -9.07 -28.81 33.26
CA GLY C 30 -8.79 -28.65 34.67
C GLY C 30 -9.70 -27.69 35.41
N CYS C 31 -11.00 -27.88 35.25
CA CYS C 31 -11.98 -27.09 35.99
C CYS C 31 -12.65 -27.98 37.04
N SER C 32 -13.63 -27.44 37.75
CA SER C 32 -14.36 -28.21 38.73
C SER C 32 -15.85 -27.93 38.60
N LYS C 33 -16.66 -28.96 38.76
CA LYS C 33 -18.11 -28.80 38.70
C LYS C 33 -18.60 -28.06 39.93
N ILE C 34 -19.61 -27.21 39.78
CA ILE C 34 -20.19 -26.51 40.91
C ILE C 34 -21.13 -27.44 41.67
N THR C 35 -20.90 -27.59 42.97
CA THR C 35 -21.59 -28.57 43.79
C THR C 35 -22.70 -27.94 44.63
N GLU C 36 -23.50 -28.80 45.26
CA GLU C 36 -24.56 -28.35 46.16
C GLU C 36 -23.98 -27.66 47.40
N ASN C 37 -22.79 -28.08 47.80
CA ASN C 37 -22.09 -27.45 48.92
C ASN C 37 -21.75 -26.00 48.62
N HIS C 38 -21.23 -25.76 47.41
CA HIS C 38 -20.97 -24.41 46.93
C HIS C 38 -22.21 -23.55 47.05
N ILE C 39 -23.34 -24.10 46.62
CA ILE C 39 -24.63 -23.40 46.66
C ILE C 39 -25.06 -23.09 48.10
N LYS C 40 -24.98 -24.08 48.97
CA LYS C 40 -25.36 -23.93 50.37
C LYS C 40 -24.52 -22.84 51.04
N ARG C 41 -23.24 -22.81 50.70
CA ARG C 41 -22.33 -21.81 51.25
C ARG C 41 -22.62 -20.42 50.67
N ILE C 42 -23.01 -20.37 49.40
CA ILE C 42 -23.39 -19.12 48.75
C ILE C 42 -24.63 -18.53 49.43
N GLU C 43 -25.63 -19.38 49.66
CA GLU C 43 -26.86 -18.94 50.33
C GLU C 43 -26.59 -18.55 51.78
N LYS C 44 -25.68 -19.27 52.43
CA LYS C 44 -25.29 -18.97 53.81
C LYS C 44 -24.62 -17.61 53.92
N LEU C 45 -23.72 -17.33 52.98
CA LEU C 45 -22.93 -16.10 53.02
C LEU C 45 -23.68 -14.87 52.50
N THR C 46 -24.59 -15.09 51.56
CA THR C 46 -25.35 -14.01 50.94
C THR C 46 -26.70 -13.78 51.61
N ASN C 47 -27.06 -14.68 52.51
CA ASN C 47 -28.33 -14.59 53.25
C ASN C 47 -29.55 -14.54 52.33
N SER C 48 -29.42 -15.18 51.17
CA SER C 48 -30.50 -15.23 50.19
C SER C 48 -30.37 -16.48 49.34
N LYS C 49 -31.39 -16.75 48.52
CA LYS C 49 -31.37 -17.92 47.66
C LYS C 49 -30.38 -17.73 46.52
N ALA C 50 -29.64 -18.79 46.19
CA ALA C 50 -28.72 -18.74 45.06
C ALA C 50 -29.49 -18.47 43.78
N HIS C 51 -28.83 -17.82 42.82
CA HIS C 51 -29.47 -17.55 41.53
C HIS C 51 -29.78 -18.87 40.83
N HIS C 52 -30.81 -18.86 39.98
CA HIS C 52 -31.23 -20.09 39.30
C HIS C 52 -30.23 -20.56 38.25
N PHE C 53 -29.34 -19.66 37.81
CA PHE C 53 -28.29 -20.02 36.89
C PHE C 53 -27.36 -21.07 37.50
N ILE C 54 -27.13 -20.95 38.81
CA ILE C 54 -26.27 -21.87 39.53
C ILE C 54 -27.00 -23.17 39.86
N ARG C 55 -28.23 -23.04 40.35
CA ARG C 55 -29.03 -24.19 40.75
C ARG C 55 -29.32 -25.11 39.57
N ARG C 56 -29.46 -24.54 38.38
CA ARG C 56 -29.82 -25.30 37.19
C ARG C 56 -28.62 -25.62 36.32
N GLY C 57 -27.42 -25.35 36.83
CA GLY C 57 -26.19 -25.72 36.16
C GLY C 57 -25.94 -25.01 34.84
N ILE C 58 -26.46 -23.79 34.71
CA ILE C 58 -26.16 -22.96 33.56
C ILE C 58 -24.75 -22.40 33.72
N PHE C 59 -24.49 -21.84 34.91
CA PHE C 59 -23.13 -21.60 35.35
C PHE C 59 -22.73 -22.80 36.18
N PHE C 60 -21.83 -23.63 35.64
CA PHE C 60 -21.65 -24.98 36.13
C PHE C 60 -20.21 -25.32 36.56
N SER C 61 -19.23 -24.69 35.94
CA SER C 61 -17.84 -24.99 36.25
C SER C 61 -17.10 -23.79 36.83
N HIS C 62 -16.04 -24.08 37.58
CA HIS C 62 -15.31 -23.04 38.30
C HIS C 62 -13.85 -23.40 38.54
N ARG C 63 -13.07 -22.38 38.88
CA ARG C 63 -11.74 -22.58 39.44
C ARG C 63 -11.57 -21.66 40.65
N ASP C 64 -11.22 -22.27 41.78
CA ASP C 64 -10.94 -21.58 43.04
C ASP C 64 -12.15 -20.88 43.67
N LEU C 65 -13.35 -21.38 43.39
CA LEU C 65 -14.57 -20.83 43.99
C LEU C 65 -14.56 -21.00 45.51
N ASP C 66 -14.02 -22.12 45.99
CA ASP C 66 -13.92 -22.37 47.43
C ASP C 66 -13.04 -21.32 48.10
N PHE C 67 -11.90 -21.05 47.48
CA PHE C 67 -11.00 -19.99 47.95
C PHE C 67 -11.72 -18.66 48.03
N LEU C 68 -12.50 -18.35 47.00
CA LEU C 68 -13.23 -17.09 46.94
C LEU C 68 -14.27 -16.99 48.05
N LEU C 69 -15.03 -18.06 48.24
CA LEU C 69 -16.07 -18.08 49.25
C LEU C 69 -15.49 -17.97 50.66
N ASN C 70 -14.39 -18.67 50.90
CA ASN C 70 -13.69 -18.55 52.18
C ASN C 70 -13.15 -17.15 52.40
N TYR C 71 -12.65 -16.55 51.32
CA TYR C 71 -12.09 -15.20 51.37
C TYR C 71 -13.18 -14.18 51.67
N TYR C 72 -14.37 -14.42 51.14
CA TYR C 72 -15.50 -13.53 51.38
C TYR C 72 -15.98 -13.71 52.81
N GLU C 73 -15.97 -14.94 53.27
CA GLU C 73 -16.38 -15.25 54.64
C GLU C 73 -15.45 -14.55 55.63
N GLN C 74 -14.16 -14.54 55.31
CA GLN C 74 -13.14 -14.02 56.22
C GLN C 74 -12.93 -12.51 56.12
N HIS C 75 -13.18 -11.94 54.95
CA HIS C 75 -12.82 -10.55 54.68
C HIS C 75 -13.96 -9.71 54.11
N LYS C 76 -15.03 -10.38 53.65
CA LYS C 76 -16.16 -9.71 53.02
C LYS C 76 -15.74 -8.80 51.87
N CYS C 77 -14.70 -9.21 51.16
CA CYS C 77 -14.14 -8.37 50.12
C CYS C 77 -13.69 -9.17 48.90
N PHE C 78 -14.17 -8.76 47.73
CA PHE C 78 -13.65 -9.20 46.43
C PHE C 78 -14.34 -8.38 45.36
N TYR C 79 -14.01 -8.62 44.09
CA TYR C 79 -14.67 -7.91 43.01
C TYR C 79 -14.93 -8.78 41.79
N ILE C 80 -15.95 -8.40 41.04
CA ILE C 80 -16.35 -9.16 39.86
C ILE C 80 -15.78 -8.46 38.63
N TYR C 81 -15.41 -9.25 37.62
CA TYR C 81 -14.94 -8.69 36.36
C TYR C 81 -15.47 -9.48 35.19
N THR C 82 -16.12 -8.79 34.26
CA THR C 82 -16.55 -9.42 33.02
C THR C 82 -16.42 -8.41 31.89
N GLY C 83 -16.68 -8.85 30.65
CA GLY C 83 -16.47 -7.97 29.52
C GLY C 83 -17.40 -8.21 28.35
N ARG C 84 -17.37 -7.27 27.40
CA ARG C 84 -18.19 -7.31 26.21
C ARG C 84 -17.41 -6.79 25.03
N GLY C 85 -17.37 -7.57 23.94
CA GLY C 85 -16.69 -7.16 22.73
C GLY C 85 -17.66 -6.63 21.70
N PRO C 86 -17.66 -5.30 21.50
CA PRO C 86 -18.63 -4.60 20.63
C PRO C 86 -18.37 -4.85 19.15
N SER C 87 -18.73 -6.03 18.66
CA SER C 87 -18.54 -6.36 17.26
C SER C 87 -19.82 -6.18 16.43
N SER C 88 -20.90 -5.82 17.10
CA SER C 88 -22.18 -5.62 16.42
C SER C 88 -23.12 -4.69 17.18
N LEU C 89 -24.11 -4.18 16.46
CA LEU C 89 -25.10 -3.26 17.02
C LEU C 89 -26.24 -4.03 17.66
N SER C 90 -26.41 -5.28 17.23
CA SER C 90 -27.55 -6.10 17.63
C SER C 90 -27.18 -7.20 18.61
N MET C 91 -27.39 -6.93 19.89
CA MET C 91 -27.15 -7.93 20.93
C MET C 91 -28.38 -8.81 21.13
N HIS C 92 -28.15 -10.04 21.61
CA HIS C 92 -29.25 -10.94 21.95
C HIS C 92 -29.08 -11.50 23.36
N LEU C 93 -30.09 -12.22 23.85
CA LEU C 93 -30.13 -12.68 25.24
C LEU C 93 -28.88 -13.44 25.70
N GLY C 94 -28.30 -14.22 24.80
CA GLY C 94 -27.09 -14.97 25.11
C GLY C 94 -25.96 -14.07 25.54
N HIS C 95 -25.88 -12.89 24.93
CA HIS C 95 -24.88 -11.90 25.30
C HIS C 95 -25.16 -11.34 26.69
N LEU C 96 -26.44 -11.30 27.05
CA LEU C 96 -26.86 -10.69 28.32
C LEU C 96 -26.84 -11.66 29.50
N ILE C 97 -26.77 -12.96 29.22
CA ILE C 97 -26.72 -13.96 30.28
C ILE C 97 -25.69 -13.69 31.40
N PRO C 98 -24.42 -13.43 31.03
CA PRO C 98 -23.45 -13.20 32.12
C PRO C 98 -23.68 -11.89 32.87
N PHE C 99 -24.34 -10.93 32.23
CA PHE C 99 -24.59 -9.62 32.85
C PHE C 99 -25.76 -9.67 33.84
N TYR C 100 -26.76 -10.51 33.53
CA TYR C 100 -27.81 -10.81 34.49
C TYR C 100 -27.19 -11.48 35.71
N PHE C 101 -26.25 -12.38 35.45
CA PHE C 101 -25.58 -13.12 36.52
C PHE C 101 -24.71 -12.21 37.37
N CYS C 102 -23.98 -11.30 36.73
CA CYS C 102 -23.16 -10.33 37.45
C CYS C 102 -24.02 -9.39 38.27
N LYS C 103 -25.22 -9.10 37.77
CA LYS C 103 -26.18 -8.28 38.52
C LYS C 103 -26.52 -8.93 39.85
N TYR C 104 -26.75 -10.24 39.82
CA TYR C 104 -27.05 -11.01 41.02
C TYR C 104 -25.87 -11.01 42.01
N LEU C 105 -24.70 -11.41 41.51
CA LEU C 105 -23.49 -11.47 42.32
C LEU C 105 -23.18 -10.11 42.95
N GLN C 106 -23.40 -9.05 42.18
CA GLN C 106 -23.19 -7.68 42.63
C GLN C 106 -24.07 -7.36 43.84
N GLU C 107 -25.31 -7.83 43.80
CA GLU C 107 -26.27 -7.54 44.87
C GLU C 107 -26.17 -8.52 46.03
N ALA C 108 -25.82 -9.77 45.73
CA ALA C 108 -25.81 -10.82 46.74
C ALA C 108 -24.64 -10.66 47.70
N PHE C 109 -23.47 -10.39 47.16
CA PHE C 109 -22.27 -10.23 47.97
C PHE C 109 -21.99 -8.78 48.30
N ASN C 110 -22.69 -7.87 47.62
CA ASN C 110 -22.46 -6.44 47.77
C ASN C 110 -21.00 -6.09 47.50
N VAL C 111 -20.55 -6.38 46.28
CA VAL C 111 -19.16 -6.17 45.88
C VAL C 111 -19.12 -5.41 44.55
N PRO C 112 -17.99 -4.74 44.27
CA PRO C 112 -17.92 -3.97 43.02
C PRO C 112 -17.92 -4.87 41.78
N LEU C 113 -18.55 -4.37 40.71
CA LEU C 113 -18.51 -5.04 39.42
C LEU C 113 -17.74 -4.19 38.42
N VAL C 114 -16.88 -4.84 37.65
CA VAL C 114 -16.05 -4.18 36.66
C VAL C 114 -16.32 -4.76 35.29
N ILE C 115 -16.62 -3.90 34.32
CA ILE C 115 -16.94 -4.35 32.98
C ILE C 115 -16.04 -3.72 31.92
N GLN C 116 -15.34 -4.58 31.18
CA GLN C 116 -14.42 -4.13 30.16
C GLN C 116 -15.09 -4.12 28.79
N LEU C 117 -14.91 -3.03 28.04
CA LEU C 117 -15.36 -3.04 26.65
C LEU C 117 -14.17 -3.02 25.70
N SER C 118 -13.89 -4.19 25.13
CA SER C 118 -12.74 -4.40 24.26
C SER C 118 -12.97 -3.81 22.88
N ASP C 119 -13.13 -2.49 22.83
CA ASP C 119 -13.26 -1.79 21.56
C ASP C 119 -11.98 -1.91 20.76
N ASP C 120 -10.85 -1.96 21.46
CA ASP C 120 -9.56 -2.17 20.84
C ASP C 120 -9.49 -3.52 20.13
N GLU C 121 -9.98 -4.57 20.82
CA GLU C 121 -10.00 -5.90 20.26
C GLU C 121 -10.83 -5.94 18.98
N LYS C 122 -12.06 -5.42 19.06
CA LYS C 122 -12.95 -5.42 17.91
C LYS C 122 -12.45 -4.53 16.78
N TYR C 123 -11.65 -3.52 17.11
CA TYR C 123 -11.02 -2.70 16.09
C TYR C 123 -9.89 -3.46 15.40
N LEU C 124 -9.16 -4.26 16.17
CA LEU C 124 -7.99 -4.97 15.68
C LEU C 124 -8.34 -6.24 14.89
N PHE C 125 -9.46 -6.87 15.25
CA PHE C 125 -9.85 -8.14 14.65
C PHE C 125 -10.77 -7.97 13.45
N ASN C 126 -11.37 -6.78 13.33
CA ASN C 126 -12.23 -6.49 12.18
C ASN C 126 -11.56 -5.51 11.20
N GLN C 127 -11.07 -6.06 10.09
CA GLN C 127 -10.21 -5.34 9.16
C GLN C 127 -10.79 -4.02 8.61
N ASN C 128 -12.07 -4.03 8.28
CA ASN C 128 -12.69 -2.87 7.63
C ASN C 128 -13.44 -1.96 8.60
N TYR C 129 -13.34 -2.26 9.90
CA TYR C 129 -13.98 -1.43 10.91
C TYR C 129 -13.05 -0.32 11.38
N SER C 130 -13.59 0.89 11.52
CA SER C 130 -12.83 2.01 12.08
C SER C 130 -13.13 2.15 13.56
N LEU C 131 -12.36 2.99 14.24
CA LEU C 131 -12.55 3.21 15.68
C LEU C 131 -13.86 3.92 16.02
N GLU C 132 -14.27 4.84 15.16
CA GLU C 132 -15.53 5.57 15.35
C GLU C 132 -16.71 4.60 15.35
N TYR C 133 -16.75 3.75 14.31
CA TYR C 133 -17.78 2.74 14.14
C TYR C 133 -17.87 1.83 15.36
N ILE C 134 -16.72 1.27 15.73
CA ILE C 134 -16.59 0.45 16.92
C ILE C 134 -17.10 1.20 18.15
N ASN C 135 -16.89 2.52 18.19
CA ASN C 135 -17.36 3.32 19.31
C ASN C 135 -18.88 3.45 19.33
N THR C 136 -19.49 3.58 18.16
CA THR C 136 -20.95 3.57 18.06
C THR C 136 -21.50 2.26 18.63
N LEU C 137 -20.98 1.16 18.07
CA LEU C 137 -21.34 -0.18 18.54
C LEU C 137 -21.19 -0.29 20.06
N THR C 138 -20.11 0.29 20.56
CA THR C 138 -19.72 0.22 21.96
C THR C 138 -20.72 0.95 22.84
N ASN C 139 -21.05 2.18 22.48
CA ASN C 139 -22.04 2.95 23.22
C ASN C 139 -23.38 2.21 23.28
N GLU C 140 -23.83 1.72 22.13
CA GLU C 140 -25.12 1.00 22.17
C GLU C 140 -25.08 -0.26 23.02
N ASN C 141 -24.01 -1.04 22.87
CA ASN C 141 -23.83 -2.23 23.69
C ASN C 141 -23.80 -1.88 25.18
N VAL C 142 -23.20 -0.74 25.51
CA VAL C 142 -23.15 -0.25 26.88
C VAL C 142 -24.56 0.01 27.38
N LYS C 143 -25.37 0.69 26.57
CA LYS C 143 -26.76 0.92 26.99
C LYS C 143 -27.56 -0.37 27.16
N ASP C 144 -27.35 -1.33 26.26
CA ASP C 144 -27.97 -2.65 26.38
C ASP C 144 -27.56 -3.34 27.68
N ILE C 145 -26.28 -3.23 28.03
CA ILE C 145 -25.73 -3.84 29.24
C ILE C 145 -26.30 -3.20 30.51
N ILE C 146 -26.30 -1.88 30.55
CA ILE C 146 -26.86 -1.13 31.67
C ILE C 146 -28.34 -1.43 31.84
N SER C 147 -29.05 -1.60 30.73
CA SER C 147 -30.48 -1.88 30.75
C SER C 147 -30.84 -3.23 31.39
N VAL C 148 -29.83 -3.99 31.80
CA VAL C 148 -30.03 -5.25 32.49
C VAL C 148 -30.53 -5.04 33.92
N GLY C 149 -30.10 -3.95 34.54
CA GLY C 149 -30.51 -3.65 35.90
C GLY C 149 -29.33 -3.59 36.86
N LEU C 150 -28.14 -3.35 36.31
CA LEU C 150 -26.94 -3.23 37.11
C LEU C 150 -27.06 -2.09 38.11
N ASN C 151 -26.54 -2.31 39.32
CA ASN C 151 -26.46 -1.25 40.31
C ASN C 151 -25.44 -0.22 39.87
N PRO C 152 -25.89 1.01 39.59
CA PRO C 152 -25.00 2.10 39.14
C PRO C 152 -23.97 2.45 40.20
N GLU C 153 -24.30 2.17 41.46
CA GLU C 153 -23.41 2.49 42.57
C GLU C 153 -22.28 1.47 42.72
N LEU C 154 -22.55 0.23 42.32
CA LEU C 154 -21.60 -0.86 42.47
C LEU C 154 -21.00 -1.27 41.13
N THR C 155 -21.04 -0.38 40.15
CA THR C 155 -20.56 -0.74 38.80
C THR C 155 -19.55 0.25 38.26
N PHE C 156 -18.49 -0.28 37.65
CA PHE C 156 -17.55 0.55 36.92
C PHE C 156 -17.33 -0.02 35.51
N ILE C 157 -17.73 0.75 34.51
CA ILE C 157 -17.58 0.35 33.12
C ILE C 157 -16.45 1.17 32.50
N PHE C 158 -15.67 0.55 31.61
CA PHE C 158 -14.60 1.26 30.93
C PHE C 158 -14.36 0.75 29.52
N LYS C 159 -13.95 1.65 28.64
CA LYS C 159 -13.48 1.27 27.31
C LYS C 159 -11.95 1.20 27.40
N ASN C 160 -11.36 0.20 26.74
CA ASN C 160 -9.91 0.07 26.75
C ASN C 160 -9.23 1.26 26.09
N THR C 161 -9.86 1.79 25.04
CA THR C 161 -9.36 2.98 24.34
C THR C 161 -9.19 4.18 25.27
N GLU C 162 -9.85 4.14 26.43
CA GLU C 162 -9.80 5.24 27.39
C GLU C 162 -9.08 4.89 28.69
N TYR C 163 -9.00 3.59 29.00
CA TYR C 163 -8.50 3.13 30.30
C TYR C 163 -7.14 2.42 30.18
N ALA C 164 -6.66 2.36 28.95
CA ALA C 164 -5.38 1.71 28.65
C ALA C 164 -4.24 2.22 29.51
N GLY C 165 -4.26 3.51 29.83
CA GLY C 165 -3.22 4.10 30.66
C GLY C 165 -3.25 3.54 32.07
N TYR C 166 -4.43 3.20 32.55
CA TYR C 166 -4.58 2.59 33.86
C TYR C 166 -4.26 1.11 33.79
N LEU C 167 -4.40 0.52 32.60
CA LEU C 167 -4.11 -0.91 32.44
C LEU C 167 -2.65 -1.25 32.13
N TYR C 168 -1.89 -0.26 31.66
CA TYR C 168 -0.63 -0.54 30.94
C TYR C 168 0.52 -1.18 31.73
N PRO C 169 0.87 -0.66 32.93
CA PRO C 169 1.94 -1.31 33.69
C PRO C 169 1.67 -2.79 33.96
N THR C 170 0.41 -3.12 34.25
CA THR C 170 0.03 -4.51 34.47
C THR C 170 0.13 -5.30 33.17
N VAL C 171 -0.32 -4.70 32.08
CA VAL C 171 -0.25 -5.32 30.75
C VAL C 171 1.20 -5.64 30.37
N LEU C 172 2.12 -4.73 30.71
CA LEU C 172 3.54 -4.92 30.44
C LEU C 172 4.10 -6.15 31.14
N SER C 173 3.69 -6.37 32.39
CA SER C 173 4.14 -7.52 33.16
C SER C 173 3.62 -8.81 32.55
N ILE C 174 2.38 -8.78 32.06
CA ILE C 174 1.75 -9.91 31.41
C ILE C 174 2.39 -10.15 30.03
N HIS C 175 2.68 -9.06 29.33
CA HIS C 175 3.38 -9.12 28.05
C HIS C 175 4.70 -9.86 28.20
N LYS C 176 5.47 -9.46 29.20
CA LYS C 176 6.82 -9.99 29.43
C LYS C 176 6.78 -11.47 29.80
N LYS C 177 5.68 -11.91 30.40
CA LYS C 177 5.53 -13.29 30.84
C LYS C 177 4.72 -14.11 29.86
N THR C 178 4.56 -13.58 28.65
CA THR C 178 3.88 -14.31 27.58
C THR C 178 4.76 -14.32 26.33
N THR C 179 5.30 -15.49 25.99
CA THR C 179 6.08 -15.63 24.78
C THR C 179 5.16 -15.59 23.56
N LEU C 180 5.71 -15.25 22.41
CA LEU C 180 4.95 -15.25 21.16
C LEU C 180 4.39 -16.64 20.88
N ASN C 181 5.22 -17.66 21.13
CA ASN C 181 4.82 -19.06 21.01
C ASN C 181 3.54 -19.36 21.77
N GLN C 182 3.47 -18.91 23.01
CA GLN C 182 2.30 -19.13 23.87
CA GLN C 182 2.31 -19.16 23.84
C GLN C 182 1.07 -18.45 23.32
N SER C 183 1.23 -17.19 22.93
CA SER C 183 0.12 -16.40 22.39
C SER C 183 -0.47 -17.10 21.16
N MET C 184 0.41 -17.49 20.25
CA MET C 184 -0.02 -18.13 19.00
C MET C 184 -0.62 -19.51 19.20
N ASN C 185 -0.03 -20.30 20.09
CA ASN C 185 -0.57 -21.64 20.41
C ASN C 185 -1.93 -21.57 21.09
N VAL C 186 -2.05 -20.68 22.08
CA VAL C 186 -3.27 -20.55 22.86
C VAL C 186 -4.41 -19.94 22.06
N PHE C 187 -4.13 -18.88 21.29
CA PHE C 187 -5.18 -18.14 20.62
C PHE C 187 -5.32 -18.42 19.13
N GLY C 188 -4.49 -19.32 18.60
CA GLY C 188 -4.58 -19.72 17.21
C GLY C 188 -4.22 -18.64 16.21
N PHE C 189 -3.26 -17.79 16.58
CA PHE C 189 -2.81 -16.72 15.70
C PHE C 189 -1.86 -17.24 14.63
N ASN C 190 -1.84 -16.59 13.47
CA ASN C 190 -0.85 -16.88 12.45
C ASN C 190 -0.06 -15.62 12.08
N HIS C 191 0.97 -15.80 11.23
CA HIS C 191 1.91 -14.71 10.94
C HIS C 191 1.33 -13.60 10.07
N SER C 192 0.07 -13.76 9.64
CA SER C 192 -0.59 -12.74 8.85
C SER C 192 -1.46 -11.85 9.74
N ASP C 193 -1.68 -12.30 10.97
CA ASP C 193 -2.42 -11.51 11.95
C ASP C 193 -1.59 -10.31 12.40
N ASN C 194 -2.26 -9.18 12.62
CA ASN C 194 -1.56 -7.98 13.09
C ASN C 194 -1.14 -8.10 14.54
N ILE C 195 -0.07 -7.39 14.90
CA ILE C 195 0.51 -7.46 16.24
C ILE C 195 -0.44 -6.97 17.33
N GLY C 196 -1.48 -6.24 16.93
CA GLY C 196 -2.50 -5.82 17.85
C GLY C 196 -3.31 -7.01 18.36
N LYS C 197 -3.61 -7.94 17.45
CA LYS C 197 -4.33 -9.16 17.81
C LYS C 197 -3.50 -10.01 18.76
N ILE C 198 -2.20 -10.07 18.50
CA ILE C 198 -1.27 -10.82 19.35
C ILE C 198 -1.13 -10.18 20.73
N SER C 199 -1.07 -8.85 20.78
CA SER C 199 -0.86 -8.14 22.04
C SER C 199 -2.12 -7.98 22.88
N TYR C 200 -3.30 -8.04 22.24
CA TYR C 200 -4.56 -7.80 22.95
C TYR C 200 -4.83 -8.63 24.23
N PRO C 201 -4.64 -9.96 24.19
CA PRO C 201 -5.04 -10.79 25.34
C PRO C 201 -4.52 -10.32 26.70
N SER C 202 -3.40 -9.62 26.73
CA SER C 202 -2.87 -9.09 27.99
C SER C 202 -3.82 -8.01 28.54
N PHE C 203 -4.49 -7.30 27.65
CA PHE C 203 -5.42 -6.25 28.05
C PHE C 203 -6.72 -6.84 28.61
N GLN C 204 -7.10 -8.01 28.13
CA GLN C 204 -8.26 -8.71 28.66
C GLN C 204 -7.93 -9.38 30.00
N ILE C 205 -6.67 -9.76 30.15
CA ILE C 205 -6.19 -10.42 31.35
C ILE C 205 -5.95 -9.43 32.50
N ALA C 206 -5.45 -8.24 32.15
CA ALA C 206 -5.09 -7.22 33.13
C ALA C 206 -6.10 -6.89 34.25
N PRO C 207 -7.39 -6.68 33.90
CA PRO C 207 -8.34 -6.29 34.95
C PRO C 207 -8.58 -7.37 36.02
N CYS C 208 -8.03 -8.56 35.83
CA CYS C 208 -8.11 -9.61 36.85
C CYS C 208 -7.27 -9.24 38.06
N PHE C 209 -6.56 -8.12 37.96
CA PHE C 209 -5.65 -7.69 39.02
C PHE C 209 -6.01 -6.27 39.48
N SER C 210 -6.34 -6.16 40.76
CA SER C 210 -6.95 -4.96 41.33
C SER C 210 -6.08 -3.70 41.28
N GLN C 211 -4.81 -3.86 40.92
CA GLN C 211 -3.91 -2.72 40.76
C GLN C 211 -4.33 -1.89 39.55
N CYS C 212 -5.16 -2.47 38.69
CA CYS C 212 -5.69 -1.76 37.52
C CYS C 212 -6.81 -0.81 37.88
N PHE C 213 -7.21 -0.80 39.15
CA PHE C 213 -8.27 0.09 39.61
C PHE C 213 -7.91 0.81 40.90
N PRO C 214 -6.84 1.62 40.87
CA PRO C 214 -6.34 2.27 42.10
C PRO C 214 -7.31 3.31 42.66
N ASN C 215 -8.23 3.78 41.86
CA ASN C 215 -9.23 4.70 42.31
C ASN C 215 -10.21 4.16 43.32
N PHE C 216 -10.65 2.93 43.13
CA PHE C 216 -11.57 2.33 44.07
C PHE C 216 -11.25 0.98 44.66
N LEU C 217 -10.13 0.37 44.34
CA LEU C 217 -9.85 -0.95 44.91
C LEU C 217 -8.51 -1.00 45.55
N GLY C 218 -8.37 -1.91 46.50
CA GLY C 218 -7.11 -2.13 47.18
C GLY C 218 -6.19 -2.98 46.32
N LYS C 219 -5.02 -3.33 46.86
CA LYS C 219 -4.07 -4.13 46.11
C LYS C 219 -4.30 -5.63 46.30
N ASN C 220 -4.18 -6.38 45.20
CA ASN C 220 -4.33 -7.83 45.21
C ASN C 220 -5.66 -8.30 45.81
N ILE C 221 -6.76 -7.73 45.33
CA ILE C 221 -8.09 -8.17 45.73
C ILE C 221 -8.55 -9.27 44.78
N PRO C 222 -8.98 -10.42 45.32
CA PRO C 222 -9.46 -11.54 44.51
C PRO C 222 -10.51 -11.12 43.50
N CYS C 223 -10.44 -11.70 42.30
CA CYS C 223 -11.31 -11.31 41.21
C CYS C 223 -12.16 -12.48 40.74
N LEU C 224 -13.48 -12.27 40.69
CA LEU C 224 -14.39 -13.28 40.17
C LEU C 224 -14.71 -12.97 38.72
N VAL C 225 -14.42 -13.92 37.83
CA VAL C 225 -14.67 -13.72 36.41
C VAL C 225 -15.73 -14.68 35.85
N PRO C 226 -16.98 -14.20 35.78
CA PRO C 226 -18.07 -14.90 35.10
C PRO C 226 -17.87 -14.76 33.59
N GLN C 227 -17.95 -15.86 32.86
CA GLN C 227 -17.62 -15.82 31.44
C GLN C 227 -18.27 -16.96 30.67
N GLY C 228 -18.37 -16.79 29.35
CA GLY C 228 -18.69 -17.91 28.49
C GLY C 228 -17.51 -18.85 28.52
N ILE C 229 -17.75 -20.12 28.19
CA ILE C 229 -16.70 -21.12 28.20
C ILE C 229 -15.59 -20.76 27.19
N ASP C 230 -15.99 -20.15 26.08
CA ASP C 230 -15.07 -19.83 24.99
C ASP C 230 -14.05 -18.75 25.37
N GLN C 231 -14.25 -18.12 26.52
CA GLN C 231 -13.32 -17.11 27.00
C GLN C 231 -12.26 -17.71 27.90
N ASP C 232 -12.37 -19.00 28.20
CA ASP C 232 -11.42 -19.67 29.10
C ASP C 232 -9.92 -19.54 28.76
N PRO C 233 -9.54 -19.66 27.47
CA PRO C 233 -8.11 -19.55 27.13
C PRO C 233 -7.44 -18.28 27.66
N TYR C 234 -8.16 -17.17 27.70
CA TYR C 234 -7.63 -15.94 28.27
C TYR C 234 -7.25 -16.13 29.73
N PHE C 235 -8.18 -16.72 30.50
CA PHE C 235 -8.06 -16.76 31.94
C PHE C 235 -7.40 -18.04 32.46
N ARG C 236 -7.16 -18.98 31.55
CA ARG C 236 -6.34 -20.14 31.85
C ARG C 236 -4.90 -19.66 31.84
N LEU C 237 -4.63 -18.69 30.97
CA LEU C 237 -3.32 -18.06 30.85
C LEU C 237 -3.11 -17.06 31.97
N SER C 238 -4.18 -16.40 32.39
CA SER C 238 -4.11 -15.39 33.45
C SER C 238 -3.71 -16.03 34.77
N ARG C 239 -4.10 -17.27 34.98
CA ARG C 239 -3.81 -17.98 36.23
C ARG C 239 -2.36 -18.45 36.31
N ASP C 240 -1.75 -18.74 35.17
CA ASP C 240 -0.34 -19.10 35.11
C ASP C 240 0.50 -17.85 35.40
N ILE C 241 0.12 -16.74 34.80
CA ILE C 241 0.86 -15.49 34.90
C ILE C 241 0.66 -14.83 36.28
N ALA C 242 -0.49 -15.07 36.89
CA ALA C 242 -0.77 -14.58 38.24
C ALA C 242 0.23 -15.14 39.24
N VAL C 243 0.59 -16.42 39.08
CA VAL C 243 1.58 -17.06 39.93
C VAL C 243 2.96 -16.41 39.72
N LYS C 244 3.29 -16.13 38.47
CA LYS C 244 4.55 -15.49 38.12
C LYS C 244 4.62 -14.06 38.64
N MET C 245 3.47 -13.39 38.69
CA MET C 245 3.41 -12.00 39.12
C MET C 245 3.21 -11.87 40.62
N ALA C 246 3.12 -13.00 41.30
CA ALA C 246 2.90 -13.05 42.75
C ALA C 246 1.60 -12.35 43.15
N LEU C 247 0.53 -12.63 42.39
CA LEU C 247 -0.79 -12.09 42.69
C LEU C 247 -1.80 -13.22 42.71
N HIS C 248 -2.98 -12.95 43.28
CA HIS C 248 -4.04 -13.95 43.34
C HIS C 248 -4.42 -14.46 41.96
N LYS C 249 -4.69 -15.75 41.87
CA LYS C 249 -5.17 -16.33 40.62
C LYS C 249 -6.65 -15.99 40.47
N PRO C 250 -7.04 -15.57 39.26
CA PRO C 250 -8.44 -15.21 38.98
C PRO C 250 -9.37 -16.37 39.30
N VAL C 251 -10.33 -16.15 40.18
CA VAL C 251 -11.37 -17.13 40.44
C VAL C 251 -12.27 -17.15 39.21
N VAL C 252 -12.42 -18.30 38.58
CA VAL C 252 -13.12 -18.34 37.30
C VAL C 252 -14.47 -19.05 37.38
N VAL C 253 -15.48 -18.53 36.70
CA VAL C 253 -16.80 -19.15 36.67
C VAL C 253 -17.35 -19.19 35.25
N HIS C 254 -17.71 -20.38 34.78
CA HIS C 254 -18.10 -20.56 33.38
C HIS C 254 -19.59 -20.78 33.18
N SER C 255 -20.10 -20.38 32.01
CA SER C 255 -21.49 -20.62 31.65
C SER C 255 -21.55 -21.55 30.44
N VAL C 256 -22.65 -22.29 30.33
CA VAL C 256 -22.90 -23.06 29.12
C VAL C 256 -23.31 -22.11 28.01
N PHE C 257 -22.97 -22.44 26.77
CA PHE C 257 -23.39 -21.64 25.64
C PHE C 257 -24.91 -21.70 25.50
N MET C 258 -25.53 -20.54 25.31
CA MET C 258 -26.98 -20.49 25.09
C MET C 258 -27.30 -21.10 23.73
N PRO C 259 -28.24 -22.06 23.69
CA PRO C 259 -28.55 -22.75 22.44
C PRO C 259 -29.31 -21.87 21.46
N GLY C 260 -29.26 -22.22 20.18
CA GLY C 260 -29.99 -21.49 19.16
C GLY C 260 -31.44 -21.93 19.06
N LEU C 261 -32.07 -21.62 17.93
CA LEU C 261 -33.47 -21.96 17.69
C LEU C 261 -34.40 -21.35 18.73
N ASN C 288 -28.42 -16.74 11.69
CA ASN C 288 -29.49 -16.14 10.89
C ASN C 288 -30.79 -16.06 11.67
N ASN C 289 -30.83 -15.17 12.66
CA ASN C 289 -31.99 -15.01 13.53
C ASN C 289 -32.48 -16.33 14.13
N SER C 290 -31.54 -17.14 14.59
CA SER C 290 -31.84 -18.29 15.42
C SER C 290 -31.74 -17.82 16.86
N VAL C 291 -31.82 -16.50 17.03
CA VAL C 291 -31.66 -15.85 18.32
C VAL C 291 -32.77 -14.83 18.55
N ILE C 292 -32.88 -14.36 19.78
CA ILE C 292 -33.86 -13.33 20.12
C ILE C 292 -33.15 -12.01 20.42
N PHE C 293 -33.28 -11.07 19.50
CA PHE C 293 -32.67 -9.75 19.67
C PHE C 293 -33.50 -8.90 20.63
N LEU C 294 -32.85 -7.99 21.34
CA LEU C 294 -33.53 -7.14 22.32
C LEU C 294 -34.10 -5.90 21.65
N THR C 295 -34.03 -5.89 20.32
CA THR C 295 -34.68 -4.87 19.52
C THR C 295 -35.96 -5.45 18.91
N ASP C 296 -36.08 -6.77 18.94
CA ASP C 296 -37.22 -7.47 18.35
C ASP C 296 -38.56 -7.08 19.00
N THR C 297 -39.64 -7.20 18.22
CA THR C 297 -40.99 -6.95 18.71
C THR C 297 -41.61 -8.24 19.23
N PRO C 298 -42.62 -8.11 20.11
CA PRO C 298 -43.49 -9.23 20.49
C PRO C 298 -43.98 -9.99 19.26
N GLU C 299 -44.22 -9.27 18.16
CA GLU C 299 -44.64 -9.88 16.91
C GLU C 299 -43.58 -10.83 16.35
N GLN C 300 -42.37 -10.31 16.12
CA GLN C 300 -41.25 -11.11 15.62
C GLN C 300 -40.85 -12.22 16.58
N ILE C 301 -40.97 -11.96 17.87
CA ILE C 301 -40.65 -12.97 18.88
C ILE C 301 -41.65 -14.12 18.76
N LYS C 302 -42.93 -13.76 18.64
CA LYS C 302 -44.00 -14.73 18.45
C LYS C 302 -43.77 -15.57 17.19
N ASN C 303 -43.47 -14.89 16.09
CA ASN C 303 -43.22 -15.56 14.81
C ASN C 303 -42.02 -16.51 14.86
N LYS C 304 -40.90 -16.03 15.42
CA LYS C 304 -39.68 -16.82 15.51
C LYS C 304 -39.87 -18.04 16.41
N ILE C 305 -40.50 -17.82 17.56
CA ILE C 305 -40.76 -18.91 18.50
C ILE C 305 -41.71 -19.95 17.90
N ASN C 306 -42.78 -19.48 17.26
CA ASN C 306 -43.76 -20.38 16.67
C ASN C 306 -43.23 -21.18 15.48
N LYS C 307 -42.47 -20.52 14.61
CA LYS C 307 -42.07 -21.12 13.34
C LYS C 307 -40.70 -21.78 13.34
N TYR C 308 -39.86 -21.42 14.31
CA TYR C 308 -38.47 -21.88 14.26
C TYR C 308 -37.96 -22.60 15.50
N ALA C 309 -38.50 -22.26 16.67
CA ALA C 309 -38.08 -22.92 17.89
C ALA C 309 -38.30 -24.43 17.82
N PHE C 310 -37.20 -25.17 17.81
CA PHE C 310 -37.25 -26.64 17.81
C PHE C 310 -38.11 -27.09 18.97
N SER C 311 -38.95 -28.10 18.75
CA SER C 311 -39.93 -28.51 19.76
C SER C 311 -39.62 -29.64 20.71
N GLY C 312 -39.18 -30.76 20.17
CA GLY C 312 -39.03 -31.96 20.97
C GLY C 312 -40.33 -32.72 21.16
N ASN C 326 -39.92 -34.48 25.02
CA ASN C 326 -38.53 -34.54 25.43
C ASN C 326 -38.00 -33.19 25.94
N LEU C 327 -37.78 -33.13 27.25
CA LEU C 327 -37.29 -31.92 27.92
C LEU C 327 -35.94 -31.44 27.39
N ASP C 328 -35.10 -32.39 26.99
CA ASP C 328 -33.71 -32.09 26.63
C ASP C 328 -33.54 -31.61 25.19
N LYS C 329 -34.57 -31.76 24.37
CA LYS C 329 -34.51 -31.31 22.98
C LYS C 329 -35.46 -30.15 22.68
N ASP C 330 -36.38 -29.87 23.60
CA ASP C 330 -37.26 -28.72 23.46
C ASP C 330 -36.52 -27.44 23.82
N ILE C 331 -36.21 -26.64 22.81
CA ILE C 331 -35.51 -25.37 22.99
C ILE C 331 -36.26 -24.44 23.96
N SER C 332 -37.58 -24.47 23.87
CA SER C 332 -38.43 -23.59 24.66
C SER C 332 -38.32 -23.85 26.17
N TYR C 333 -38.32 -25.11 26.58
CA TYR C 333 -38.17 -25.47 27.99
C TYR C 333 -36.80 -25.06 28.52
N GLN C 334 -35.80 -25.07 27.65
CA GLN C 334 -34.45 -24.64 28.01
C GLN C 334 -34.43 -23.12 28.24
N TYR C 335 -35.01 -22.40 27.27
CA TYR C 335 -35.16 -20.95 27.39
C TYR C 335 -35.88 -20.60 28.68
N LEU C 336 -36.88 -21.38 29.04
CA LEU C 336 -37.61 -21.20 30.30
C LEU C 336 -36.73 -21.53 31.51
N ARG C 337 -35.84 -22.51 31.35
CA ARG C 337 -34.85 -22.82 32.38
C ARG C 337 -34.00 -21.58 32.65
N TYR C 338 -33.67 -20.86 31.59
CA TYR C 338 -32.95 -19.60 31.73
C TYR C 338 -33.79 -18.51 32.38
N LEU C 339 -35.03 -18.34 31.91
CA LEU C 339 -35.82 -17.15 32.19
C LEU C 339 -36.78 -17.23 33.38
N LEU C 340 -37.08 -18.44 33.84
CA LEU C 340 -38.04 -18.61 34.92
C LEU C 340 -37.35 -18.72 36.28
N GLU C 341 -37.63 -17.78 37.16
CA GLU C 341 -36.97 -17.74 38.47
C GLU C 341 -37.57 -18.75 39.44
N ASP C 342 -38.88 -18.94 39.36
CA ASP C 342 -39.53 -19.87 40.28
C ASP C 342 -39.45 -21.31 39.77
N ASP C 343 -38.96 -22.19 40.63
CA ASP C 343 -38.78 -23.59 40.29
C ASP C 343 -40.09 -24.31 40.02
N ASN C 344 -41.11 -24.05 40.84
CA ASN C 344 -42.41 -24.73 40.75
C ASN C 344 -43.02 -24.69 39.37
N LYS C 345 -42.92 -23.51 38.76
CA LYS C 345 -43.43 -23.32 37.41
C LYS C 345 -42.68 -24.24 36.45
N LEU C 346 -41.39 -23.96 36.27
CA LEU C 346 -40.49 -24.81 35.47
C LEU C 346 -40.72 -26.32 35.62
N ASN C 347 -40.89 -26.77 36.86
CA ASN C 347 -41.14 -28.18 37.17
C ASN C 347 -42.52 -28.62 36.69
N GLU C 348 -43.53 -27.80 36.92
CA GLU C 348 -44.89 -28.10 36.47
C GLU C 348 -44.95 -28.22 34.94
N ILE C 349 -44.48 -27.20 34.24
CA ILE C 349 -44.41 -27.20 32.78
C ILE C 349 -43.60 -28.38 32.25
N GLY C 350 -42.46 -28.62 32.89
CA GLY C 350 -41.62 -29.75 32.54
C GLY C 350 -42.33 -31.10 32.64
N GLU C 351 -43.04 -31.30 33.73
CA GLU C 351 -43.77 -32.54 33.97
C GLU C 351 -44.93 -32.72 33.00
N LYS C 352 -45.76 -31.68 32.88
CA LYS C 352 -46.91 -31.70 31.99
C LYS C 352 -46.49 -31.93 30.53
N TYR C 353 -45.35 -31.37 30.15
CA TYR C 353 -44.86 -31.52 28.79
C TYR C 353 -44.24 -32.90 28.55
N LYS C 354 -43.45 -33.37 29.52
CA LYS C 354 -42.80 -34.67 29.40
C LYS C 354 -43.80 -35.82 29.40
N LYS C 355 -44.93 -35.61 30.08
CA LYS C 355 -45.94 -36.64 30.18
C LYS C 355 -46.99 -36.55 29.06
N GLY C 356 -47.07 -35.39 28.42
CA GLY C 356 -47.92 -35.23 27.25
C GLY C 356 -49.15 -34.35 27.40
N GLU C 357 -49.48 -33.99 28.64
CA GLU C 357 -50.65 -33.14 28.93
C GLU C 357 -50.57 -31.81 28.19
N MET C 358 -49.40 -31.19 28.27
CA MET C 358 -49.17 -29.88 27.67
C MET C 358 -48.75 -30.03 26.21
N LEU C 359 -49.36 -29.23 25.34
CA LEU C 359 -48.98 -29.20 23.93
C LEU C 359 -47.78 -28.30 23.72
N SER C 360 -47.10 -28.47 22.59
CA SER C 360 -45.93 -27.66 22.26
C SER C 360 -46.28 -26.18 22.22
N GLY C 361 -47.30 -25.85 21.43
CA GLY C 361 -47.79 -24.49 21.29
C GLY C 361 -48.12 -23.80 22.61
N GLU C 362 -48.44 -24.60 23.64
CA GLU C 362 -48.59 -24.05 24.98
C GLU C 362 -47.27 -23.46 25.46
N ILE C 363 -46.25 -24.31 25.62
CA ILE C 363 -44.92 -23.87 26.04
C ILE C 363 -44.45 -22.70 25.19
N LYS C 364 -44.69 -22.81 23.88
CA LYS C 364 -44.38 -21.73 22.95
C LYS C 364 -45.06 -20.44 23.40
N LYS C 365 -46.33 -20.53 23.75
CA LYS C 365 -47.11 -19.37 24.20
C LYS C 365 -46.55 -18.75 25.48
N ILE C 366 -46.33 -19.58 26.50
CA ILE C 366 -45.78 -19.10 27.77
C ILE C 366 -44.41 -18.44 27.59
N LEU C 367 -43.56 -19.09 26.80
CA LEU C 367 -42.25 -18.54 26.46
C LEU C 367 -42.42 -17.17 25.78
N ILE C 368 -43.26 -17.11 24.76
CA ILE C 368 -43.53 -15.86 24.05
C ILE C 368 -43.96 -14.75 25.02
N ASP C 369 -44.79 -15.11 25.99
CA ASP C 369 -45.22 -14.15 27.00
C ASP C 369 -44.05 -13.64 27.86
N VAL C 370 -43.31 -14.58 28.46
CA VAL C 370 -42.15 -14.23 29.29
C VAL C 370 -41.16 -13.34 28.54
N LEU C 371 -40.69 -13.86 27.40
CA LEU C 371 -39.80 -13.14 26.49
C LEU C 371 -40.31 -11.76 26.14
N THR C 372 -41.60 -11.65 25.81
CA THR C 372 -42.20 -10.38 25.44
C THR C 372 -42.10 -9.39 26.60
N GLU C 373 -42.50 -9.82 27.79
CA GLU C 373 -42.40 -8.94 28.96
C GLU C 373 -40.95 -8.49 29.19
N LEU C 374 -40.03 -9.45 29.15
CA LEU C 374 -38.59 -9.16 29.33
C LEU C 374 -38.09 -8.12 28.34
N VAL C 375 -38.18 -8.44 27.06
CA VAL C 375 -37.76 -7.54 25.98
C VAL C 375 -38.40 -6.16 26.09
N LEU C 376 -39.69 -6.11 26.40
CA LEU C 376 -40.38 -4.82 26.53
C LEU C 376 -39.86 -3.98 27.70
N LYS C 377 -39.71 -4.61 28.86
CA LYS C 377 -39.15 -3.94 30.03
C LYS C 377 -37.74 -3.43 29.75
N HIS C 378 -36.98 -4.25 29.03
CA HIS C 378 -35.60 -3.94 28.67
C HIS C 378 -35.52 -2.74 27.73
N GLN C 379 -36.43 -2.71 26.76
CA GLN C 379 -36.49 -1.61 25.80
C GLN C 379 -36.92 -0.33 26.50
N GLU C 380 -37.85 -0.47 27.45
CA GLU C 380 -38.29 0.66 28.26
C GLU C 380 -37.13 1.25 29.07
N LYS C 381 -36.40 0.39 29.76
CA LYS C 381 -35.24 0.80 30.54
C LYS C 381 -34.18 1.45 29.65
N LYS C 382 -33.99 0.88 28.48
CA LYS C 382 -33.03 1.37 27.49
C LYS C 382 -33.37 2.79 27.07
N LYS C 383 -34.61 2.98 26.61
CA LYS C 383 -35.08 4.30 26.18
C LYS C 383 -35.06 5.29 27.33
N SER C 384 -35.24 4.80 28.55
CA SER C 384 -35.29 5.66 29.73
C SER C 384 -33.93 6.27 30.07
N LEU C 385 -32.85 5.67 29.56
CA LEU C 385 -31.50 6.05 29.94
C LEU C 385 -31.07 7.44 29.45
N THR C 386 -30.64 8.27 30.40
CA THR C 386 -30.10 9.59 30.10
C THR C 386 -28.58 9.51 29.95
N ASP C 387 -27.99 10.48 29.29
CA ASP C 387 -26.54 10.50 29.08
C ASP C 387 -25.77 10.61 30.40
N GLU C 388 -26.34 11.33 31.36
CA GLU C 388 -25.73 11.48 32.68
C GLU C 388 -25.74 10.16 33.44
N GLU C 389 -26.83 9.41 33.31
CA GLU C 389 -26.96 8.09 33.94
C GLU C 389 -25.88 7.13 33.44
N ILE C 390 -25.64 7.16 32.13
CA ILE C 390 -24.63 6.33 31.48
C ILE C 390 -23.24 6.76 31.89
N SER C 391 -23.00 8.06 31.82
CA SER C 391 -21.71 8.64 32.16
C SER C 391 -21.37 8.37 33.62
N TYR C 392 -22.39 8.19 34.45
CA TYR C 392 -22.18 7.84 35.85
C TYR C 392 -21.45 6.51 35.96
N PHE C 393 -21.83 5.54 35.13
CA PHE C 393 -21.22 4.21 35.14
C PHE C 393 -19.72 4.23 34.85
N PHE C 394 -19.24 5.32 34.25
CA PHE C 394 -17.82 5.43 33.88
C PHE C 394 -17.01 6.21 34.91
N ASP C 395 -17.57 6.47 36.07
CA ASP C 395 -16.90 7.24 37.10
C ASP C 395 -16.37 6.30 38.14
N PRO C 396 -15.08 6.33 38.36
CA PRO C 396 -14.41 5.42 39.25
C PRO C 396 -14.23 6.09 40.56
N ASN C 397 -14.73 7.30 40.64
CA ASN C 397 -14.52 8.12 41.78
C ASN C 397 -15.71 8.16 42.66
N LYS C 398 -16.66 7.29 42.41
CA LYS C 398 -17.81 7.20 43.25
C LYS C 398 -17.34 6.78 44.61
N PRO C 399 -17.74 7.55 45.61
CA PRO C 399 -17.30 7.34 46.98
C PRO C 399 -18.04 6.17 47.41
N SER C 400 -18.95 5.82 46.53
CA SER C 400 -20.17 5.14 46.79
C SER C 400 -19.60 3.82 46.87
N LEU C 401 -20.27 2.85 46.35
CA LEU C 401 -19.78 1.58 46.70
C LEU C 401 -18.35 1.67 46.29
N GLN C 402 -18.09 2.18 45.11
CA GLN C 402 -16.94 1.69 44.45
C GLN C 402 -15.88 1.92 45.49
N LYS C 403 -15.84 3.08 46.09
CA LYS C 403 -14.70 3.44 46.91
C LYS C 403 -14.50 2.72 48.18
N PHE C 404 -15.49 2.07 48.73
CA PHE C 404 -15.09 1.33 49.88
C PHE C 404 -14.17 0.14 49.73
N LYS C 405 -14.36 -0.73 48.76
CA LYS C 405 -13.34 -1.72 48.69
C LYS C 405 -12.20 -0.75 48.50
N ASN C 406 -11.16 -0.87 49.31
CA ASN C 406 -10.25 0.25 49.52
C ASN C 406 -9.84 0.97 48.25
N ILE D 20 23.49 -24.25 -37.71
CA ILE D 20 22.20 -24.36 -38.37
C ILE D 20 22.34 -24.39 -39.89
N ASN D 21 21.32 -24.92 -40.57
CA ASN D 21 21.31 -24.96 -42.03
C ASN D 21 20.48 -23.82 -42.60
N TYR D 22 21.11 -22.94 -43.37
CA TYR D 22 20.47 -21.73 -43.87
C TYR D 22 19.66 -21.95 -45.15
N ASN D 23 20.18 -22.71 -46.11
CA ASN D 23 19.43 -22.93 -47.32
C ASN D 23 18.24 -23.85 -47.11
N LYS D 24 18.29 -24.67 -46.07
CA LYS D 24 17.10 -25.40 -45.64
C LYS D 24 16.13 -24.43 -44.97
N LEU D 25 16.71 -23.50 -44.19
CA LEU D 25 15.94 -22.49 -43.47
C LEU D 25 15.18 -21.57 -44.43
N ILE D 26 15.85 -21.16 -45.50
CA ILE D 26 15.27 -20.30 -46.51
C ILE D 26 14.03 -20.93 -47.16
N LYS D 27 14.10 -22.24 -47.41
CA LYS D 27 13.03 -22.95 -48.08
C LYS D 27 11.81 -23.21 -47.19
N GLU D 28 12.06 -23.60 -45.94
CA GLU D 28 10.98 -23.96 -45.02
C GLU D 28 10.23 -22.76 -44.45
N PHE D 29 10.90 -21.61 -44.39
CA PHE D 29 10.25 -20.40 -43.88
C PHE D 29 9.91 -19.42 -45.01
N GLY D 30 10.24 -19.80 -46.23
CA GLY D 30 9.76 -19.09 -47.41
C GLY D 30 10.43 -17.78 -47.77
N CYS D 31 11.75 -17.76 -47.70
CA CYS D 31 12.55 -16.62 -48.13
C CYS D 31 13.29 -16.86 -49.43
N SER D 32 14.17 -15.95 -49.77
CA SER D 32 14.98 -16.11 -50.97
C SER D 32 16.40 -15.63 -50.70
N LYS D 33 17.38 -16.32 -51.29
CA LYS D 33 18.77 -15.96 -51.11
C LYS D 33 19.11 -14.72 -51.93
N ILE D 34 20.02 -13.89 -51.41
CA ILE D 34 20.46 -12.71 -52.16
C ILE D 34 21.33 -13.13 -53.33
N THR D 35 20.90 -12.78 -54.53
CA THR D 35 21.63 -13.12 -55.75
C THR D 35 22.81 -12.18 -55.93
N GLU D 36 23.58 -12.42 -56.98
CA GLU D 36 24.59 -11.47 -57.41
C GLU D 36 23.92 -10.35 -58.21
N ASN D 37 22.74 -10.65 -58.76
CA ASN D 37 21.95 -9.66 -59.50
C ASN D 37 21.49 -8.52 -58.59
N HIS D 38 21.03 -8.88 -57.39
CA HIS D 38 20.67 -7.89 -56.36
C HIS D 38 21.86 -6.97 -56.11
N ILE D 39 23.01 -7.57 -55.81
CA ILE D 39 24.25 -6.85 -55.57
C ILE D 39 24.60 -5.94 -56.75
N LYS D 40 24.40 -6.45 -57.95
CA LYS D 40 24.62 -5.69 -59.18
C LYS D 40 23.69 -4.49 -59.21
N ARG D 41 22.43 -4.72 -58.84
CA ARG D 41 21.40 -3.70 -58.92
C ARG D 41 21.53 -2.61 -57.84
N ILE D 42 21.94 -3.01 -56.64
CA ILE D 42 22.20 -2.06 -55.56
C ILE D 42 23.24 -1.04 -56.01
N GLU D 43 24.43 -1.54 -56.32
CA GLU D 43 25.57 -0.72 -56.74
C GLU D 43 25.21 0.25 -57.85
N LYS D 44 24.34 -0.18 -58.75
CA LYS D 44 23.83 0.67 -59.81
C LYS D 44 22.96 1.78 -59.25
N LEU D 45 22.11 1.43 -58.29
CA LEU D 45 21.18 2.37 -57.68
C LEU D 45 21.84 3.26 -56.64
N THR D 46 22.83 2.72 -55.95
CA THR D 46 23.53 3.45 -54.90
C THR D 46 24.71 4.23 -55.44
N ASN D 47 25.13 3.90 -56.66
CA ASN D 47 26.35 4.45 -57.25
C ASN D 47 27.54 4.28 -56.31
N SER D 48 27.61 3.12 -55.68
CA SER D 48 28.67 2.82 -54.71
C SER D 48 28.79 1.31 -54.61
N LYS D 49 29.87 0.84 -53.96
CA LYS D 49 30.05 -0.60 -53.81
C LYS D 49 29.10 -1.16 -52.76
N ALA D 50 28.57 -2.34 -53.02
CA ALA D 50 27.73 -3.04 -52.05
C ALA D 50 28.55 -3.34 -50.80
N HIS D 51 27.90 -3.30 -49.65
CA HIS D 51 28.59 -3.59 -48.39
C HIS D 51 29.13 -5.02 -48.42
N HIS D 52 30.21 -5.27 -47.71
CA HIS D 52 30.83 -6.59 -47.70
C HIS D 52 30.00 -7.61 -46.91
N PHE D 53 29.02 -7.12 -46.15
CA PHE D 53 28.06 -8.00 -45.46
C PHE D 53 27.24 -8.77 -46.49
N ILE D 54 26.95 -8.12 -47.61
CA ILE D 54 26.16 -8.74 -48.67
C ILE D 54 27.01 -9.62 -49.57
N ARG D 55 28.13 -9.07 -50.04
CA ARG D 55 29.03 -9.76 -50.96
C ARG D 55 29.56 -11.07 -50.37
N ARG D 56 29.54 -11.19 -49.05
CA ARG D 56 30.10 -12.36 -48.38
C ARG D 56 29.02 -13.20 -47.69
N GLY D 57 27.77 -13.03 -48.12
CA GLY D 57 26.66 -13.85 -47.66
C GLY D 57 26.36 -13.79 -46.17
N ILE D 58 26.69 -12.66 -45.54
CA ILE D 58 26.41 -12.45 -44.12
C ILE D 58 24.95 -12.07 -43.94
N PHE D 59 24.51 -11.08 -44.71
CA PHE D 59 23.08 -10.86 -44.94
C PHE D 59 22.81 -11.57 -46.26
N PHE D 60 21.99 -12.62 -46.21
CA PHE D 60 21.93 -13.58 -47.31
C PHE D 60 20.51 -13.87 -47.79
N SER D 61 19.54 -13.76 -46.90
CA SER D 61 18.15 -14.06 -47.26
C SER D 61 17.27 -12.82 -47.23
N HIS D 62 16.12 -12.91 -47.91
CA HIS D 62 15.23 -11.76 -48.03
C HIS D 62 13.81 -12.15 -48.43
N ARG D 63 12.91 -11.18 -48.30
CA ARG D 63 11.59 -11.25 -48.91
C ARG D 63 11.29 -9.91 -49.55
N ASP D 64 10.79 -9.94 -50.78
CA ASP D 64 10.37 -8.73 -51.50
C ASP D 64 11.47 -7.68 -51.69
N LEU D 65 12.73 -8.12 -51.77
CA LEU D 65 13.83 -7.18 -52.00
C LEU D 65 13.74 -6.61 -53.41
N ASP D 66 13.27 -7.42 -54.35
CA ASP D 66 13.07 -6.97 -55.73
C ASP D 66 12.03 -5.86 -55.79
N PHE D 67 10.97 -6.02 -55.01
CA PHE D 67 9.96 -4.98 -54.87
C PHE D 67 10.58 -3.69 -54.37
N LEU D 68 11.45 -3.81 -53.37
CA LEU D 68 12.08 -2.65 -52.75
C LEU D 68 13.01 -1.93 -53.71
N LEU D 69 14.01 -2.66 -54.22
CA LEU D 69 14.98 -2.09 -55.17
C LEU D 69 14.30 -1.42 -56.34
N ASN D 70 13.20 -2.01 -56.82
CA ASN D 70 12.44 -1.41 -57.89
C ASN D 70 11.70 -0.16 -57.40
N TYR D 71 11.24 -0.19 -56.16
CA TYR D 71 10.53 0.95 -55.58
C TYR D 71 11.49 2.13 -55.42
N TYR D 72 12.72 1.85 -54.99
CA TYR D 72 13.72 2.89 -54.82
C TYR D 72 14.20 3.42 -56.17
N GLU D 73 14.02 2.64 -57.22
CA GLU D 73 14.45 3.05 -58.55
C GLU D 73 13.43 3.99 -59.18
N GLN D 74 12.19 3.95 -58.70
CA GLN D 74 11.11 4.73 -59.29
C GLN D 74 10.74 5.95 -58.44
N HIS D 75 11.02 5.87 -57.15
CA HIS D 75 10.60 6.93 -56.22
C HIS D 75 11.76 7.46 -55.38
N LYS D 76 12.86 6.71 -55.37
CA LYS D 76 14.06 7.08 -54.61
C LYS D 76 13.74 7.28 -53.13
N CYS D 77 12.86 6.42 -52.60
CA CYS D 77 12.40 6.57 -51.21
C CYS D 77 11.85 5.29 -50.60
N PHE D 78 12.32 5.02 -49.38
CA PHE D 78 11.76 4.00 -48.50
C PHE D 78 12.37 4.30 -47.13
N TYR D 79 12.11 3.46 -46.14
CA TYR D 79 12.77 3.68 -44.86
C TYR D 79 13.25 2.38 -44.21
N ILE D 80 14.21 2.52 -43.31
CA ILE D 80 14.82 1.38 -42.66
C ILE D 80 14.32 1.27 -41.22
N TYR D 81 14.04 0.05 -40.80
CA TYR D 81 13.60 -0.21 -39.43
C TYR D 81 14.33 -1.42 -38.86
N THR D 82 15.04 -1.19 -37.77
CA THR D 82 15.61 -2.26 -36.99
C THR D 82 15.44 -1.87 -35.53
N GLY D 83 15.67 -2.82 -34.62
CA GLY D 83 15.46 -2.55 -33.22
C GLY D 83 16.47 -3.19 -32.31
N ARG D 84 16.38 -2.89 -31.02
CA ARG D 84 17.32 -3.39 -30.03
C ARG D 84 16.61 -3.58 -28.69
N GLY D 85 16.74 -4.77 -28.12
CA GLY D 85 16.18 -5.05 -26.81
C GLY D 85 17.24 -4.90 -25.74
N PRO D 86 17.13 -3.83 -24.94
CA PRO D 86 18.12 -3.54 -23.89
C PRO D 86 18.00 -4.49 -22.70
N SER D 87 18.67 -5.64 -22.79
CA SER D 87 18.67 -6.61 -21.71
C SER D 87 20.05 -6.69 -21.08
N SER D 88 21.00 -5.93 -21.62
CA SER D 88 22.38 -5.95 -21.13
C SER D 88 23.06 -4.59 -21.25
N LEU D 89 23.97 -4.31 -20.31
CA LEU D 89 24.74 -3.08 -20.35
C LEU D 89 25.92 -3.27 -21.30
N SER D 90 26.45 -4.49 -21.32
CA SER D 90 27.60 -4.82 -22.15
C SER D 90 27.15 -5.37 -23.50
N MET D 91 27.20 -4.53 -24.52
CA MET D 91 26.91 -4.98 -25.88
C MET D 91 28.21 -5.47 -26.51
N HIS D 92 28.12 -6.51 -27.34
CA HIS D 92 29.28 -6.99 -28.09
C HIS D 92 29.11 -6.73 -29.59
N LEU D 93 30.13 -7.10 -30.37
CA LEU D 93 30.13 -6.83 -31.81
C LEU D 93 28.97 -7.50 -32.54
N GLY D 94 28.49 -8.62 -32.00
CA GLY D 94 27.37 -9.33 -32.60
C GLY D 94 26.07 -8.55 -32.53
N HIS D 95 26.04 -7.54 -31.66
CA HIS D 95 24.86 -6.70 -31.48
C HIS D 95 24.89 -5.51 -32.44
N LEU D 96 26.08 -5.10 -32.83
CA LEU D 96 26.25 -3.91 -33.66
C LEU D 96 26.22 -4.22 -35.16
N ILE D 97 26.26 -5.51 -35.50
CA ILE D 97 26.22 -5.94 -36.90
C ILE D 97 25.06 -5.34 -37.72
N PRO D 98 23.81 -5.47 -37.22
CA PRO D 98 22.75 -4.89 -38.05
C PRO D 98 22.78 -3.37 -38.04
N PHE D 99 23.51 -2.78 -37.09
CA PHE D 99 23.59 -1.33 -36.99
C PHE D 99 24.71 -0.73 -37.83
N TYR D 100 25.76 -1.52 -38.06
CA TYR D 100 26.77 -1.14 -39.05
C TYR D 100 26.13 -1.20 -40.43
N PHE D 101 25.36 -2.26 -40.65
CA PHE D 101 24.69 -2.49 -41.91
C PHE D 101 23.63 -1.41 -42.18
N CYS D 102 22.94 -0.99 -41.14
CA CYS D 102 21.94 0.08 -41.26
C CYS D 102 22.61 1.41 -41.60
N LYS D 103 23.78 1.65 -41.02
CA LYS D 103 24.56 2.85 -41.33
C LYS D 103 24.92 2.87 -42.81
N TYR D 104 25.29 1.69 -43.34
CA TYR D 104 25.58 1.55 -44.75
C TYR D 104 24.37 1.86 -45.61
N LEU D 105 23.27 1.16 -45.35
CA LEU D 105 22.01 1.34 -46.07
C LEU D 105 21.54 2.79 -46.03
N GLN D 106 21.71 3.41 -44.86
CA GLN D 106 21.31 4.80 -44.65
C GLN D 106 22.08 5.73 -45.56
N GLU D 107 23.39 5.54 -45.64
CA GLU D 107 24.26 6.37 -46.48
C GLU D 107 24.06 6.05 -47.97
N ALA D 108 24.12 4.77 -48.31
CA ALA D 108 24.07 4.33 -49.70
C ALA D 108 22.75 4.69 -50.40
N PHE D 109 21.65 4.58 -49.67
CA PHE D 109 20.33 4.84 -50.26
C PHE D 109 19.80 6.23 -49.94
N ASN D 110 20.39 6.88 -48.94
CA ASN D 110 19.95 8.19 -48.48
C ASN D 110 18.48 8.17 -48.06
N VAL D 111 18.18 7.38 -47.04
CA VAL D 111 16.81 7.20 -46.57
C VAL D 111 16.77 7.24 -45.04
N PRO D 112 15.59 7.56 -44.47
CA PRO D 112 15.50 7.60 -43.00
C PRO D 112 15.64 6.21 -42.39
N LEU D 113 16.24 6.15 -41.20
CA LEU D 113 16.35 4.92 -40.44
C LEU D 113 15.69 5.10 -39.08
N VAL D 114 14.72 4.24 -38.77
CA VAL D 114 14.09 4.30 -37.45
C VAL D 114 14.56 3.13 -36.59
N ILE D 115 14.77 3.40 -35.29
CA ILE D 115 15.30 2.39 -34.40
C ILE D 115 14.42 2.24 -33.16
N GLN D 116 13.93 1.03 -32.94
CA GLN D 116 13.07 0.74 -31.79
C GLN D 116 13.89 0.19 -30.63
N LEU D 117 13.77 0.83 -29.47
CA LEU D 117 14.35 0.27 -28.25
C LEU D 117 13.24 -0.34 -27.41
N SER D 118 13.16 -1.67 -27.44
CA SER D 118 12.10 -2.41 -26.76
C SER D 118 12.35 -2.53 -25.27
N ASP D 119 12.30 -1.39 -24.57
CA ASP D 119 12.45 -1.36 -23.14
C ASP D 119 11.22 -1.97 -22.46
N ASP D 120 10.11 -2.01 -23.18
CA ASP D 120 8.91 -2.66 -22.68
C ASP D 120 9.05 -4.18 -22.76
N GLU D 121 9.63 -4.66 -23.86
CA GLU D 121 9.87 -6.10 -24.02
C GLU D 121 10.75 -6.62 -22.89
N LYS D 122 11.94 -6.03 -22.75
CA LYS D 122 12.90 -6.49 -21.75
C LYS D 122 12.42 -6.25 -20.31
N TYR D 123 11.50 -5.31 -20.12
CA TYR D 123 10.90 -5.12 -18.81
C TYR D 123 9.94 -6.25 -18.49
N LEU D 124 9.18 -6.66 -19.50
CA LEU D 124 8.18 -7.72 -19.34
C LEU D 124 8.82 -9.11 -19.31
N PHE D 125 9.91 -9.29 -20.05
CA PHE D 125 10.54 -10.60 -20.20
C PHE D 125 11.55 -10.90 -19.08
N ASN D 126 11.90 -9.90 -18.28
CA ASN D 126 12.79 -10.10 -17.16
C ASN D 126 12.12 -9.75 -15.82
N GLN D 127 11.77 -10.79 -15.07
CA GLN D 127 10.92 -10.68 -13.88
C GLN D 127 11.45 -9.76 -12.78
N ASN D 128 12.76 -9.71 -12.61
CA ASN D 128 13.36 -8.91 -11.54
C ASN D 128 13.88 -7.55 -11.98
N TYR D 129 13.84 -7.28 -13.29
CA TYR D 129 14.26 -5.98 -13.79
C TYR D 129 13.13 -4.96 -13.60
N SER D 130 13.50 -3.76 -13.17
CA SER D 130 12.55 -2.66 -13.04
C SER D 130 12.62 -1.78 -14.28
N LEU D 131 11.62 -0.92 -14.46
CA LEU D 131 11.62 0.03 -15.56
C LEU D 131 12.79 1.00 -15.47
N GLU D 132 13.09 1.43 -14.25
CA GLU D 132 14.21 2.34 -14.02
C GLU D 132 15.53 1.66 -14.35
N TYR D 133 15.64 0.39 -14.00
CA TYR D 133 16.86 -0.38 -14.30
C TYR D 133 17.01 -0.63 -15.79
N ILE D 134 15.92 -0.99 -16.45
CA ILE D 134 15.93 -1.20 -17.89
C ILE D 134 16.39 0.08 -18.60
N ASN D 135 15.79 1.21 -18.22
CA ASN D 135 16.11 2.50 -18.81
C ASN D 135 17.60 2.84 -18.75
N THR D 136 18.25 2.43 -17.66
CA THR D 136 19.69 2.59 -17.52
C THR D 136 20.40 1.84 -18.64
N LEU D 137 19.87 0.66 -18.97
CA LEU D 137 20.44 -0.19 -19.99
C LEU D 137 20.25 0.38 -21.41
N THR D 138 19.08 0.96 -21.68
CA THR D 138 18.80 1.48 -23.04
C THR D 138 19.54 2.78 -23.35
N ASN D 139 19.79 3.59 -22.32
CA ASN D 139 20.55 4.83 -22.51
C ASN D 139 22.00 4.54 -22.89
N GLU D 140 22.57 3.51 -22.27
CA GLU D 140 23.94 3.13 -22.56
C GLU D 140 24.00 2.32 -23.86
N ASN D 141 22.92 1.60 -24.13
CA ASN D 141 22.79 0.88 -25.39
C ASN D 141 22.72 1.84 -26.57
N VAL D 142 21.88 2.86 -26.45
CA VAL D 142 21.71 3.85 -27.51
C VAL D 142 23.01 4.63 -27.76
N LYS D 143 23.86 4.72 -26.73
CA LYS D 143 25.17 5.33 -26.87
C LYS D 143 26.03 4.50 -27.81
N ASP D 144 26.09 3.19 -27.55
CA ASP D 144 26.86 2.27 -28.38
C ASP D 144 26.31 2.16 -29.81
N ILE D 145 24.98 2.25 -29.93
CA ILE D 145 24.34 2.21 -31.24
C ILE D 145 24.69 3.44 -32.07
N ILE D 146 24.60 4.61 -31.45
CA ILE D 146 24.99 5.87 -32.10
C ILE D 146 26.48 5.87 -32.44
N SER D 147 27.30 5.41 -31.50
CA SER D 147 28.76 5.39 -31.67
C SER D 147 29.24 4.49 -32.81
N VAL D 148 28.30 3.91 -33.56
CA VAL D 148 28.62 3.12 -34.75
C VAL D 148 28.89 4.03 -35.94
N GLY D 149 28.24 5.19 -35.95
CA GLY D 149 28.46 6.15 -37.01
C GLY D 149 27.21 6.51 -37.79
N LEU D 150 26.06 6.36 -37.14
CA LEU D 150 24.78 6.68 -37.75
C LEU D 150 24.69 8.17 -38.05
N ASN D 151 24.11 8.51 -39.20
CA ASN D 151 23.88 9.91 -39.54
C ASN D 151 22.70 10.45 -38.73
N PRO D 152 23.00 11.38 -37.80
CA PRO D 152 21.98 11.94 -36.91
C PRO D 152 20.84 12.58 -37.70
N GLU D 153 21.18 13.13 -38.87
CA GLU D 153 20.20 13.79 -39.72
C GLU D 153 19.13 12.84 -40.25
N LEU D 154 19.51 11.60 -40.51
CA LEU D 154 18.59 10.62 -41.08
C LEU D 154 18.24 9.47 -40.14
N THR D 155 18.18 9.77 -38.83
CA THR D 155 17.95 8.71 -37.85
C THR D 155 16.93 9.13 -36.80
N PHE D 156 15.94 8.27 -36.55
CA PHE D 156 15.01 8.48 -35.46
C PHE D 156 14.99 7.29 -34.50
N ILE D 157 15.45 7.54 -33.27
CA ILE D 157 15.48 6.52 -32.24
C ILE D 157 14.35 6.78 -31.25
N PHE D 158 13.67 5.72 -30.83
CA PHE D 158 12.59 5.86 -29.86
C PHE D 158 12.52 4.67 -28.91
N LYS D 159 12.10 4.95 -27.67
CA LYS D 159 11.80 3.90 -26.72
C LYS D 159 10.30 3.65 -26.78
N ASN D 160 9.88 2.41 -26.60
CA ASN D 160 8.45 2.08 -26.61
C ASN D 160 7.73 2.70 -25.42
N THR D 161 8.44 2.86 -24.31
CA THR D 161 7.88 3.48 -23.11
C THR D 161 7.53 4.96 -23.33
N GLU D 162 8.10 5.56 -24.36
CA GLU D 162 7.86 6.97 -24.67
C GLU D 162 7.06 7.15 -25.94
N TYR D 163 7.17 6.20 -26.87
CA TYR D 163 6.59 6.37 -28.21
C TYR D 163 5.34 5.52 -28.45
N ALA D 164 4.84 4.87 -27.40
CA ALA D 164 3.69 3.97 -27.53
C ALA D 164 2.43 4.66 -28.07
N GLY D 165 2.21 5.91 -27.66
CA GLY D 165 1.03 6.65 -28.09
C GLY D 165 0.94 6.80 -29.59
N TYR D 166 2.08 6.84 -30.25
CA TYR D 166 2.14 6.95 -31.70
C TYR D 166 1.93 5.59 -32.38
N LEU D 167 2.18 4.53 -31.62
CA LEU D 167 2.10 3.17 -32.16
C LEU D 167 0.74 2.54 -31.94
N TYR D 168 0.05 2.98 -30.88
CA TYR D 168 -1.14 2.29 -30.38
C TYR D 168 -2.28 2.00 -31.38
N PRO D 169 -2.73 3.01 -32.14
CA PRO D 169 -3.83 2.72 -33.08
C PRO D 169 -3.45 1.66 -34.11
N THR D 170 -2.19 1.66 -34.54
CA THR D 170 -1.69 0.62 -35.45
C THR D 170 -1.57 -0.71 -34.70
N VAL D 171 -1.06 -0.66 -33.48
CA VAL D 171 -0.93 -1.85 -32.62
C VAL D 171 -2.30 -2.49 -32.39
N LEU D 172 -3.33 -1.66 -32.24
CA LEU D 172 -4.69 -2.14 -32.06
C LEU D 172 -5.19 -2.93 -33.27
N SER D 173 -4.78 -2.50 -34.46
CA SER D 173 -5.16 -3.18 -35.70
C SER D 173 -4.44 -4.51 -35.83
N ILE D 174 -3.24 -4.58 -35.25
CA ILE D 174 -2.43 -5.79 -35.27
C ILE D 174 -2.90 -6.75 -34.17
N HIS D 175 -3.26 -6.19 -33.03
CA HIS D 175 -3.84 -6.96 -31.93
C HIS D 175 -5.10 -7.68 -32.40
N LYS D 176 -5.97 -6.95 -33.09
CA LYS D 176 -7.28 -7.46 -33.50
C LYS D 176 -7.18 -8.56 -34.55
N LYS D 177 -6.08 -8.57 -35.29
CA LYS D 177 -5.87 -9.56 -36.35
C LYS D 177 -4.95 -10.67 -35.90
N THR D 178 -4.71 -10.75 -34.59
CA THR D 178 -3.86 -11.79 -34.03
C THR D 178 -4.57 -12.49 -32.88
N THR D 179 -4.94 -13.76 -33.10
CA THR D 179 -5.58 -14.56 -32.06
C THR D 179 -4.57 -14.99 -31.01
N LEU D 180 -5.05 -15.29 -29.81
CA LEU D 180 -4.21 -15.78 -28.74
C LEU D 180 -3.49 -17.05 -29.16
N ASN D 181 -4.22 -17.94 -29.85
CA ASN D 181 -3.65 -19.16 -30.39
C ASN D 181 -2.46 -18.89 -31.31
N GLN D 182 -2.60 -17.90 -32.19
CA GLN D 182 -1.58 -17.58 -33.16
C GLN D 182 -0.34 -16.94 -32.51
N SER D 183 -0.57 -16.18 -31.45
CA SER D 183 0.53 -15.55 -30.72
C SER D 183 1.34 -16.60 -29.95
N MET D 184 0.63 -17.46 -29.22
CA MET D 184 1.27 -18.50 -28.41
C MET D 184 2.05 -19.50 -29.26
N ASN D 185 1.51 -19.85 -30.42
CA ASN D 185 2.16 -20.79 -31.33
C ASN D 185 3.42 -20.23 -31.99
N VAL D 186 3.37 -18.97 -32.39
CA VAL D 186 4.45 -18.32 -33.12
C VAL D 186 5.64 -17.96 -32.22
N PHE D 187 5.37 -17.55 -30.99
CA PHE D 187 6.43 -17.08 -30.10
C PHE D 187 6.70 -18.05 -28.95
N GLY D 188 5.94 -19.14 -28.88
CA GLY D 188 6.16 -20.16 -27.87
C GLY D 188 5.84 -19.70 -26.45
N PHE D 189 4.72 -19.00 -26.30
CA PHE D 189 4.28 -18.56 -24.98
C PHE D 189 3.50 -19.66 -24.27
N ASN D 190 3.44 -19.58 -22.95
CA ASN D 190 2.60 -20.47 -22.16
C ASN D 190 1.72 -19.67 -21.21
N HIS D 191 0.78 -20.34 -20.55
CA HIS D 191 -0.22 -19.67 -19.73
C HIS D 191 0.36 -19.05 -18.45
N SER D 192 1.61 -19.35 -18.14
CA SER D 192 2.27 -18.77 -16.97
C SER D 192 2.92 -17.43 -17.30
N ASP D 193 3.09 -17.16 -18.59
CA ASP D 193 3.67 -15.90 -19.04
C ASP D 193 2.71 -14.73 -18.80
N ASN D 194 3.26 -13.53 -18.63
CA ASN D 194 2.43 -12.35 -18.45
C ASN D 194 1.84 -11.85 -19.77
N ILE D 195 0.69 -11.20 -19.70
CA ILE D 195 -0.02 -10.74 -20.88
C ILE D 195 0.73 -9.63 -21.63
N GLY D 196 1.70 -9.02 -20.96
CA GLY D 196 2.56 -8.05 -21.61
C GLY D 196 3.39 -8.71 -22.69
N LYS D 197 3.87 -9.92 -22.40
CA LYS D 197 4.65 -10.70 -23.35
C LYS D 197 3.81 -11.07 -24.57
N ILE D 198 2.57 -11.47 -24.33
CA ILE D 198 1.65 -11.84 -25.41
C ILE D 198 1.27 -10.60 -26.24
N SER D 199 1.19 -9.45 -25.59
CA SER D 199 0.83 -8.20 -26.24
C SER D 199 1.99 -7.60 -27.04
N TYR D 200 3.21 -7.75 -26.53
CA TYR D 200 4.39 -7.09 -27.12
C TYR D 200 4.60 -7.21 -28.64
N PRO D 201 4.51 -8.44 -29.20
CA PRO D 201 4.84 -8.61 -30.62
C PRO D 201 4.19 -7.60 -31.58
N SER D 202 3.01 -7.09 -31.25
CA SER D 202 2.37 -6.07 -32.08
C SER D 202 3.18 -4.77 -32.07
N PHE D 203 3.81 -4.47 -30.94
CA PHE D 203 4.58 -3.25 -30.80
C PHE D 203 5.88 -3.28 -31.60
N GLN D 204 6.41 -4.48 -31.85
CA GLN D 204 7.60 -4.64 -32.67
C GLN D 204 7.21 -4.67 -34.15
N ILE D 205 5.99 -5.15 -34.41
CA ILE D 205 5.46 -5.23 -35.77
C ILE D 205 5.03 -3.85 -36.26
N ALA D 206 4.47 -3.05 -35.35
CA ALA D 206 3.91 -1.73 -35.68
C ALA D 206 4.79 -0.76 -36.49
N PRO D 207 6.08 -0.61 -36.14
CA PRO D 207 6.89 0.37 -36.89
C PRO D 207 7.22 -0.05 -38.33
N CYS D 208 6.69 -1.19 -38.78
CA CYS D 208 6.85 -1.60 -40.17
C CYS D 208 5.89 -0.81 -41.06
N PHE D 209 5.10 0.05 -40.42
CA PHE D 209 4.10 0.83 -41.14
C PHE D 209 4.30 2.32 -40.86
N SER D 210 4.55 3.08 -41.93
CA SER D 210 4.99 4.47 -41.84
C SER D 210 3.99 5.39 -41.15
N GLN D 211 2.74 4.93 -41.02
CA GLN D 211 1.70 5.69 -40.32
C GLN D 211 2.08 5.90 -38.85
N CYS D 212 2.99 5.08 -38.35
CA CYS D 212 3.49 5.20 -36.98
C CYS D 212 4.48 6.34 -36.84
N PHE D 213 4.79 7.02 -37.94
CA PHE D 213 5.70 8.16 -37.90
C PHE D 213 5.15 9.34 -38.70
N PRO D 214 4.06 9.90 -38.23
CA PRO D 214 3.37 11.00 -38.91
C PRO D 214 4.18 12.31 -39.03
N ASN D 215 5.08 12.53 -38.10
CA ASN D 215 5.98 13.64 -38.08
C ASN D 215 6.98 13.73 -39.18
N PHE D 216 7.55 12.63 -39.63
CA PHE D 216 8.43 12.70 -40.75
C PHE D 216 8.18 11.84 -41.95
N LEU D 217 7.18 10.96 -41.90
CA LEU D 217 6.96 9.99 -42.95
C LEU D 217 5.63 10.12 -43.60
N GLY D 218 5.60 9.72 -44.85
CA GLY D 218 4.42 9.68 -45.67
C GLY D 218 3.68 8.46 -45.30
N LYS D 219 2.45 8.33 -45.73
CA LYS D 219 1.67 7.15 -45.37
C LYS D 219 1.93 5.99 -46.33
N ASN D 220 1.99 4.78 -45.76
CA ASN D 220 2.28 3.56 -46.51
C ASN D 220 3.58 3.63 -47.31
N ILE D 221 4.66 3.98 -46.62
CA ILE D 221 5.99 3.97 -47.22
C ILE D 221 6.63 2.61 -46.92
N PRO D 222 7.14 1.94 -47.97
CA PRO D 222 7.77 0.63 -47.82
C PRO D 222 8.86 0.63 -46.75
N CYS D 223 8.93 -0.45 -45.99
CA CYS D 223 9.86 -0.53 -44.88
C CYS D 223 10.83 -1.69 -45.05
N LEU D 224 12.13 -1.40 -44.95
CA LEU D 224 13.16 -2.43 -44.98
C LEU D 224 13.56 -2.79 -43.56
N VAL D 225 13.43 -4.07 -43.21
CA VAL D 225 13.73 -4.51 -41.85
C VAL D 225 14.91 -5.49 -41.80
N PRO D 226 16.13 -4.94 -41.64
CA PRO D 226 17.31 -5.77 -41.38
C PRO D 226 17.21 -6.35 -39.98
N GLN D 227 17.57 -7.61 -39.81
CA GLN D 227 17.32 -8.30 -38.55
C GLN D 227 18.13 -9.58 -38.45
N GLY D 228 18.29 -10.10 -37.23
CA GLY D 228 18.79 -11.44 -37.06
C GLY D 228 17.70 -12.40 -37.49
N ILE D 229 18.07 -13.62 -37.86
CA ILE D 229 17.09 -14.59 -38.33
C ILE D 229 16.14 -15.04 -37.22
N ASP D 230 16.53 -14.77 -35.98
CA ASP D 230 15.71 -15.14 -34.82
C ASP D 230 14.53 -14.18 -34.65
N GLN D 231 14.51 -13.11 -35.43
CA GLN D 231 13.46 -12.11 -35.37
C GLN D 231 12.39 -12.31 -36.43
N ASP D 232 12.63 -13.25 -37.35
CA ASP D 232 11.69 -13.52 -38.45
C ASP D 232 10.24 -13.85 -38.07
N PRO D 233 10.01 -14.57 -36.94
CA PRO D 233 8.63 -14.79 -36.53
C PRO D 233 7.79 -13.52 -36.39
N TYR D 234 8.42 -12.44 -35.93
CA TYR D 234 7.71 -11.16 -35.81
C TYR D 234 7.24 -10.64 -37.16
N PHE D 235 8.08 -10.80 -38.17
CA PHE D 235 7.86 -10.16 -39.47
C PHE D 235 7.30 -11.12 -40.52
N ARG D 236 7.34 -12.41 -40.22
CA ARG D 236 6.58 -13.38 -41.00
C ARG D 236 5.12 -13.10 -40.70
N LEU D 237 4.86 -12.72 -39.46
CA LEU D 237 3.52 -12.37 -38.99
C LEU D 237 3.09 -11.02 -39.53
N SER D 238 4.02 -10.07 -39.55
CA SER D 238 3.72 -8.70 -39.98
C SER D 238 3.32 -8.64 -41.45
N ARG D 239 3.86 -9.56 -42.25
CA ARG D 239 3.57 -9.60 -43.68
C ARG D 239 2.18 -10.16 -43.94
N ASP D 240 1.72 -11.04 -43.07
CA ASP D 240 0.36 -11.58 -43.17
C ASP D 240 -0.66 -10.54 -42.73
N ILE D 241 -0.29 -9.76 -41.72
CA ILE D 241 -1.16 -8.73 -41.17
C ILE D 241 -1.19 -7.48 -42.07
N ALA D 242 -0.09 -7.23 -42.77
CA ALA D 242 -0.03 -6.15 -43.75
C ALA D 242 -1.06 -6.33 -44.86
N VAL D 243 -1.20 -7.56 -45.34
CA VAL D 243 -2.18 -7.90 -46.38
C VAL D 243 -3.60 -7.60 -45.88
N LYS D 244 -3.85 -7.91 -44.61
CA LYS D 244 -5.15 -7.67 -43.99
C LYS D 244 -5.41 -6.19 -43.77
N MET D 245 -4.36 -5.46 -43.40
CA MET D 245 -4.46 -4.02 -43.16
C MET D 245 -4.41 -3.23 -44.47
N ALA D 246 -4.33 -3.95 -45.58
CA ALA D 246 -4.25 -3.36 -46.92
C ALA D 246 -3.07 -2.39 -47.04
N LEU D 247 -1.98 -2.71 -46.35
CA LEU D 247 -0.77 -1.90 -46.41
C LEU D 247 0.33 -2.67 -47.14
N HIS D 248 1.45 -2.01 -47.37
CA HIS D 248 2.60 -2.67 -47.99
C HIS D 248 3.16 -3.73 -47.07
N LYS D 249 3.68 -4.81 -47.65
CA LYS D 249 4.30 -5.86 -46.87
C LYS D 249 5.75 -5.47 -46.57
N PRO D 250 6.15 -5.59 -45.30
CA PRO D 250 7.52 -5.30 -44.85
C PRO D 250 8.55 -6.09 -45.65
N VAL D 251 9.61 -5.43 -46.07
CA VAL D 251 10.70 -6.07 -46.79
C VAL D 251 11.79 -6.44 -45.79
N VAL D 252 12.09 -7.72 -45.68
CA VAL D 252 13.04 -8.18 -44.66
C VAL D 252 14.36 -8.65 -45.26
N VAL D 253 15.43 -8.50 -44.49
CA VAL D 253 16.76 -8.95 -44.87
C VAL D 253 17.41 -9.59 -43.64
N HIS D 254 17.76 -10.87 -43.75
CA HIS D 254 18.23 -11.60 -42.58
C HIS D 254 19.74 -11.74 -42.54
N SER D 255 20.28 -11.87 -41.33
CA SER D 255 21.71 -12.08 -41.13
C SER D 255 21.93 -13.42 -40.44
N VAL D 256 22.92 -14.17 -40.91
CA VAL D 256 23.37 -15.36 -40.19
C VAL D 256 23.89 -14.90 -38.84
N PHE D 257 23.88 -15.80 -37.85
CA PHE D 257 24.39 -15.46 -36.53
C PHE D 257 25.86 -15.13 -36.58
N MET D 258 26.35 -14.46 -35.55
CA MET D 258 27.77 -14.17 -35.42
C MET D 258 28.39 -15.16 -34.44
N PRO D 259 29.47 -15.84 -34.87
CA PRO D 259 30.15 -16.87 -34.07
C PRO D 259 30.59 -16.37 -32.70
N ASN D 288 31.81 -18.34 -19.43
CA ASN D 288 32.50 -18.53 -20.70
C ASN D 288 32.96 -17.19 -21.27
N ASN D 289 32.03 -16.24 -21.33
CA ASN D 289 32.27 -14.92 -21.90
C ASN D 289 33.01 -14.97 -23.22
N SER D 290 32.53 -15.82 -24.13
CA SER D 290 33.16 -16.00 -25.43
C SER D 290 32.68 -14.95 -26.42
N VAL D 291 32.91 -13.68 -26.09
CA VAL D 291 32.50 -12.57 -26.94
C VAL D 291 33.38 -11.35 -26.67
N ILE D 292 33.46 -10.46 -27.64
CA ILE D 292 34.26 -9.25 -27.49
C ILE D 292 33.40 -8.03 -27.22
N PHE D 293 33.34 -7.63 -25.96
CA PHE D 293 32.55 -6.45 -25.59
C PHE D 293 33.18 -5.17 -26.14
N LEU D 294 32.36 -4.14 -26.29
CA LEU D 294 32.84 -2.82 -26.71
C LEU D 294 33.42 -2.08 -25.51
N THR D 295 33.41 -2.74 -24.36
CA THR D 295 33.97 -2.18 -23.14
C THR D 295 35.34 -2.76 -22.83
N ASP D 296 35.68 -3.86 -23.50
CA ASP D 296 36.95 -4.54 -23.28
C ASP D 296 38.14 -3.70 -23.71
N THR D 297 39.26 -3.88 -23.02
CA THR D 297 40.51 -3.18 -23.35
C THR D 297 41.30 -4.00 -24.36
N PRO D 298 42.21 -3.34 -25.11
CA PRO D 298 43.06 -4.03 -26.10
C PRO D 298 43.78 -5.24 -25.53
N GLU D 299 44.20 -5.14 -24.27
CA GLU D 299 44.83 -6.25 -23.58
C GLU D 299 43.85 -7.41 -23.43
N GLN D 300 42.62 -7.10 -23.03
CA GLN D 300 41.57 -8.10 -22.86
C GLN D 300 41.18 -8.76 -24.18
N ILE D 301 41.13 -7.95 -25.25
CA ILE D 301 40.87 -8.47 -26.58
C ILE D 301 42.02 -9.38 -27.01
N LYS D 302 43.23 -8.98 -26.64
CA LYS D 302 44.42 -9.77 -26.94
C LYS D 302 44.39 -11.11 -26.21
N ASN D 303 44.15 -11.07 -24.91
CA ASN D 303 44.07 -12.29 -24.10
C ASN D 303 42.95 -13.23 -24.55
N LYS D 304 41.85 -12.64 -25.01
CA LYS D 304 40.68 -13.42 -25.44
C LYS D 304 40.93 -14.13 -26.76
N ILE D 305 41.29 -13.36 -27.79
CA ILE D 305 41.51 -13.90 -29.12
C ILE D 305 42.62 -14.95 -29.15
N ASN D 306 43.74 -14.63 -28.52
CA ASN D 306 44.90 -15.52 -28.50
C ASN D 306 44.64 -16.85 -27.80
N LYS D 307 43.87 -16.82 -26.72
CA LYS D 307 43.72 -18.00 -25.86
C LYS D 307 42.43 -18.78 -26.07
N TYR D 308 41.43 -18.17 -26.71
CA TYR D 308 40.11 -18.79 -26.79
C TYR D 308 39.58 -19.03 -28.21
N ALA D 309 40.06 -18.24 -29.17
CA ALA D 309 39.60 -18.39 -30.54
C ALA D 309 39.94 -19.78 -31.08
N PHE D 310 38.91 -20.52 -31.49
CA PHE D 310 39.09 -21.81 -32.14
C PHE D 310 40.01 -21.61 -33.33
N SER D 311 41.00 -22.49 -33.47
CA SER D 311 42.07 -22.27 -34.44
C SER D 311 41.77 -22.83 -35.82
N GLY D 312 40.93 -23.87 -35.86
CA GLY D 312 40.67 -24.57 -37.12
C GLY D 312 41.94 -25.19 -37.63
N GLY D 313 42.66 -24.45 -38.47
CA GLY D 313 43.99 -24.85 -38.88
C GLY D 313 44.97 -24.56 -37.76
N GLY D 314 45.18 -25.55 -36.90
CA GLY D 314 46.08 -25.39 -35.77
C GLY D 314 45.74 -26.31 -34.61
N THR D 315 46.72 -27.11 -34.22
CA THR D 315 47.93 -27.15 -35.01
C THR D 315 48.56 -28.54 -35.04
N THR D 316 49.19 -28.83 -36.16
CA THR D 316 50.21 -29.83 -36.34
C THR D 316 51.15 -28.93 -37.09
N ILE D 317 52.33 -28.65 -36.56
CA ILE D 317 53.11 -27.59 -37.16
C ILE D 317 53.38 -27.95 -38.59
N GLN D 318 53.80 -29.21 -38.77
CA GLN D 318 53.96 -29.79 -40.08
C GLN D 318 52.63 -30.01 -40.75
N GLU D 319 51.66 -30.53 -39.99
CA GLU D 319 50.38 -30.84 -40.58
C GLU D 319 49.75 -29.56 -41.08
N HIS D 320 49.78 -28.56 -40.23
CA HIS D 320 49.27 -27.24 -40.58
C HIS D 320 50.03 -26.63 -41.77
N ARG D 321 51.29 -27.01 -41.93
CA ARG D 321 52.11 -26.48 -43.01
C ARG D 321 51.81 -27.15 -44.36
N GLU D 322 51.15 -28.30 -44.32
CA GLU D 322 50.85 -29.03 -45.55
C GLU D 322 49.35 -29.28 -45.76
N LYS D 323 48.61 -29.48 -44.66
CA LYS D 323 47.20 -29.87 -44.75
C LYS D 323 46.22 -28.88 -45.42
N GLY D 324 46.11 -27.63 -44.94
CA GLY D 324 46.88 -27.09 -43.82
C GLY D 324 46.02 -26.38 -42.78
N GLY D 325 45.50 -25.21 -43.15
CA GLY D 325 44.65 -24.42 -42.27
C GLY D 325 43.22 -24.27 -42.76
N ASN D 326 42.27 -24.83 -42.00
CA ASN D 326 40.86 -24.76 -42.37
C ASN D 326 40.24 -23.41 -42.02
N LEU D 327 40.02 -22.58 -43.03
CA LEU D 327 39.46 -21.24 -42.83
C LEU D 327 38.03 -21.29 -42.30
N ASP D 328 37.24 -22.20 -42.85
CA ASP D 328 35.81 -22.29 -42.54
C ASP D 328 35.56 -22.55 -41.05
N LYS D 329 36.52 -23.19 -40.41
CA LYS D 329 36.42 -23.50 -38.98
C LYS D 329 37.26 -22.57 -38.12
N ASP D 330 38.06 -21.71 -38.75
CA ASP D 330 38.86 -20.74 -38.00
C ASP D 330 38.02 -19.53 -37.60
N ILE D 331 37.83 -19.36 -36.29
CA ILE D 331 37.03 -18.27 -35.76
C ILE D 331 37.77 -16.93 -35.78
N SER D 332 38.88 -16.88 -36.50
CA SER D 332 39.65 -15.66 -36.68
C SER D 332 39.45 -15.13 -38.10
N TYR D 333 39.45 -16.04 -39.06
CA TYR D 333 39.14 -15.69 -40.44
C TYR D 333 37.67 -15.29 -40.57
N GLN D 334 36.84 -15.76 -39.65
CA GLN D 334 35.41 -15.44 -39.69
C GLN D 334 35.13 -13.99 -39.29
N TYR D 335 35.74 -13.55 -38.19
CA TYR D 335 35.66 -12.14 -37.80
C TYR D 335 36.29 -11.28 -38.89
N LEU D 336 37.26 -11.87 -39.59
CA LEU D 336 37.87 -11.21 -40.75
C LEU D 336 36.85 -10.91 -41.85
N ARG D 337 36.00 -11.88 -42.17
CA ARG D 337 34.93 -11.67 -43.15
C ARG D 337 34.00 -10.58 -42.63
N TYR D 338 33.89 -10.48 -41.31
CA TYR D 338 33.06 -9.47 -40.68
C TYR D 338 33.70 -8.09 -40.64
N LEU D 339 35.01 -8.04 -40.39
CA LEU D 339 35.68 -6.78 -40.05
C LEU D 339 36.53 -6.15 -41.17
N LEU D 340 36.99 -6.97 -42.10
CA LEU D 340 37.82 -6.47 -43.20
C LEU D 340 36.98 -5.99 -44.38
N GLU D 341 36.98 -4.67 -44.62
CA GLU D 341 36.17 -4.09 -45.69
C GLU D 341 36.68 -4.49 -47.07
N ASP D 342 38.00 -4.58 -47.19
CA ASP D 342 38.65 -4.80 -48.48
C ASP D 342 38.80 -6.29 -48.79
N ASP D 343 38.31 -6.69 -49.96
CA ASP D 343 38.33 -8.09 -50.38
C ASP D 343 39.74 -8.68 -50.51
N ASN D 344 40.65 -7.90 -51.10
CA ASN D 344 41.99 -8.39 -51.42
C ASN D 344 42.79 -8.85 -50.20
N LYS D 345 42.93 -7.98 -49.20
CA LYS D 345 43.63 -8.33 -47.97
C LYS D 345 42.96 -9.54 -47.31
N LEU D 346 41.64 -9.61 -47.42
CA LEU D 346 40.88 -10.74 -46.90
C LEU D 346 41.21 -12.00 -47.70
N ASN D 347 41.26 -11.85 -49.03
CA ASN D 347 41.65 -12.96 -49.90
C ASN D 347 43.12 -13.29 -49.78
N GLU D 348 43.95 -12.27 -49.62
CA GLU D 348 45.39 -12.45 -49.43
C GLU D 348 45.67 -13.20 -48.13
N ILE D 349 45.04 -12.75 -47.06
CA ILE D 349 45.11 -13.46 -45.79
C ILE D 349 44.28 -14.74 -45.83
N GLY D 350 43.50 -14.90 -46.90
CA GLY D 350 42.65 -16.06 -47.06
C GLY D 350 43.22 -17.10 -47.99
N GLU D 351 43.72 -16.66 -49.14
CA GLU D 351 44.30 -17.56 -50.15
C GLU D 351 45.48 -18.46 -49.63
N LYS D 352 46.38 -17.87 -48.84
CA LYS D 352 47.57 -18.54 -48.36
C LYS D 352 47.61 -19.01 -46.89
N TYR D 353 46.61 -18.63 -46.09
CA TYR D 353 46.48 -19.22 -44.74
C TYR D 353 46.09 -20.68 -44.90
N LYS D 354 45.12 -20.91 -45.76
CA LYS D 354 44.65 -22.27 -46.06
C LYS D 354 45.80 -23.17 -46.51
N LYS D 355 46.74 -22.60 -47.24
CA LYS D 355 47.91 -23.33 -47.71
C LYS D 355 48.80 -23.79 -46.55
N GLY D 356 49.39 -22.83 -45.83
CA GLY D 356 50.21 -23.17 -44.68
C GLY D 356 51.25 -22.15 -44.27
N GLU D 357 51.60 -21.26 -45.19
CA GLU D 357 52.64 -20.26 -44.95
C GLU D 357 52.24 -19.25 -43.88
N MET D 358 51.07 -19.43 -43.29
CA MET D 358 50.56 -18.51 -42.28
C MET D 358 50.22 -19.26 -40.97
N LEU D 359 50.87 -18.83 -39.88
CA LEU D 359 50.66 -19.41 -38.56
C LEU D 359 49.35 -18.92 -37.96
N SER D 360 48.72 -19.76 -37.15
CA SER D 360 47.48 -19.43 -36.49
C SER D 360 47.65 -18.22 -35.59
N GLY D 361 48.85 -18.07 -35.04
CA GLY D 361 49.15 -16.93 -34.20
C GLY D 361 49.31 -15.63 -34.98
N GLU D 362 49.57 -15.77 -36.28
CA GLU D 362 49.73 -14.60 -37.14
C GLU D 362 48.39 -14.00 -37.55
N ILE D 363 47.42 -14.87 -37.81
CA ILE D 363 46.07 -14.42 -38.16
C ILE D 363 45.40 -13.78 -36.94
N LYS D 364 45.63 -14.36 -35.76
CA LYS D 364 45.08 -13.82 -34.52
C LYS D 364 45.54 -12.39 -34.28
N LYS D 365 46.83 -12.12 -34.47
CA LYS D 365 47.37 -10.79 -34.27
C LYS D 365 46.96 -9.84 -35.39
N ILE D 366 46.62 -10.40 -36.55
CA ILE D 366 46.06 -9.60 -37.63
C ILE D 366 44.69 -9.09 -37.19
N LEU D 367 43.96 -9.92 -36.47
CA LEU D 367 42.67 -9.57 -35.90
C LEU D 367 42.81 -8.57 -34.77
N ILE D 368 43.54 -8.98 -33.74
CA ILE D 368 43.76 -8.18 -32.53
C ILE D 368 44.08 -6.73 -32.85
N ASP D 369 44.75 -6.48 -33.97
CA ASP D 369 44.99 -5.12 -34.44
C ASP D 369 43.73 -4.46 -35.00
N VAL D 370 42.98 -5.18 -35.83
CA VAL D 370 41.71 -4.68 -36.37
C VAL D 370 40.69 -4.46 -35.25
N LEU D 371 40.51 -5.48 -34.41
CA LEU D 371 39.58 -5.42 -33.29
C LEU D 371 39.90 -4.28 -32.34
N THR D 372 41.17 -4.17 -31.94
CA THR D 372 41.63 -3.08 -31.09
C THR D 372 41.34 -1.74 -31.74
N GLU D 373 41.63 -1.64 -33.03
CA GLU D 373 41.41 -0.42 -33.79
C GLU D 373 39.94 -0.02 -33.76
N LEU D 374 39.08 -0.95 -34.17
CA LEU D 374 37.63 -0.71 -34.22
C LEU D 374 37.03 -0.32 -32.87
N VAL D 375 37.40 -1.04 -31.81
CA VAL D 375 36.92 -0.75 -30.46
C VAL D 375 37.40 0.61 -29.96
N LEU D 376 38.71 0.81 -29.92
CA LEU D 376 39.33 2.03 -29.42
C LEU D 376 38.70 3.30 -30.00
N LYS D 377 38.35 3.25 -31.28
CA LYS D 377 37.60 4.32 -31.93
C LYS D 377 36.20 4.41 -31.33
N HIS D 378 35.48 3.29 -31.35
CA HIS D 378 34.12 3.21 -30.83
C HIS D 378 34.02 3.72 -29.39
N GLN D 379 35.04 3.42 -28.58
CA GLN D 379 35.08 3.89 -27.21
C GLN D 379 35.29 5.41 -27.16
N GLU D 380 36.15 5.91 -28.05
CA GLU D 380 36.39 7.34 -28.14
C GLU D 380 35.12 8.07 -28.59
N LYS D 381 34.36 7.44 -29.47
CA LYS D 381 33.11 8.01 -29.95
C LYS D 381 32.09 8.07 -28.81
N LYS D 382 32.01 7.00 -28.02
CA LYS D 382 31.09 6.93 -26.89
C LYS D 382 31.32 8.06 -25.89
N LYS D 383 32.58 8.37 -25.64
CA LYS D 383 32.95 9.44 -24.71
C LYS D 383 32.68 10.81 -25.33
N SER D 384 32.81 10.91 -26.64
CA SER D 384 32.59 12.16 -27.36
C SER D 384 31.15 12.65 -27.24
N LEU D 385 30.24 11.71 -26.99
CA LEU D 385 28.80 11.99 -27.02
C LEU D 385 28.30 12.93 -25.91
N THR D 386 27.71 14.05 -26.31
CA THR D 386 27.04 14.94 -25.37
C THR D 386 25.55 14.64 -25.30
N ASP D 387 24.90 15.09 -24.24
CA ASP D 387 23.46 14.90 -24.08
C ASP D 387 22.70 15.52 -25.24
N GLU D 388 23.21 16.66 -25.74
CA GLU D 388 22.57 17.36 -26.86
C GLU D 388 22.65 16.55 -28.15
N GLU D 389 23.73 15.78 -28.30
CA GLU D 389 23.88 14.89 -29.46
C GLU D 389 22.91 13.73 -29.38
N ILE D 390 22.77 13.15 -28.19
CA ILE D 390 21.91 12.00 -27.98
C ILE D 390 20.44 12.37 -28.14
N SER D 391 20.03 13.46 -27.50
CA SER D 391 18.66 13.95 -27.59
C SER D 391 18.24 14.26 -29.02
N TYR D 392 19.20 14.64 -29.86
CA TYR D 392 18.91 14.93 -31.25
C TYR D 392 18.33 13.70 -31.94
N PHE D 393 18.91 12.53 -31.67
CA PHE D 393 18.45 11.28 -32.27
C PHE D 393 16.99 10.93 -31.95
N PHE D 394 16.45 11.52 -30.88
CA PHE D 394 15.09 11.24 -30.46
C PHE D 394 14.12 12.33 -30.94
N ASP D 395 14.58 13.16 -31.87
CA ASP D 395 13.78 14.24 -32.43
C ASP D 395 13.13 13.81 -33.75
N PRO D 396 11.80 13.67 -33.75
CA PRO D 396 11.05 13.26 -34.94
C PRO D 396 10.82 14.43 -35.89
N ASN D 397 11.26 15.61 -35.48
CA ASN D 397 10.97 16.83 -36.24
C ASN D 397 12.16 17.44 -36.97
N LYS D 398 13.22 16.65 -37.15
CA LYS D 398 14.33 17.08 -38.00
C LYS D 398 13.84 17.26 -39.42
N PRO D 399 14.14 18.41 -40.02
CA PRO D 399 13.79 18.66 -41.42
C PRO D 399 14.49 17.65 -42.33
N SER D 400 15.60 17.11 -41.85
CA SER D 400 16.37 16.11 -42.58
C SER D 400 15.60 14.80 -42.65
N LEU D 401 14.68 14.59 -41.72
CA LEU D 401 13.79 13.43 -41.74
C LEU D 401 12.51 13.77 -42.50
N GLN D 402 12.01 14.99 -42.30
CA GLN D 402 10.74 15.44 -42.85
C GLN D 402 10.73 15.59 -44.37
N LYS D 403 11.81 15.19 -45.02
CA LYS D 403 11.90 15.23 -46.47
C LYS D 403 11.06 14.12 -47.10
N PHE D 404 10.36 13.37 -46.26
CA PHE D 404 9.57 12.23 -46.72
C PHE D 404 8.15 12.31 -46.20
N TRP E . 14.53 2.82 21.57
CA TRP E . 15.57 3.83 21.67
C TRP E . 16.80 3.27 22.37
O TRP E . 17.94 3.59 22.00
CB TRP E . 15.05 5.06 22.42
CG TRP E . 13.97 5.79 21.67
CD1 TRP E . 12.64 5.81 21.95
CD2 TRP E . 14.15 6.61 20.51
NE1 TRP E . 11.97 6.60 21.04
CE2 TRP E . 12.87 7.09 20.14
CE3 TRP E . 15.26 6.98 19.74
CZ2 TRP E . 12.68 7.93 19.04
CZ3 TRP E . 15.06 7.81 18.65
CH2 TRP E . 13.79 8.27 18.31
OXT TRP E . 16.72 2.50 23.31
C1 BME F . 20.39 4.22 7.68
C2 BME F . 20.82 5.51 6.91
O1 BME F . 18.97 4.15 7.60
S2 BME F . 19.77 6.31 5.62
N TRP G . -15.25 -1.13 -20.02
CA TRP G . -16.39 -0.43 -19.45
C TRP G . -17.70 -0.80 -20.15
O TRP G . -17.70 -1.25 -21.30
CB TRP G . -16.18 1.08 -19.51
CG TRP G . -15.10 1.56 -18.58
CD1 TRP G . -13.80 1.84 -18.89
CD2 TRP G . -15.23 1.81 -17.17
NE1 TRP G . -13.13 2.25 -17.77
CE2 TRP G . -13.98 2.25 -16.70
CE3 TRP G . -16.30 1.72 -16.26
CZ2 TRP G . -13.76 2.58 -15.36
CZ3 TRP G . -16.08 2.05 -14.94
CH2 TRP G . -14.81 2.48 -14.50
OXT TRP G . -18.78 -0.67 -19.58
C1 BME H . -19.50 -6.40 -6.51
C2 BME H . -20.07 -5.84 -5.21
O1 BME H . -18.22 -6.98 -6.34
S2 BME H . -18.92 -6.10 -3.85
N TRP I . -13.43 -10.68 24.25
CA TRP I . -14.74 -10.97 24.80
C TRP I . -15.76 -11.26 23.71
O TRP I . -15.70 -10.72 22.60
CB TRP I . -15.23 -9.82 25.69
CG TRP I . -14.51 -9.73 27.00
CD1 TRP I . -13.52 -8.85 27.36
CD2 TRP I . -14.71 -10.58 28.15
NE1 TRP I . -13.11 -9.09 28.65
CE2 TRP I . -13.83 -10.14 29.15
CE3 TRP I . -15.56 -11.65 28.40
CZ2 TRP I . -13.77 -10.76 30.40
CZ3 TRP I . -15.50 -12.26 29.65
CH2 TRP I . -14.61 -11.81 30.63
OXT TRP I . -16.69 -12.05 23.90
K K J . -8.64 3.42 10.17
N TRP K . 13.21 -7.55 -29.56
CA TRP K . 14.45 -7.59 -30.31
C TRP K . 15.56 -8.29 -29.53
O TRP K . 16.51 -8.83 -30.12
CB TRP K . 14.89 -6.17 -30.70
CG TRP K . 14.01 -5.55 -31.75
CD1 TRP K . 12.92 -4.74 -31.54
CD2 TRP K . 14.14 -5.69 -33.17
NE1 TRP K . 12.37 -4.37 -32.75
CE2 TRP K . 13.10 -4.94 -33.77
CE3 TRP K . 15.04 -6.36 -34.00
CZ2 TRP K . 12.94 -4.85 -35.16
CZ3 TRP K . 14.88 -6.27 -35.37
CH2 TRP K . 13.84 -5.52 -35.94
OXT TRP K . 15.56 -8.34 -28.30
C1 BME L . 13.75 -17.41 -41.42
C2 BME L . 14.92 -16.94 -42.27
O1 BME L . 14.21 -17.90 -40.17
S2 BME L . 14.08 -16.68 -43.85
K K M . 8.32 -3.05 -10.84
#